data_8ZU6
#
_entry.id   8ZU6
#
_entity_poly.entity_id   1
_entity_poly.type   'polypeptide(L)'
_entity_poly.pdbx_seq_one_letter_code
;MAHHHHHHSAALEVLFQGPGYQDPDYIQLLSEIAKEQGFNITYLDIDELSANGQYQCLAELSTSPITVCHGSGISCGNAQ
SDAAHNALQYLKII
;
_entity_poly.pdbx_strand_id   A,B
#
# COMPACT_ATOMS: atom_id res chain seq x y z
N ASP A 25 -8.51 12.60 -12.46
CA ASP A 25 -9.57 11.65 -11.99
C ASP A 25 -9.03 10.21 -12.09
N TYR A 26 -8.16 9.85 -11.15
CA TYR A 26 -7.57 8.51 -11.11
C TYR A 26 -8.63 7.44 -10.83
N ILE A 27 -9.52 7.72 -9.88
CA ILE A 27 -10.58 6.78 -9.51
C ILE A 27 -11.52 6.52 -10.68
N GLN A 28 -11.91 7.59 -11.39
CA GLN A 28 -12.81 7.47 -12.53
C GLN A 28 -12.20 6.57 -13.61
N LEU A 29 -10.91 6.74 -13.86
CA LEU A 29 -10.20 5.95 -14.87
C LEU A 29 -10.19 4.47 -14.47
N LEU A 30 -9.96 4.20 -13.19
CA LEU A 30 -9.93 2.83 -12.67
C LEU A 30 -11.29 2.16 -12.85
N SER A 31 -12.36 2.91 -12.63
CA SER A 31 -13.72 2.38 -12.74
C SER A 31 -13.99 1.86 -14.15
N GLU A 32 -13.52 2.59 -15.17
CA GLU A 32 -13.73 2.21 -16.57
C GLU A 32 -12.97 0.93 -16.94
N ILE A 33 -11.70 0.85 -16.53
CA ILE A 33 -10.88 -0.33 -16.83
C ILE A 33 -11.33 -1.54 -16.02
N ALA A 34 -11.74 -1.30 -14.77
CA ALA A 34 -12.20 -2.38 -13.89
C ALA A 34 -13.44 -3.08 -14.48
N LYS A 35 -14.38 -2.29 -14.97
CA LYS A 35 -15.61 -2.83 -15.56
C LYS A 35 -15.33 -3.57 -16.86
N GLU A 36 -14.35 -3.08 -17.63
CA GLU A 36 -13.98 -3.70 -18.90
C GLU A 36 -13.45 -5.12 -18.69
N GLN A 37 -12.76 -5.34 -17.56
CA GLN A 37 -12.19 -6.67 -17.25
C GLN A 37 -13.09 -7.46 -16.28
N GLY A 38 -14.11 -6.81 -15.71
CA GLY A 38 -15.03 -7.46 -14.78
C GLY A 38 -14.43 -7.56 -13.36
N PHE A 39 -13.41 -6.74 -13.08
CA PHE A 39 -12.76 -6.74 -11.76
C PHE A 39 -13.37 -5.66 -10.87
N ASN A 40 -13.52 -5.97 -9.58
CA ASN A 40 -14.09 -5.01 -8.62
C ASN A 40 -13.22 -4.94 -7.36
N ILE A 41 -13.09 -3.73 -6.81
CA ILE A 41 -12.29 -3.50 -5.61
C ILE A 41 -13.14 -2.82 -4.53
N THR A 42 -13.11 -3.35 -3.31
CA THR A 42 -13.87 -2.79 -2.21
C THR A 42 -12.98 -1.86 -1.38
N TYR A 43 -13.26 -0.54 -1.41
CA TYR A 43 -12.45 0.42 -0.66
C TYR A 43 -13.06 0.69 0.72
N LEU A 44 -12.20 0.65 1.74
CA LEU A 44 -12.62 0.89 3.13
C LEU A 44 -11.72 1.93 3.78
N ASP A 45 -12.13 3.19 3.71
CA ASP A 45 -11.34 4.29 4.30
C ASP A 45 -11.70 4.46 5.78
N ILE A 46 -10.67 4.44 6.63
CA ILE A 46 -10.86 4.59 8.07
C ILE A 46 -11.13 6.06 8.44
N ASP A 47 -12.30 6.31 9.05
CA ASP A 47 -12.69 7.66 9.45
C ASP A 47 -11.76 8.21 10.56
N GLU A 48 -11.04 7.32 11.25
CA GLU A 48 -10.13 7.71 12.31
C GLU A 48 -9.14 8.77 11.81
N LEU A 49 -8.24 9.20 12.69
CA LEU A 49 -7.24 10.22 12.34
C LEU A 49 -7.93 11.50 11.86
N SER A 50 -7.13 12.51 11.53
CA SER A 50 -7.66 13.79 11.06
C SER A 50 -6.78 14.38 9.95
N ALA A 51 -7.32 15.36 9.23
CA ALA A 51 -6.59 16.02 8.15
C ALA A 51 -5.24 16.56 8.63
N ASN A 52 -5.11 16.79 9.94
CA ASN A 52 -3.87 17.31 10.52
C ASN A 52 -2.67 16.47 10.08
N GLY A 53 -2.76 15.14 10.26
CA GLY A 53 -1.69 14.23 9.88
C GLY A 53 -1.85 13.77 8.43
N GLN A 54 -2.66 12.73 8.22
CA GLN A 54 -2.88 12.19 6.88
C GLN A 54 -3.94 11.08 6.89
N TYR A 55 -4.80 11.06 5.86
CA TYR A 55 -5.85 10.07 5.74
C TYR A 55 -5.25 8.72 5.29
N GLN A 56 -6.06 7.66 5.41
CA GLN A 56 -5.63 6.31 5.01
C GLN A 56 -6.78 5.58 4.32
N CYS A 57 -6.45 4.66 3.40
CA CYS A 57 -7.47 3.89 2.68
C CYS A 57 -7.03 2.43 2.49
N LEU A 58 -7.94 1.50 2.77
CA LEU A 58 -7.66 0.07 2.62
C LEU A 58 -8.43 -0.52 1.45
N ALA A 59 -7.71 -1.05 0.45
CA ALA A 59 -8.35 -1.65 -0.73
C ALA A 59 -8.27 -3.18 -0.67
N GLU A 60 -9.43 -3.83 -0.62
CA GLU A 60 -9.50 -5.30 -0.55
C GLU A 60 -10.19 -5.89 -1.79
N LEU A 61 -9.53 -6.86 -2.45
CA LEU A 61 -10.09 -7.49 -3.65
C LEU A 61 -11.04 -8.65 -3.27
N SER A 62 -12.29 -8.61 -3.76
CA SER A 62 -13.27 -9.67 -3.44
C SER A 62 -13.35 -10.76 -4.52
N THR A 63 -13.31 -10.37 -5.81
CA THR A 63 -13.34 -11.34 -6.92
C THR A 63 -11.95 -12.01 -7.05
N SER A 64 -10.94 -11.22 -6.76
CA SER A 64 -9.55 -11.63 -6.76
C SER A 64 -9.22 -12.23 -5.39
N PRO A 65 -8.08 -12.91 -5.23
CA PRO A 65 -7.73 -13.55 -3.92
C PRO A 65 -7.56 -12.43 -2.89
N ILE A 66 -7.61 -12.77 -1.59
CA ILE A 66 -7.63 -11.74 -0.56
C ILE A 66 -6.28 -11.06 -0.39
N THR A 67 -6.30 -9.78 -0.74
CA THR A 67 -5.14 -8.91 -0.68
C THR A 67 -5.60 -7.51 -0.28
N VAL A 68 -4.91 -6.93 0.70
CA VAL A 68 -5.26 -5.59 1.18
C VAL A 68 -4.15 -4.60 0.78
N CYS A 69 -4.54 -3.51 0.11
CA CYS A 69 -3.57 -2.50 -0.32
C CYS A 69 -3.68 -1.24 0.55
N HIS A 70 -2.55 -0.80 1.10
CA HIS A 70 -2.53 0.39 1.95
C HIS A 70 -2.18 1.64 1.14
N GLY A 71 -3.05 2.67 1.22
CA GLY A 71 -2.84 3.94 0.52
C GLY A 71 -2.93 5.10 1.52
N SER A 72 -2.48 6.29 1.12
CA SER A 72 -2.52 7.46 2.02
C SER A 72 -2.40 8.78 1.26
N GLY A 73 -2.95 9.85 1.85
CA GLY A 73 -2.90 11.17 1.25
C GLY A 73 -2.85 12.26 2.34
N ILE A 74 -2.60 13.50 1.92
CA ILE A 74 -2.53 14.63 2.86
C ILE A 74 -3.93 15.17 3.20
N SER A 75 -4.88 15.03 2.28
CA SER A 75 -6.25 15.51 2.49
C SER A 75 -7.26 14.54 1.88
N CYS A 76 -8.51 14.59 2.36
CA CYS A 76 -9.55 13.71 1.86
C CYS A 76 -9.68 13.83 0.33
N GLY A 77 -9.24 12.79 -0.37
CA GLY A 77 -9.29 12.78 -1.83
C GLY A 77 -7.93 12.33 -2.40
N ASN A 78 -6.85 12.81 -1.79
CA ASN A 78 -5.50 12.47 -2.23
C ASN A 78 -5.21 11.00 -1.93
N ALA A 79 -5.58 10.55 -0.73
CA ALA A 79 -5.36 9.16 -0.33
C ALA A 79 -6.12 8.21 -1.25
N GLN A 80 -7.34 8.59 -1.62
CA GLN A 80 -8.17 7.79 -2.52
C GLN A 80 -7.48 7.65 -3.88
N SER A 81 -6.83 8.74 -4.31
CA SER A 81 -6.13 8.76 -5.60
C SER A 81 -4.92 7.82 -5.58
N ASP A 82 -4.16 7.87 -4.49
CA ASP A 82 -2.97 7.01 -4.36
C ASP A 82 -3.39 5.55 -4.22
N ALA A 83 -4.38 5.30 -3.37
CA ALA A 83 -4.89 3.96 -3.15
C ALA A 83 -5.41 3.35 -4.45
N ALA A 84 -6.17 4.15 -5.22
CA ALA A 84 -6.72 3.69 -6.50
C ALA A 84 -5.61 3.50 -7.53
N HIS A 85 -4.68 4.46 -7.57
CA HIS A 85 -3.57 4.42 -8.53
C HIS A 85 -2.64 3.23 -8.26
N ASN A 86 -2.49 2.84 -6.99
CA ASN A 86 -1.63 1.71 -6.62
C ASN A 86 -2.12 0.41 -7.27
N ALA A 87 -3.43 0.27 -7.46
CA ALA A 87 -4.00 -0.95 -8.05
C ALA A 87 -3.40 -1.22 -9.43
N LEU A 88 -3.32 -0.16 -10.25
CA LEU A 88 -2.74 -0.28 -11.59
C LEU A 88 -1.24 -0.59 -11.51
N GLN A 89 -0.58 -0.03 -10.49
CA GLN A 89 0.86 -0.21 -10.29
C GLN A 89 1.19 -1.65 -9.87
N TYR A 90 0.31 -2.27 -9.08
CA TYR A 90 0.55 -3.64 -8.62
C TYR A 90 0.56 -4.61 -9.79
N LEU A 91 -0.16 -4.28 -10.86
CA LEU A 91 -0.22 -5.13 -12.04
C LEU A 91 1.13 -5.13 -12.77
N LYS A 92 1.78 -3.96 -12.81
CA LYS A 92 3.06 -3.80 -13.48
C LYS A 92 4.17 -4.56 -12.74
N ILE A 93 4.20 -4.43 -11.41
CA ILE A 93 5.24 -5.08 -10.61
C ILE A 93 5.07 -6.61 -10.59
N ILE A 94 3.83 -7.09 -10.37
CA ILE A 94 3.56 -8.53 -10.33
C ILE A 94 3.68 -9.16 -11.73
N ASP B 25 16.36 1.50 12.19
CA ASP B 25 15.18 1.85 11.34
C ASP B 25 14.02 0.91 11.67
N TYR B 26 12.83 1.26 11.18
CA TYR B 26 11.63 0.44 11.41
C TYR B 26 11.80 -0.95 10.79
N ILE B 27 12.47 -1.02 9.64
CA ILE B 27 12.71 -2.29 8.96
C ILE B 27 13.45 -3.24 9.89
N GLN B 28 14.37 -2.70 10.69
CA GLN B 28 15.16 -3.50 11.63
C GLN B 28 14.25 -4.13 12.68
N LEU B 29 13.21 -3.39 13.11
CA LEU B 29 12.27 -3.89 14.11
C LEU B 29 11.51 -5.10 13.58
N LEU B 30 10.96 -4.96 12.37
CA LEU B 30 10.21 -6.04 11.73
C LEU B 30 11.10 -7.25 11.46
N SER B 31 12.33 -7.00 11.02
CA SER B 31 13.28 -8.08 10.72
C SER B 31 13.54 -8.95 11.96
N GLU B 32 13.66 -8.30 13.12
CA GLU B 32 13.92 -9.04 14.37
C GLU B 32 12.75 -9.94 14.72
N ILE B 33 11.53 -9.43 14.54
CA ILE B 33 10.32 -10.19 14.82
C ILE B 33 10.13 -11.29 13.76
N ALA B 34 10.52 -10.97 12.52
CA ALA B 34 10.39 -11.91 11.41
C ALA B 34 11.14 -13.22 11.66
N LYS B 35 12.39 -13.13 12.17
CA LYS B 35 13.18 -14.33 12.43
C LYS B 35 12.57 -15.16 13.57
N GLU B 36 12.00 -14.47 14.57
CA GLU B 36 11.38 -15.16 15.71
C GLU B 36 10.06 -15.82 15.33
N GLN B 37 9.27 -15.14 14.50
CA GLN B 37 7.96 -15.65 14.08
C GLN B 37 8.05 -16.45 12.77
N GLY B 38 9.19 -16.39 12.08
CA GLY B 38 9.37 -17.12 10.82
C GLY B 38 8.61 -16.45 9.67
N PHE B 39 8.62 -15.11 9.67
CA PHE B 39 7.93 -14.33 8.63
C PHE B 39 8.94 -13.86 7.58
N ASN B 40 8.44 -13.39 6.43
CA ASN B 40 9.32 -12.90 5.36
C ASN B 40 8.69 -11.69 4.69
N ILE B 41 9.50 -10.63 4.52
CA ILE B 41 9.03 -9.39 3.89
C ILE B 41 9.79 -9.11 2.59
N THR B 42 9.04 -8.75 1.54
CA THR B 42 9.66 -8.48 0.24
C THR B 42 9.53 -6.98 -0.12
N TYR B 43 10.62 -6.22 0.01
CA TYR B 43 10.61 -4.79 -0.33
C TYR B 43 11.16 -4.55 -1.73
N LEU B 44 10.43 -3.79 -2.54
CA LEU B 44 10.86 -3.48 -3.90
C LEU B 44 10.52 -2.03 -4.26
N ASP B 45 11.46 -1.35 -4.91
CA ASP B 45 11.28 0.05 -5.30
C ASP B 45 10.83 0.15 -6.75
N ILE B 46 9.76 0.93 -6.97
CA ILE B 46 9.21 1.13 -8.32
C ILE B 46 8.69 -0.20 -8.89
N ASP B 47 7.61 -0.12 -9.67
CA ASP B 47 7.02 -1.32 -10.27
C ASP B 47 7.94 -1.90 -11.34
N GLU B 48 8.51 -1.02 -12.18
CA GLU B 48 9.41 -1.46 -13.25
C GLU B 48 10.07 -0.25 -13.95
N LEU B 49 9.34 0.87 -13.98
CA LEU B 49 9.84 2.10 -14.64
C LEU B 49 10.63 2.97 -13.64
N SER B 50 11.82 2.50 -13.25
CA SER B 50 12.68 3.22 -12.32
C SER B 50 13.38 4.41 -13.01
N ALA B 51 13.48 4.37 -14.35
CA ALA B 51 14.12 5.44 -15.10
C ALA B 51 13.45 6.79 -14.82
N ASN B 52 12.12 6.78 -14.72
CA ASN B 52 11.37 8.02 -14.47
C ASN B 52 11.25 8.32 -12.96
N GLY B 53 11.70 7.39 -12.10
CA GLY B 53 11.65 7.59 -10.65
C GLY B 53 10.23 7.95 -10.19
N GLN B 54 9.50 6.94 -9.69
CA GLN B 54 8.12 7.15 -9.22
C GLN B 54 8.11 7.73 -7.78
N TYR B 55 9.26 7.68 -7.09
CA TYR B 55 9.38 8.20 -5.72
C TYR B 55 8.43 7.44 -4.77
N GLN B 56 8.30 6.12 -4.99
CA GLN B 56 7.44 5.28 -4.15
C GLN B 56 8.05 3.89 -3.97
N CYS B 57 7.68 3.22 -2.89
CA CYS B 57 8.19 1.86 -2.60
C CYS B 57 7.02 0.90 -2.32
N LEU B 58 7.23 -0.40 -2.58
CA LEU B 58 6.17 -1.39 -2.35
C LEU B 58 6.70 -2.61 -1.59
N ALA B 59 5.99 -3.01 -0.53
CA ALA B 59 6.37 -4.17 0.29
C ALA B 59 5.29 -5.26 0.20
N GLU B 60 5.71 -6.53 0.11
CA GLU B 60 4.77 -7.64 0.00
C GLU B 60 4.98 -8.69 1.10
N LEU B 61 3.92 -9.00 1.84
CA LEU B 61 3.98 -10.00 2.92
C LEU B 61 3.88 -11.42 2.33
N SER B 62 4.96 -12.21 2.46
CA SER B 62 5.01 -13.57 1.91
C SER B 62 4.33 -14.64 2.79
N THR B 63 4.43 -14.51 4.12
CA THR B 63 3.88 -15.52 5.05
C THR B 63 2.34 -15.45 5.16
N SER B 64 1.81 -14.24 5.27
CA SER B 64 0.36 -14.05 5.39
C SER B 64 -0.23 -13.90 3.97
N PRO B 65 -1.54 -13.59 3.80
CA PRO B 65 -2.10 -13.40 2.43
C PRO B 65 -1.30 -12.29 1.75
N ILE B 66 -1.28 -12.28 0.42
CA ILE B 66 -0.47 -11.26 -0.26
C ILE B 66 -1.06 -9.88 0.00
N THR B 67 -0.30 -9.08 0.75
CA THR B 67 -0.69 -7.73 1.11
C THR B 67 0.37 -6.76 0.62
N VAL B 68 -0.07 -5.69 -0.05
CA VAL B 68 0.86 -4.70 -0.59
C VAL B 68 0.71 -3.35 0.10
N CYS B 69 1.80 -2.89 0.72
CA CYS B 69 1.80 -1.59 1.41
C CYS B 69 2.66 -0.60 0.63
N HIS B 70 2.21 0.66 0.51
CA HIS B 70 2.95 1.66 -0.26
C HIS B 70 3.86 2.55 0.63
N GLY B 71 5.05 2.87 0.12
CA GLY B 71 6.01 3.73 0.82
C GLY B 71 6.06 5.08 0.11
N SER B 72 6.34 6.16 0.84
CA SER B 72 6.37 7.49 0.24
C SER B 72 7.72 7.83 -0.38
N GLY B 73 8.81 7.44 0.27
CA GLY B 73 10.15 7.71 -0.23
C GLY B 73 10.42 9.22 -0.32
N ILE B 74 9.87 9.99 0.62
CA ILE B 74 10.06 11.44 0.64
C ILE B 74 11.49 11.81 1.09
N SER B 75 12.13 10.90 1.85
CA SER B 75 13.50 11.13 2.33
C SER B 75 14.42 10.00 1.84
N CYS B 76 15.67 9.98 2.33
CA CYS B 76 16.65 8.96 1.93
C CYS B 76 16.04 7.55 1.95
N GLY B 77 15.37 7.20 3.05
CA GLY B 77 14.76 5.88 3.19
C GLY B 77 13.41 5.96 3.92
N ASN B 78 12.67 7.04 3.68
CA ASN B 78 11.37 7.24 4.32
C ASN B 78 10.34 6.20 3.84
N ALA B 79 10.45 5.80 2.57
CA ALA B 79 9.53 4.83 1.98
C ALA B 79 9.50 3.53 2.79
N GLN B 80 10.68 3.02 3.11
CA GLN B 80 10.79 1.78 3.89
C GLN B 80 10.15 1.95 5.26
N SER B 81 10.38 3.12 5.87
CA SER B 81 9.84 3.41 7.21
C SER B 81 8.31 3.57 7.17
N ASP B 82 7.78 4.20 6.12
CA ASP B 82 6.35 4.41 6.00
C ASP B 82 5.61 3.08 5.83
N ALA B 83 6.20 2.17 5.04
CA ALA B 83 5.60 0.87 4.81
C ALA B 83 5.59 0.03 6.08
N ALA B 84 6.72 0.03 6.80
CA ALA B 84 6.83 -0.73 8.05
C ALA B 84 5.96 -0.11 9.14
N HIS B 85 5.92 1.23 9.18
CA HIS B 85 5.13 1.96 10.16
C HIS B 85 3.64 1.74 9.90
N ASN B 86 3.25 1.71 8.62
CA ASN B 86 1.85 1.51 8.26
C ASN B 86 1.38 0.11 8.67
N ALA B 87 2.24 -0.89 8.46
CA ALA B 87 1.91 -2.26 8.83
C ALA B 87 1.78 -2.41 10.34
N LEU B 88 2.75 -1.88 11.07
CA LEU B 88 2.73 -1.95 12.54
C LEU B 88 1.54 -1.16 13.08
N GLN B 89 1.27 -0.01 12.49
CA GLN B 89 0.16 0.84 12.92
C GLN B 89 -1.18 0.16 12.62
N TYR B 90 -1.27 -0.47 11.44
CA TYR B 90 -2.49 -1.16 11.04
C TYR B 90 -2.80 -2.32 11.98
N LEU B 91 -1.76 -3.07 12.37
CA LEU B 91 -1.93 -4.21 13.28
C LEU B 91 -2.46 -3.73 14.64
N LYS B 92 -1.94 -2.58 15.10
CA LYS B 92 -2.33 -2.00 16.38
C LYS B 92 -3.80 -1.56 16.38
N ILE B 93 -4.25 -0.95 15.28
CA ILE B 93 -5.63 -0.48 15.17
C ILE B 93 -6.61 -1.66 15.21
N ILE B 94 -6.30 -2.72 14.44
CA ILE B 94 -7.17 -3.90 14.40
C ILE B 94 -7.12 -4.65 15.76
N ASP A 25 -8.89 12.04 -12.61
CA ASP A 25 -9.32 11.14 -11.49
C ASP A 25 -8.93 9.70 -11.82
N TYR A 26 -7.91 9.19 -11.12
CA TYR A 26 -7.44 7.83 -11.32
C TYR A 26 -8.51 6.80 -10.94
N ILE A 27 -9.31 7.13 -9.91
CA ILE A 27 -10.36 6.24 -9.44
C ILE A 27 -11.36 5.97 -10.56
N GLN A 28 -11.77 7.04 -11.26
CA GLN A 28 -12.73 6.91 -12.36
C GLN A 28 -12.16 6.01 -13.45
N LEU A 29 -10.87 6.18 -13.76
CA LEU A 29 -10.21 5.37 -14.78
C LEU A 29 -10.13 3.90 -14.34
N LEU A 30 -9.86 3.68 -13.06
CA LEU A 30 -9.75 2.33 -12.51
C LEU A 30 -11.08 1.58 -12.63
N SER A 31 -12.18 2.30 -12.42
CA SER A 31 -13.52 1.70 -12.50
C SER A 31 -13.76 1.10 -13.88
N GLU A 32 -13.33 1.80 -14.94
CA GLU A 32 -13.52 1.32 -16.30
C GLU A 32 -12.72 0.04 -16.55
N ILE A 33 -11.48 0.01 -16.05
CA ILE A 33 -10.61 -1.15 -16.22
C ILE A 33 -11.14 -2.34 -15.43
N ALA A 34 -11.61 -2.07 -14.20
CA ALA A 34 -12.14 -3.12 -13.33
C ALA A 34 -13.28 -3.86 -14.03
N LYS A 35 -14.19 -3.10 -14.66
CA LYS A 35 -15.34 -3.70 -15.35
C LYS A 35 -14.86 -4.52 -16.55
N GLU A 36 -13.81 -4.06 -17.22
CA GLU A 36 -13.27 -4.74 -18.39
C GLU A 36 -12.90 -6.19 -18.04
N GLN A 37 -12.31 -6.38 -16.86
CA GLN A 37 -11.92 -7.71 -16.40
C GLN A 37 -13.01 -8.37 -15.55
N GLY A 38 -13.99 -7.59 -15.10
CA GLY A 38 -15.09 -8.10 -14.28
C GLY A 38 -14.70 -8.23 -12.81
N PHE A 39 -13.76 -7.39 -12.35
CA PHE A 39 -13.31 -7.42 -10.96
C PHE A 39 -13.91 -6.25 -10.18
N ASN A 40 -14.19 -6.49 -8.89
CA ASN A 40 -14.78 -5.46 -8.03
C ASN A 40 -13.86 -5.21 -6.82
N ILE A 41 -13.47 -3.94 -6.63
CA ILE A 41 -12.60 -3.58 -5.51
C ILE A 41 -13.41 -2.82 -4.45
N THR A 42 -13.29 -3.24 -3.19
CA THR A 42 -14.01 -2.61 -2.10
C THR A 42 -13.10 -1.65 -1.34
N TYR A 43 -13.36 -0.34 -1.45
CA TYR A 43 -12.56 0.66 -0.75
C TYR A 43 -13.07 0.88 0.66
N LEU A 44 -12.15 0.93 1.63
CA LEU A 44 -12.52 1.14 3.02
C LEU A 44 -11.77 2.35 3.61
N ASP A 45 -12.46 3.49 3.69
CA ASP A 45 -11.87 4.71 4.23
C ASP A 45 -11.88 4.69 5.75
N ILE A 46 -10.68 4.74 6.35
CA ILE A 46 -10.55 4.73 7.82
C ILE A 46 -10.78 6.14 8.37
N ASP A 47 -11.83 6.29 9.18
CA ASP A 47 -12.16 7.59 9.77
C ASP A 47 -11.20 7.91 10.93
N GLU A 48 -10.94 6.92 11.78
CA GLU A 48 -10.04 7.10 12.92
C GLU A 48 -8.69 7.68 12.46
N LEU A 49 -8.33 8.84 12.99
CA LEU A 49 -7.08 9.49 12.63
C LEU A 49 -6.76 10.64 13.60
N SER A 50 -5.68 11.39 13.31
CA SER A 50 -5.27 12.50 14.17
C SER A 50 -5.32 13.82 13.39
N ALA A 51 -5.03 14.93 14.08
CA ALA A 51 -5.05 16.25 13.46
C ALA A 51 -4.07 16.31 12.29
N ASN A 52 -2.90 15.67 12.46
CA ASN A 52 -1.88 15.65 11.41
C ASN A 52 -1.93 14.29 10.66
N GLY A 53 -1.21 13.28 11.18
CA GLY A 53 -1.17 11.94 10.58
C GLY A 53 -1.20 11.99 9.04
N GLN A 54 -2.26 11.42 8.46
CA GLN A 54 -2.46 11.39 7.01
C GLN A 54 -3.62 10.45 6.67
N TYR A 55 -4.48 10.87 5.74
CA TYR A 55 -5.62 10.05 5.34
C TYR A 55 -5.13 8.72 4.76
N GLN A 56 -5.91 7.66 4.97
CA GLN A 56 -5.53 6.33 4.47
C GLN A 56 -6.74 5.61 3.85
N CYS A 57 -6.47 4.64 2.98
CA CYS A 57 -7.53 3.88 2.32
C CYS A 57 -7.14 2.40 2.20
N LEU A 58 -8.09 1.52 2.48
CA LEU A 58 -7.84 0.08 2.39
C LEU A 58 -8.62 -0.52 1.22
N ALA A 59 -7.90 -0.99 0.21
CA ALA A 59 -8.54 -1.59 -0.97
C ALA A 59 -8.58 -3.12 -0.85
N GLU A 60 -9.76 -3.66 -0.52
CA GLU A 60 -9.91 -5.11 -0.36
C GLU A 60 -10.68 -5.71 -1.54
N LEU A 61 -10.12 -6.76 -2.15
CA LEU A 61 -10.77 -7.42 -3.29
C LEU A 61 -11.71 -8.54 -2.83
N SER A 62 -12.98 -8.48 -3.27
CA SER A 62 -13.98 -9.48 -2.87
C SER A 62 -14.11 -10.62 -3.90
N THR A 63 -14.08 -10.28 -5.20
CA THR A 63 -14.17 -11.30 -6.27
C THR A 63 -12.79 -11.89 -6.57
N SER A 64 -11.77 -11.06 -6.37
CA SER A 64 -10.38 -11.41 -6.55
C SER A 64 -9.85 -12.06 -5.27
N PRO A 65 -8.68 -12.68 -5.29
CA PRO A 65 -8.12 -13.37 -4.09
C PRO A 65 -7.87 -12.31 -3.03
N ILE A 66 -7.70 -12.73 -1.76
CA ILE A 66 -7.63 -11.76 -0.68
C ILE A 66 -6.31 -11.02 -0.72
N THR A 67 -6.44 -9.73 -1.00
CA THR A 67 -5.34 -8.81 -1.11
C THR A 67 -5.82 -7.42 -0.67
N VAL A 68 -5.03 -6.78 0.21
CA VAL A 68 -5.38 -5.45 0.72
C VAL A 68 -4.28 -4.45 0.34
N CYS A 69 -4.69 -3.31 -0.23
CA CYS A 69 -3.75 -2.28 -0.65
C CYS A 69 -3.83 -1.08 0.30
N HIS A 70 -2.67 -0.62 0.78
CA HIS A 70 -2.62 0.52 1.69
C HIS A 70 -2.23 1.79 0.93
N GLY A 71 -3.14 2.78 0.90
CA GLY A 71 -2.89 4.04 0.23
C GLY A 71 -2.94 5.19 1.25
N SER A 72 -2.27 6.29 0.94
CA SER A 72 -2.23 7.45 1.84
C SER A 72 -2.33 8.75 1.04
N GLY A 73 -2.88 9.79 1.68
CA GLY A 73 -3.03 11.09 1.04
C GLY A 73 -2.68 12.22 1.99
N ILE A 74 -2.38 13.40 1.44
CA ILE A 74 -2.03 14.57 2.25
C ILE A 74 -3.29 15.26 2.78
N SER A 75 -4.40 15.15 2.02
CA SER A 75 -5.66 15.77 2.40
C SER A 75 -6.82 14.80 2.13
N CYS A 76 -8.01 15.17 2.59
CA CYS A 76 -9.19 14.33 2.39
C CYS A 76 -9.47 14.12 0.91
N GLY A 77 -9.40 12.87 0.46
CA GLY A 77 -9.66 12.53 -0.95
C GLY A 77 -8.37 12.16 -1.70
N ASN A 78 -7.23 12.70 -1.26
CA ASN A 78 -5.95 12.42 -1.90
C ASN A 78 -5.55 10.95 -1.72
N ALA A 79 -5.87 10.37 -0.56
CA ALA A 79 -5.53 8.98 -0.27
C ALA A 79 -6.19 8.03 -1.25
N GLN A 80 -7.43 8.35 -1.64
CA GLN A 80 -8.17 7.51 -2.59
C GLN A 80 -7.42 7.45 -3.93
N SER A 81 -6.82 8.58 -4.32
CA SER A 81 -6.08 8.65 -5.57
C SER A 81 -4.82 7.79 -5.52
N ASP A 82 -4.13 7.83 -4.37
CA ASP A 82 -2.90 7.05 -4.19
C ASP A 82 -3.20 5.55 -4.22
N ALA A 83 -4.27 5.14 -3.55
CA ALA A 83 -4.67 3.73 -3.52
C ALA A 83 -5.05 3.24 -4.90
N ALA A 84 -5.81 4.06 -5.64
CA ALA A 84 -6.25 3.70 -6.98
C ALA A 84 -5.06 3.68 -7.94
N HIS A 85 -4.16 4.65 -7.79
CA HIS A 85 -2.97 4.74 -8.65
C HIS A 85 -2.03 3.57 -8.35
N ASN A 86 -1.91 3.21 -7.07
CA ASN A 86 -1.03 2.11 -6.66
C ASN A 86 -1.48 0.79 -7.30
N ALA A 87 -2.80 0.60 -7.39
CA ALA A 87 -3.36 -0.62 -7.98
C ALA A 87 -2.91 -0.78 -9.43
N LEU A 88 -2.95 0.31 -10.20
CA LEU A 88 -2.55 0.29 -11.60
C LEU A 88 -1.08 -0.08 -11.73
N GLN A 89 -0.24 0.52 -10.89
CA GLN A 89 1.19 0.26 -10.90
C GLN A 89 1.51 -1.13 -10.35
N TYR A 90 0.66 -1.60 -9.43
CA TYR A 90 0.84 -2.92 -8.83
C TYR A 90 0.70 -4.02 -9.90
N LEU A 91 -0.08 -3.75 -10.94
CA LEU A 91 -0.28 -4.72 -12.01
C LEU A 91 0.99 -4.89 -12.84
N LYS A 92 1.73 -3.78 -13.02
CA LYS A 92 2.95 -3.79 -13.80
C LYS A 92 4.08 -4.58 -13.12
N ILE A 93 4.34 -4.27 -11.84
CA ILE A 93 5.41 -4.93 -11.11
C ILE A 93 5.21 -6.46 -11.06
N ILE A 94 3.98 -6.90 -10.79
CA ILE A 94 3.67 -8.34 -10.73
C ILE A 94 4.05 -9.00 -12.06
N ASP B 25 15.04 3.08 13.28
CA ASP B 25 15.11 1.91 12.36
C ASP B 25 13.91 0.98 12.61
N TYR B 26 12.76 1.35 12.05
CA TYR B 26 11.54 0.55 12.20
C TYR B 26 11.66 -0.78 11.47
N ILE B 27 12.37 -0.78 10.34
CA ILE B 27 12.55 -1.99 9.55
C ILE B 27 13.19 -3.10 10.41
N GLN B 28 14.11 -2.72 11.29
CA GLN B 28 14.79 -3.68 12.15
C GLN B 28 13.81 -4.31 13.13
N LEU B 29 12.96 -3.49 13.74
CA LEU B 29 11.98 -3.98 14.70
C LEU B 29 11.04 -4.98 14.03
N LEU B 30 10.55 -4.62 12.84
CA LEU B 30 9.65 -5.48 12.09
C LEU B 30 10.37 -6.73 11.59
N SER B 31 11.63 -6.58 11.19
CA SER B 31 12.43 -7.70 10.70
C SER B 31 12.63 -8.73 11.81
N GLU B 32 12.93 -8.26 13.03
CA GLU B 32 13.15 -9.16 14.16
C GLU B 32 11.89 -9.96 14.47
N ILE B 33 10.76 -9.26 14.51
CA ILE B 33 9.46 -9.89 14.81
C ILE B 33 9.11 -10.88 13.68
N ALA B 34 9.47 -10.53 12.45
CA ALA B 34 9.18 -11.37 11.29
C ALA B 34 9.79 -12.77 11.45
N LYS B 35 11.07 -12.81 11.85
CA LYS B 35 11.76 -14.09 12.04
C LYS B 35 11.13 -14.91 13.16
N GLU B 36 10.68 -14.22 14.22
CA GLU B 36 10.05 -14.89 15.36
C GLU B 36 8.76 -15.60 14.92
N GLN B 37 7.94 -14.91 14.13
CA GLN B 37 6.68 -15.48 13.65
C GLN B 37 6.87 -16.27 12.34
N GLY B 38 8.04 -16.14 11.71
CA GLY B 38 8.32 -16.85 10.45
C GLY B 38 7.78 -16.09 9.23
N PHE B 39 7.51 -14.78 9.39
CA PHE B 39 7.01 -13.97 8.29
C PHE B 39 8.17 -13.38 7.50
N ASN B 40 7.91 -12.94 6.26
CA ASN B 40 8.96 -12.37 5.43
C ASN B 40 8.43 -11.14 4.68
N ILE B 41 9.19 -10.06 4.72
CA ILE B 41 8.80 -8.81 4.05
C ILE B 41 9.65 -8.61 2.80
N THR B 42 8.99 -8.42 1.66
CA THR B 42 9.70 -8.21 0.40
C THR B 42 9.55 -6.75 -0.05
N TYR B 43 10.63 -5.95 0.10
CA TYR B 43 10.60 -4.56 -0.29
C TYR B 43 10.96 -4.41 -1.77
N LEU B 44 10.11 -3.71 -2.52
CA LEU B 44 10.33 -3.49 -3.94
C LEU B 44 10.25 -1.99 -4.27
N ASP B 45 11.42 -1.39 -4.52
CA ASP B 45 11.49 0.03 -4.85
C ASP B 45 11.24 0.23 -6.34
N ILE B 46 10.38 1.20 -6.67
CA ILE B 46 10.04 1.49 -8.08
C ILE B 46 9.32 0.29 -8.70
N ASP B 47 8.17 0.55 -9.32
CA ASP B 47 7.38 -0.50 -9.95
C ASP B 47 8.06 -1.03 -11.21
N GLU B 48 8.50 -0.11 -12.08
CA GLU B 48 9.16 -0.50 -13.33
C GLU B 48 9.94 0.67 -13.93
N LEU B 49 9.22 1.76 -14.25
CA LEU B 49 9.84 2.94 -14.84
C LEU B 49 10.69 3.69 -13.79
N SER B 50 12.00 3.47 -13.85
CA SER B 50 12.92 4.12 -12.91
C SER B 50 13.06 5.62 -13.24
N ALA B 51 13.09 5.94 -14.53
CA ALA B 51 13.21 7.32 -14.98
C ALA B 51 12.09 8.18 -14.40
N ASN B 52 10.88 7.63 -14.39
CA ASN B 52 9.71 8.34 -13.85
C ASN B 52 9.52 8.04 -12.36
N GLY B 53 10.46 7.30 -11.75
CA GLY B 53 10.38 6.96 -10.33
C GLY B 53 10.11 8.20 -9.47
N GLN B 54 8.93 8.24 -8.86
CA GLN B 54 8.54 9.35 -8.00
C GLN B 54 9.11 9.18 -6.58
N TYR B 55 10.04 8.23 -6.41
CA TYR B 55 10.66 7.95 -5.10
C TYR B 55 9.65 7.28 -4.17
N GLN B 56 8.99 6.23 -4.68
CA GLN B 56 8.00 5.50 -3.90
C GLN B 56 8.43 4.04 -3.71
N CYS B 57 7.96 3.41 -2.63
CA CYS B 57 8.33 2.01 -2.37
C CYS B 57 7.08 1.13 -2.16
N LEU B 58 7.22 -0.16 -2.44
CA LEU B 58 6.10 -1.10 -2.28
C LEU B 58 6.56 -2.36 -1.54
N ALA B 59 5.91 -2.64 -0.40
CA ALA B 59 6.24 -3.83 0.39
C ALA B 59 5.20 -4.92 0.16
N GLU B 60 5.64 -6.17 0.00
CA GLU B 60 4.72 -7.28 -0.24
C GLU B 60 4.93 -8.41 0.78
N LEU B 61 3.86 -8.73 1.51
CA LEU B 61 3.91 -9.82 2.52
C LEU B 61 3.81 -11.18 1.82
N SER B 62 4.91 -11.95 1.83
CA SER B 62 4.94 -13.25 1.16
C SER B 62 4.31 -14.38 2.00
N THR B 63 4.49 -14.34 3.33
CA THR B 63 3.98 -15.40 4.19
C THR B 63 2.45 -15.31 4.40
N SER B 64 1.95 -14.10 4.63
CA SER B 64 0.53 -13.89 4.84
C SER B 64 -0.17 -13.63 3.48
N PRO B 65 -1.45 -13.27 3.45
CA PRO B 65 -2.14 -12.98 2.15
C PRO B 65 -1.38 -11.86 1.45
N ILE B 66 -1.50 -11.77 0.13
CA ILE B 66 -0.72 -10.76 -0.60
C ILE B 66 -1.22 -9.38 -0.21
N THR B 67 -0.38 -8.65 0.51
CA THR B 67 -0.70 -7.30 0.95
C THR B 67 0.36 -6.34 0.45
N VAL B 68 -0.05 -5.31 -0.31
CA VAL B 68 0.90 -4.33 -0.82
C VAL B 68 0.77 -3.00 -0.10
N CYS B 69 1.84 -2.57 0.55
CA CYS B 69 1.86 -1.30 1.28
C CYS B 69 2.79 -0.33 0.56
N HIS B 70 2.30 0.88 0.25
CA HIS B 70 3.12 1.85 -0.46
C HIS B 70 3.80 2.85 0.52
N GLY B 71 5.09 3.11 0.29
CA GLY B 71 5.84 4.07 1.10
C GLY B 71 5.99 5.37 0.32
N SER B 72 6.14 6.48 1.03
CA SER B 72 6.26 7.78 0.35
C SER B 72 7.64 7.98 -0.26
N GLY B 73 8.68 7.59 0.47
CA GLY B 73 10.06 7.72 -0.02
C GLY B 73 10.43 9.16 -0.30
N ILE B 74 10.14 10.05 0.65
CA ILE B 74 10.48 11.48 0.49
C ILE B 74 12.00 11.66 0.62
N SER B 75 12.62 10.84 1.47
CA SER B 75 14.06 10.90 1.69
C SER B 75 14.67 9.51 1.51
N CYS B 76 16.00 9.42 1.60
CA CYS B 76 16.71 8.15 1.45
C CYS B 76 16.40 7.20 2.62
N GLY B 77 15.65 6.13 2.34
CA GLY B 77 15.29 5.16 3.37
C GLY B 77 13.91 5.44 3.98
N ASN B 78 13.45 6.69 3.85
CA ASN B 78 12.15 7.10 4.39
C ASN B 78 11.02 6.23 3.81
N ALA B 79 11.17 5.83 2.54
CA ALA B 79 10.16 5.02 1.87
C ALA B 79 9.89 3.74 2.64
N GLN B 80 10.97 3.07 3.03
CA GLN B 80 10.87 1.83 3.79
C GLN B 80 10.19 2.10 5.14
N SER B 81 10.55 3.23 5.75
CA SER B 81 10.00 3.62 7.06
C SER B 81 8.48 3.79 6.99
N ASP B 82 7.97 4.42 5.91
CA ASP B 82 6.54 4.65 5.78
C ASP B 82 5.78 3.32 5.68
N ALA B 83 6.27 2.41 4.82
CA ALA B 83 5.64 1.12 4.64
C ALA B 83 5.79 0.26 5.90
N ALA B 84 6.95 0.36 6.55
CA ALA B 84 7.21 -0.41 7.77
C ALA B 84 6.34 0.09 8.93
N HIS B 85 6.18 1.41 9.02
CA HIS B 85 5.38 2.02 10.08
C HIS B 85 3.92 1.62 9.94
N ASN B 86 3.44 1.55 8.68
CA ASN B 86 2.05 1.18 8.41
C ASN B 86 1.75 -0.24 8.90
N ALA B 87 2.73 -1.14 8.74
CA ALA B 87 2.57 -2.53 9.16
C ALA B 87 2.37 -2.61 10.68
N LEU B 88 3.20 -1.86 11.42
CA LEU B 88 3.13 -1.85 12.88
C LEU B 88 1.78 -1.29 13.36
N GLN B 89 1.34 -0.19 12.72
CA GLN B 89 0.07 0.44 13.08
C GLN B 89 -1.10 -0.45 12.67
N TYR B 90 -0.96 -1.15 11.55
CA TYR B 90 -2.01 -2.03 11.06
C TYR B 90 -2.10 -3.31 11.90
N LEU B 91 -0.95 -3.80 12.37
CA LEU B 91 -0.90 -5.00 13.17
C LEU B 91 -1.68 -4.82 14.47
N LYS B 92 -1.54 -3.65 15.08
CA LYS B 92 -2.23 -3.34 16.34
C LYS B 92 -3.75 -3.44 16.15
N ILE B 93 -4.24 -2.98 15.00
CA ILE B 93 -5.68 -3.03 14.72
C ILE B 93 -6.18 -4.48 14.74
N ILE B 94 -5.46 -5.36 14.05
CA ILE B 94 -5.83 -6.77 13.98
C ILE B 94 -5.62 -7.42 15.36
N ASP A 25 -8.84 11.80 -13.29
CA ASP A 25 -9.73 10.87 -12.55
C ASP A 25 -9.21 9.44 -12.71
N TYR A 26 -8.21 9.07 -11.90
CA TYR A 26 -7.61 7.73 -11.95
C TYR A 26 -8.65 6.67 -11.53
N ILE A 27 -9.46 7.01 -10.54
CA ILE A 27 -10.48 6.09 -10.03
C ILE A 27 -11.47 5.72 -11.15
N GLN A 28 -11.88 6.72 -11.93
CA GLN A 28 -12.82 6.50 -13.03
C GLN A 28 -12.21 5.53 -14.07
N LEU A 29 -10.94 5.76 -14.41
CA LEU A 29 -10.24 4.91 -15.38
C LEU A 29 -10.09 3.49 -14.85
N LEU A 30 -9.83 3.37 -13.54
CA LEU A 30 -9.65 2.07 -12.91
C LEU A 30 -10.92 1.21 -13.04
N SER A 31 -12.08 1.88 -12.97
CA SER A 31 -13.37 1.19 -13.07
C SER A 31 -13.52 0.47 -14.42
N GLU A 32 -13.06 1.12 -15.49
CA GLU A 32 -13.16 0.54 -16.84
C GLU A 32 -12.26 -0.68 -17.01
N ILE A 33 -11.01 -0.58 -16.55
CA ILE A 33 -10.06 -1.70 -16.66
C ILE A 33 -10.45 -2.83 -15.69
N ALA A 34 -10.96 -2.46 -14.51
CA ALA A 34 -11.37 -3.44 -13.50
C ALA A 34 -12.45 -4.37 -14.06
N LYS A 35 -13.34 -3.81 -14.89
CA LYS A 35 -14.43 -4.58 -15.49
C LYS A 35 -13.89 -5.68 -16.41
N GLU A 36 -12.80 -5.37 -17.12
CA GLU A 36 -12.19 -6.33 -18.04
C GLU A 36 -11.70 -7.57 -17.28
N GLN A 37 -11.09 -7.34 -16.11
CA GLN A 37 -10.59 -8.45 -15.29
C GLN A 37 -11.73 -9.17 -14.56
N GLY A 38 -12.93 -8.56 -14.53
CA GLY A 38 -14.09 -9.16 -13.87
C GLY A 38 -13.98 -9.11 -12.34
N PHE A 39 -13.19 -8.17 -11.83
CA PHE A 39 -12.99 -8.02 -10.39
C PHE A 39 -13.17 -6.56 -9.96
N ASN A 40 -13.61 -6.35 -8.71
CA ASN A 40 -13.81 -5.00 -8.18
C ASN A 40 -13.15 -4.85 -6.81
N ILE A 41 -12.76 -3.61 -6.47
CA ILE A 41 -12.12 -3.33 -5.19
C ILE A 41 -13.01 -2.41 -4.35
N THR A 42 -13.13 -2.70 -3.05
CA THR A 42 -13.95 -1.89 -2.15
C THR A 42 -13.05 -0.99 -1.29
N TYR A 43 -13.09 0.33 -1.52
CA TYR A 43 -12.26 1.27 -0.76
C TYR A 43 -12.93 1.61 0.58
N LEU A 44 -12.13 1.61 1.65
CA LEU A 44 -12.64 1.93 2.99
C LEU A 44 -11.83 3.06 3.61
N ASP A 45 -12.44 4.25 3.71
CA ASP A 45 -11.78 5.42 4.29
C ASP A 45 -11.77 5.34 5.82
N ILE A 46 -10.58 5.30 6.40
CA ILE A 46 -10.42 5.22 7.86
C ILE A 46 -9.96 6.57 8.44
N ASP A 47 -10.71 7.06 9.43
CA ASP A 47 -10.39 8.34 10.08
C ASP A 47 -9.20 8.23 11.04
N GLU A 48 -8.48 7.09 11.02
CA GLU A 48 -7.32 6.87 11.87
C GLU A 48 -6.35 8.05 11.77
N LEU A 49 -5.33 8.06 12.64
CA LEU A 49 -4.34 9.14 12.68
C LEU A 49 -5.01 10.48 12.97
N SER A 50 -4.20 11.55 13.07
CA SER A 50 -4.72 12.88 13.35
C SER A 50 -5.28 13.54 12.10
N ALA A 51 -6.29 14.41 12.27
CA ALA A 51 -6.91 15.10 11.16
C ALA A 51 -5.89 16.02 10.46
N ASN A 52 -5.04 16.66 11.27
CA ASN A 52 -4.00 17.55 10.74
C ASN A 52 -2.90 16.74 10.05
N GLY A 53 -2.62 15.54 10.58
CA GLY A 53 -1.60 14.66 10.03
C GLY A 53 -1.92 14.28 8.58
N GLN A 54 -2.31 13.02 8.37
CA GLN A 54 -2.66 12.54 7.03
C GLN A 54 -3.73 11.46 7.10
N TYR A 55 -4.56 11.38 6.05
CA TYR A 55 -5.63 10.39 5.97
C TYR A 55 -5.08 9.06 5.44
N GLN A 56 -5.87 7.99 5.58
CA GLN A 56 -5.47 6.67 5.10
C GLN A 56 -6.64 6.00 4.38
N CYS A 57 -6.33 5.05 3.48
CA CYS A 57 -7.37 4.34 2.73
C CYS A 57 -7.03 2.87 2.55
N LEU A 58 -7.98 1.99 2.87
CA LEU A 58 -7.78 0.55 2.74
C LEU A 58 -8.67 -0.05 1.64
N ALA A 59 -8.04 -0.58 0.60
CA ALA A 59 -8.77 -1.20 -0.52
C ALA A 59 -8.83 -2.72 -0.34
N GLU A 60 -10.01 -3.23 0.06
CA GLU A 60 -10.20 -4.67 0.26
C GLU A 60 -11.03 -5.28 -0.86
N LEU A 61 -10.52 -6.38 -1.45
CA LEU A 61 -11.23 -7.06 -2.55
C LEU A 61 -12.26 -8.06 -2.01
N SER A 62 -13.53 -7.93 -2.45
CA SER A 62 -14.61 -8.81 -1.98
C SER A 62 -14.91 -9.98 -2.94
N THR A 63 -14.90 -9.72 -4.26
CA THR A 63 -15.15 -10.78 -5.26
C THR A 63 -13.82 -11.30 -5.85
N SER A 64 -12.74 -11.02 -5.14
CA SER A 64 -11.38 -11.40 -5.52
C SER A 64 -10.70 -12.03 -4.29
N PRO A 65 -9.55 -12.68 -4.43
CA PRO A 65 -8.88 -13.32 -3.27
C PRO A 65 -8.46 -12.22 -2.30
N ILE A 66 -8.18 -12.58 -1.06
CA ILE A 66 -7.96 -11.55 -0.03
C ILE A 66 -6.62 -10.84 -0.21
N THR A 67 -6.76 -9.56 -0.53
CA THR A 67 -5.67 -8.65 -0.76
C THR A 67 -6.11 -7.26 -0.30
N VAL A 68 -5.25 -6.59 0.48
CA VAL A 68 -5.57 -5.25 1.00
C VAL A 68 -4.45 -4.26 0.63
N CYS A 69 -4.85 -3.10 0.08
CA CYS A 69 -3.90 -2.07 -0.31
C CYS A 69 -4.08 -0.85 0.61
N HIS A 70 -2.96 -0.18 0.93
CA HIS A 70 -3.01 0.99 1.82
C HIS A 70 -2.42 2.24 1.14
N GLY A 71 -3.25 3.27 0.95
CA GLY A 71 -2.80 4.52 0.32
C GLY A 71 -2.82 5.65 1.35
N SER A 72 -2.20 6.78 1.02
CA SER A 72 -2.16 7.93 1.93
C SER A 72 -2.34 9.24 1.18
N GLY A 73 -3.00 10.20 1.84
CA GLY A 73 -3.25 11.52 1.26
C GLY A 73 -2.51 12.60 2.03
N ILE A 74 -2.18 13.70 1.34
CA ILE A 74 -1.46 14.81 1.96
C ILE A 74 -2.39 15.62 2.89
N SER A 75 -3.69 15.63 2.58
CA SER A 75 -4.66 16.37 3.39
C SER A 75 -5.94 15.55 3.58
N CYS A 76 -6.68 15.30 2.50
CA CYS A 76 -7.94 14.53 2.56
C CYS A 76 -8.55 14.40 1.16
N GLY A 77 -8.30 13.27 0.51
CA GLY A 77 -8.82 13.01 -0.82
C GLY A 77 -7.72 12.46 -1.74
N ASN A 78 -6.51 13.00 -1.60
CA ASN A 78 -5.36 12.56 -2.40
C ASN A 78 -5.04 11.08 -2.15
N ALA A 79 -5.35 10.58 -0.94
CA ALA A 79 -5.08 9.20 -0.60
C ALA A 79 -5.86 8.25 -1.51
N GLN A 80 -7.09 8.63 -1.84
CA GLN A 80 -7.93 7.81 -2.73
C GLN A 80 -7.25 7.67 -4.09
N SER A 81 -6.60 8.75 -4.54
CA SER A 81 -5.90 8.75 -5.83
C SER A 81 -4.72 7.79 -5.81
N ASP A 82 -3.97 7.79 -4.69
CA ASP A 82 -2.81 6.91 -4.55
C ASP A 82 -3.23 5.45 -4.60
N ALA A 83 -4.27 5.11 -3.82
CA ALA A 83 -4.79 3.75 -3.77
C ALA A 83 -5.25 3.29 -5.15
N ALA A 84 -5.96 4.17 -5.86
CA ALA A 84 -6.46 3.85 -7.20
C ALA A 84 -5.29 3.60 -8.15
N HIS A 85 -4.27 4.47 -8.07
CA HIS A 85 -3.09 4.34 -8.92
C HIS A 85 -2.29 3.08 -8.54
N ASN A 86 -2.31 2.74 -7.25
CA ASN A 86 -1.60 1.57 -6.75
C ASN A 86 -2.14 0.28 -7.38
N ALA A 87 -3.46 0.25 -7.64
CA ALA A 87 -4.08 -0.93 -8.22
C ALA A 87 -3.41 -1.28 -9.55
N LEU A 88 -3.21 -0.27 -10.40
CA LEU A 88 -2.53 -0.45 -11.68
C LEU A 88 -1.07 -0.83 -11.43
N GLN A 89 -0.47 -0.19 -10.43
CA GLN A 89 0.92 -0.41 -10.05
C GLN A 89 1.11 -1.85 -9.54
N TYR A 90 0.05 -2.42 -8.95
CA TYR A 90 0.10 -3.76 -8.40
C TYR A 90 0.50 -4.75 -9.49
N LEU A 91 -0.18 -4.66 -10.63
CA LEU A 91 0.09 -5.53 -11.77
C LEU A 91 1.44 -5.21 -12.41
N LYS A 92 1.79 -3.92 -12.44
CA LYS A 92 3.04 -3.47 -13.05
C LYS A 92 4.27 -3.94 -12.27
N ILE A 93 4.25 -3.76 -10.95
CA ILE A 93 5.37 -4.14 -10.11
C ILE A 93 5.56 -5.67 -10.09
N ILE A 94 4.47 -6.41 -9.93
CA ILE A 94 4.54 -7.88 -9.90
C ILE A 94 4.92 -8.41 -11.29
N ASP B 25 15.96 0.57 15.03
CA ASP B 25 15.16 1.30 14.00
C ASP B 25 13.88 0.51 13.71
N TYR B 26 12.85 1.21 13.21
CA TYR B 26 11.57 0.58 12.90
C TYR B 26 11.73 -0.48 11.81
N ILE B 27 12.50 -0.13 10.76
CA ILE B 27 12.74 -1.06 9.66
C ILE B 27 13.36 -2.36 10.19
N GLN B 28 14.22 -2.23 11.21
CA GLN B 28 14.88 -3.39 11.81
C GLN B 28 13.87 -4.29 12.55
N LEU B 29 12.85 -3.68 13.16
CA LEU B 29 11.84 -4.43 13.91
C LEU B 29 11.10 -5.41 12.99
N LEU B 30 10.73 -4.95 11.79
CA LEU B 30 10.01 -5.81 10.85
C LEU B 30 10.85 -7.02 10.44
N SER B 31 12.13 -6.79 10.16
CA SER B 31 13.04 -7.87 9.76
C SER B 31 13.17 -8.91 10.88
N GLU B 32 13.26 -8.44 12.13
CA GLU B 32 13.40 -9.34 13.28
C GLU B 32 12.13 -10.15 13.50
N ILE B 33 10.98 -9.48 13.35
CA ILE B 33 9.68 -10.13 13.52
C ILE B 33 9.45 -11.15 12.38
N ALA B 34 9.85 -10.79 11.17
CA ALA B 34 9.68 -11.65 10.00
C ALA B 34 10.38 -13.00 10.23
N LYS B 35 11.63 -12.95 10.71
CA LYS B 35 12.40 -14.17 10.97
C LYS B 35 11.78 -14.97 12.12
N GLU B 36 11.30 -14.27 13.14
CA GLU B 36 10.69 -14.91 14.30
C GLU B 36 9.42 -15.66 13.92
N GLN B 37 8.57 -15.02 13.11
CA GLN B 37 7.31 -15.63 12.67
C GLN B 37 7.48 -16.44 11.37
N GLY B 38 8.64 -16.31 10.72
CA GLY B 38 8.91 -17.04 9.47
C GLY B 38 8.29 -16.36 8.24
N PHE B 39 7.99 -15.06 8.34
CA PHE B 39 7.40 -14.33 7.22
C PHE B 39 8.46 -13.53 6.48
N ASN B 40 8.14 -13.12 5.24
CA ASN B 40 9.09 -12.36 4.43
C ASN B 40 8.40 -11.13 3.81
N ILE B 41 9.08 -9.99 3.85
CA ILE B 41 8.53 -8.74 3.31
C ILE B 41 9.41 -8.29 2.12
N THR B 42 8.78 -8.10 0.96
CA THR B 42 9.50 -7.66 -0.24
C THR B 42 9.30 -6.16 -0.48
N TYR B 43 10.34 -5.36 -0.23
CA TYR B 43 10.24 -3.90 -0.42
C TYR B 43 10.75 -3.52 -1.81
N LEU B 44 9.97 -2.68 -2.51
CA LEU B 44 10.34 -2.22 -3.85
C LEU B 44 10.17 -0.70 -3.94
N ASP B 45 11.26 0.00 -4.24
CA ASP B 45 11.23 1.46 -4.34
C ASP B 45 11.23 1.91 -5.81
N ILE B 46 10.17 1.56 -6.53
CA ILE B 46 10.04 1.94 -7.94
C ILE B 46 8.65 1.53 -8.47
N ASP B 47 8.00 2.45 -9.19
CA ASP B 47 6.68 2.19 -9.76
C ASP B 47 6.77 1.12 -10.85
N GLU B 48 7.74 1.29 -11.75
CA GLU B 48 7.98 0.35 -12.84
C GLU B 48 9.22 0.76 -13.64
N LEU B 49 9.18 1.98 -14.20
CA LEU B 49 10.30 2.50 -14.98
C LEU B 49 11.17 3.43 -14.13
N SER B 50 12.48 3.20 -14.16
CA SER B 50 13.43 4.01 -13.39
C SER B 50 13.35 5.48 -13.80
N ALA B 51 13.23 5.72 -15.11
CA ALA B 51 13.14 7.07 -15.66
C ALA B 51 11.89 7.80 -15.13
N ASN B 52 10.82 7.04 -14.88
CA ASN B 52 9.56 7.62 -14.39
C ASN B 52 9.46 7.54 -12.85
N GLY B 53 10.52 7.09 -12.18
CA GLY B 53 10.52 6.97 -10.71
C GLY B 53 9.96 8.22 -10.03
N GLN B 54 8.90 8.03 -9.25
CA GLN B 54 8.25 9.14 -8.54
C GLN B 54 8.61 9.16 -7.03
N TYR B 55 9.62 8.36 -6.64
CA TYR B 55 10.05 8.29 -5.24
C TYR B 55 8.90 7.76 -4.35
N GLN B 56 8.59 6.47 -4.54
CA GLN B 56 7.53 5.80 -3.78
C GLN B 56 7.94 4.35 -3.54
N CYS B 57 7.32 3.67 -2.56
CA CYS B 57 7.69 2.27 -2.27
C CYS B 57 6.48 1.37 -2.07
N LEU B 58 6.67 0.08 -2.34
CA LEU B 58 5.61 -0.92 -2.19
C LEU B 58 6.15 -2.17 -1.49
N ALA B 59 5.55 -2.52 -0.34
CA ALA B 59 5.96 -3.70 0.43
C ALA B 59 4.95 -4.83 0.21
N GLU B 60 5.43 -5.98 -0.23
CA GLU B 60 4.56 -7.13 -0.50
C GLU B 60 4.79 -8.29 0.48
N LEU B 61 3.76 -8.62 1.28
CA LEU B 61 3.87 -9.74 2.24
C LEU B 61 3.69 -11.07 1.49
N SER B 62 4.77 -11.87 1.42
CA SER B 62 4.75 -13.15 0.68
C SER B 62 4.10 -14.32 1.44
N THR B 63 4.29 -14.41 2.77
CA THR B 63 3.73 -15.54 3.53
C THR B 63 2.26 -15.34 3.90
N SER B 64 1.90 -14.14 4.33
CA SER B 64 0.51 -13.83 4.69
C SER B 64 -0.28 -13.54 3.40
N PRO B 65 -1.56 -13.16 3.45
CA PRO B 65 -2.32 -12.82 2.21
C PRO B 65 -1.57 -11.70 1.49
N ILE B 66 -1.75 -11.57 0.17
CA ILE B 66 -0.98 -10.54 -0.55
C ILE B 66 -1.45 -9.17 -0.09
N THR B 67 -0.55 -8.47 0.61
CA THR B 67 -0.82 -7.13 1.12
C THR B 67 0.22 -6.16 0.59
N VAL B 68 -0.24 -5.05 0.03
CA VAL B 68 0.68 -4.04 -0.52
C VAL B 68 0.55 -2.74 0.27
N CYS B 69 1.66 -2.31 0.87
CA CYS B 69 1.69 -1.07 1.64
C CYS B 69 2.52 -0.02 0.87
N HIS B 70 2.02 1.21 0.81
CA HIS B 70 2.73 2.26 0.06
C HIS B 70 3.62 3.13 0.97
N GLY B 71 4.92 3.21 0.63
CA GLY B 71 5.86 4.05 1.37
C GLY B 71 5.98 5.40 0.66
N SER B 72 6.42 6.43 1.38
CA SER B 72 6.52 7.77 0.79
C SER B 72 7.87 8.01 0.09
N GLY B 73 8.96 7.58 0.72
CA GLY B 73 10.30 7.76 0.15
C GLY B 73 10.51 9.22 -0.27
N ILE B 74 10.19 10.15 0.62
CA ILE B 74 10.33 11.58 0.34
C ILE B 74 11.80 11.99 0.29
N SER B 75 12.61 11.49 1.23
CA SER B 75 14.04 11.81 1.28
C SER B 75 14.90 10.63 0.79
N CYS B 76 15.02 9.58 1.62
CA CYS B 76 15.81 8.40 1.27
C CYS B 76 15.73 7.37 2.40
N GLY B 77 14.99 6.28 2.16
CA GLY B 77 14.82 5.23 3.17
C GLY B 77 13.54 5.44 3.99
N ASN B 78 13.03 6.67 4.00
CA ASN B 78 11.80 7.01 4.73
C ASN B 78 10.64 6.12 4.28
N ALA B 79 10.61 5.77 3.00
CA ALA B 79 9.54 4.93 2.45
C ALA B 79 9.44 3.62 3.23
N GLN B 80 10.59 3.02 3.48
CA GLN B 80 10.65 1.77 4.22
C GLN B 80 10.09 1.97 5.63
N SER B 81 10.44 3.11 6.23
CA SER B 81 9.98 3.45 7.58
C SER B 81 8.45 3.62 7.63
N ASP B 82 7.88 4.24 6.59
CA ASP B 82 6.43 4.46 6.54
C ASP B 82 5.69 3.14 6.43
N ALA B 83 6.17 2.28 5.52
CA ALA B 83 5.56 0.96 5.31
C ALA B 83 5.76 0.07 6.53
N ALA B 84 6.94 0.17 7.14
CA ALA B 84 7.27 -0.62 8.33
C ALA B 84 6.42 -0.18 9.51
N HIS B 85 6.29 1.14 9.68
CA HIS B 85 5.49 1.70 10.77
C HIS B 85 4.01 1.38 10.57
N ASN B 86 3.54 1.53 9.33
CA ASN B 86 2.14 1.25 9.00
C ASN B 86 1.83 -0.23 9.22
N ALA B 87 2.82 -1.11 8.99
CA ALA B 87 2.63 -2.54 9.16
C ALA B 87 2.33 -2.88 10.62
N LEU B 88 3.11 -2.30 11.54
CA LEU B 88 2.93 -2.56 12.97
C LEU B 88 1.56 -2.03 13.44
N GLN B 89 1.21 -0.82 13.00
CA GLN B 89 -0.08 -0.23 13.35
C GLN B 89 -1.23 -1.01 12.71
N TYR B 90 -1.00 -1.51 11.49
CA TYR B 90 -2.01 -2.27 10.77
C TYR B 90 -2.29 -3.61 11.49
N LEU B 91 -1.23 -4.29 11.91
CA LEU B 91 -1.36 -5.57 12.61
C LEU B 91 -2.14 -5.39 13.92
N LYS B 92 -1.92 -4.25 14.59
CA LYS B 92 -2.59 -3.96 15.86
C LYS B 92 -4.10 -3.80 15.69
N ILE B 93 -4.53 -3.05 14.67
CA ILE B 93 -5.96 -2.81 14.43
C ILE B 93 -6.68 -4.10 14.02
N ILE B 94 -6.05 -4.92 13.16
CA ILE B 94 -6.64 -6.18 12.72
C ILE B 94 -6.71 -7.17 13.88
N ASP A 25 -8.40 11.58 -13.19
CA ASP A 25 -8.80 10.80 -11.98
C ASP A 25 -8.55 9.32 -12.24
N TYR A 26 -7.50 8.77 -11.61
CA TYR A 26 -7.14 7.37 -11.76
C TYR A 26 -8.30 6.46 -11.33
N ILE A 27 -9.08 6.91 -10.34
CA ILE A 27 -10.22 6.12 -9.84
C ILE A 27 -11.23 5.88 -10.96
N GLN A 28 -11.58 6.95 -11.69
CA GLN A 28 -12.54 6.85 -12.80
C GLN A 28 -12.00 5.94 -13.91
N LEU A 29 -10.72 6.11 -14.24
CA LEU A 29 -10.09 5.30 -15.28
C LEU A 29 -10.05 3.82 -14.88
N LEU A 30 -9.74 3.57 -13.61
CA LEU A 30 -9.67 2.21 -13.08
C LEU A 30 -11.02 1.50 -13.20
N SER A 31 -12.11 2.24 -13.01
CA SER A 31 -13.45 1.67 -13.08
C SER A 31 -13.68 1.00 -14.45
N GLU A 32 -13.20 1.64 -15.51
CA GLU A 32 -13.34 1.09 -16.87
C GLU A 32 -12.57 -0.21 -17.02
N ILE A 33 -11.37 -0.25 -16.43
CA ILE A 33 -10.52 -1.45 -16.48
C ILE A 33 -11.12 -2.57 -15.62
N ALA A 34 -11.71 -2.19 -14.49
CA ALA A 34 -12.32 -3.15 -13.56
C ALA A 34 -13.44 -3.96 -14.23
N LYS A 35 -14.31 -3.28 -14.97
CA LYS A 35 -15.43 -3.95 -15.65
C LYS A 35 -14.93 -4.92 -16.73
N GLU A 36 -13.79 -4.61 -17.35
CA GLU A 36 -13.22 -5.45 -18.39
C GLU A 36 -12.91 -6.85 -17.84
N GLN A 37 -12.33 -6.90 -16.64
CA GLN A 37 -11.99 -8.19 -16.00
C GLN A 37 -13.10 -8.64 -15.03
N GLY A 38 -14.01 -7.73 -14.68
CA GLY A 38 -15.14 -8.06 -13.79
C GLY A 38 -14.75 -8.13 -12.30
N PHE A 39 -13.68 -7.42 -11.89
CA PHE A 39 -13.29 -7.42 -10.48
C PHE A 39 -13.66 -6.09 -9.81
N ASN A 40 -14.15 -6.16 -8.56
CA ASN A 40 -14.56 -4.97 -7.82
C ASN A 40 -13.56 -4.66 -6.70
N ILE A 41 -13.57 -3.41 -6.24
CA ILE A 41 -12.67 -2.98 -5.17
C ILE A 41 -13.45 -2.23 -4.08
N THR A 42 -13.20 -2.60 -2.82
CA THR A 42 -13.88 -1.97 -1.68
C THR A 42 -12.87 -1.14 -0.86
N TYR A 43 -13.07 0.18 -0.80
CA TYR A 43 -12.17 1.06 -0.05
C TYR A 43 -12.67 1.22 1.39
N LEU A 44 -11.75 1.12 2.35
CA LEU A 44 -12.08 1.25 3.77
C LEU A 44 -11.28 2.40 4.39
N ASP A 45 -11.89 3.60 4.40
CA ASP A 45 -11.24 4.77 4.97
C ASP A 45 -11.41 4.82 6.48
N ILE A 46 -10.31 4.68 7.22
CA ILE A 46 -10.35 4.70 8.69
C ILE A 46 -10.60 6.12 9.21
N ASP A 47 -11.62 6.27 10.05
CA ASP A 47 -11.97 7.57 10.62
C ASP A 47 -11.11 7.91 11.84
N GLU A 48 -10.00 7.19 12.04
CA GLU A 48 -9.11 7.44 13.18
C GLU A 48 -7.79 8.09 12.71
N LEU A 49 -7.79 9.43 12.63
CA LEU A 49 -6.61 10.17 12.20
C LEU A 49 -6.89 11.68 12.25
N SER A 50 -5.85 12.49 12.01
CA SER A 50 -5.99 13.95 12.02
C SER A 50 -6.51 14.44 10.66
N ALA A 51 -7.51 15.33 10.71
CA ALA A 51 -8.10 15.89 9.49
C ALA A 51 -7.04 16.67 8.69
N ASN A 52 -6.18 17.39 9.42
CA ASN A 52 -5.12 18.19 8.79
C ASN A 52 -3.87 17.34 8.51
N GLY A 53 -3.69 16.27 9.29
CA GLY A 53 -2.54 15.39 9.12
C GLY A 53 -2.56 14.72 7.73
N GLN A 54 -2.68 13.39 7.72
CA GLN A 54 -2.72 12.64 6.47
C GLN A 54 -3.69 11.46 6.57
N TYR A 55 -4.69 11.44 5.69
CA TYR A 55 -5.68 10.37 5.68
C TYR A 55 -5.12 9.14 4.94
N GLN A 56 -5.66 7.97 5.27
CA GLN A 56 -5.23 6.71 4.64
C GLN A 56 -6.43 5.82 4.33
N CYS A 57 -6.27 4.90 3.38
CA CYS A 57 -7.38 4.02 2.98
C CYS A 57 -6.91 2.59 2.69
N LEU A 58 -7.76 1.62 3.03
CA LEU A 58 -7.45 0.20 2.80
C LEU A 58 -8.37 -0.36 1.71
N ALA A 59 -7.79 -0.74 0.56
CA ALA A 59 -8.57 -1.31 -0.55
C ALA A 59 -8.55 -2.84 -0.49
N GLU A 60 -9.71 -3.44 -0.17
CA GLU A 60 -9.81 -4.91 -0.06
C GLU A 60 -10.53 -5.51 -1.28
N LEU A 61 -9.92 -6.52 -1.91
CA LEU A 61 -10.51 -7.18 -3.08
C LEU A 61 -11.43 -8.33 -2.66
N SER A 62 -12.69 -8.31 -3.15
CA SER A 62 -13.66 -9.36 -2.81
C SER A 62 -13.84 -10.39 -3.95
N THR A 63 -13.86 -9.92 -5.20
CA THR A 63 -13.99 -10.82 -6.36
C THR A 63 -12.62 -11.43 -6.68
N SER A 64 -11.59 -10.61 -6.48
CA SER A 64 -10.21 -10.97 -6.67
C SER A 64 -9.69 -11.63 -5.37
N PRO A 65 -8.53 -12.28 -5.36
CA PRO A 65 -8.02 -12.96 -4.14
C PRO A 65 -7.76 -11.90 -3.09
N ILE A 66 -7.65 -12.32 -1.81
CA ILE A 66 -7.56 -11.33 -0.73
C ILE A 66 -6.19 -10.65 -0.70
N THR A 67 -6.26 -9.36 -1.00
CA THR A 67 -5.12 -8.46 -1.02
C THR A 67 -5.61 -7.09 -0.54
N VAL A 68 -4.84 -6.47 0.35
CA VAL A 68 -5.21 -5.17 0.90
C VAL A 68 -4.12 -4.12 0.59
N CYS A 69 -4.54 -3.02 -0.06
CA CYS A 69 -3.61 -1.96 -0.41
C CYS A 69 -3.82 -0.75 0.49
N HIS A 70 -2.73 -0.19 1.02
CA HIS A 70 -2.81 0.97 1.91
C HIS A 70 -2.22 2.21 1.23
N GLY A 71 -3.07 3.23 1.01
CA GLY A 71 -2.63 4.48 0.39
C GLY A 71 -2.83 5.64 1.36
N SER A 72 -2.14 6.76 1.15
CA SER A 72 -2.25 7.93 2.03
C SER A 72 -2.28 9.23 1.22
N GLY A 73 -2.84 10.28 1.83
CA GLY A 73 -2.92 11.59 1.19
C GLY A 73 -2.95 12.71 2.24
N ILE A 74 -3.09 13.95 1.78
CA ILE A 74 -3.12 15.10 2.68
C ILE A 74 -4.49 15.23 3.36
N SER A 75 -5.54 14.77 2.67
CA SER A 75 -6.91 14.84 3.21
C SER A 75 -7.81 13.83 2.50
N CYS A 76 -9.09 13.79 2.90
CA CYS A 76 -10.06 12.86 2.29
C CYS A 76 -10.07 13.02 0.77
N GLY A 77 -9.85 11.91 0.05
CA GLY A 77 -9.84 11.93 -1.41
C GLY A 77 -8.42 11.76 -1.94
N ASN A 78 -7.45 12.44 -1.30
CA ASN A 78 -6.06 12.34 -1.71
C ASN A 78 -5.53 10.92 -1.52
N ALA A 79 -5.84 10.32 -0.37
CA ALA A 79 -5.40 8.96 -0.06
C ALA A 79 -6.05 7.96 -1.02
N GLN A 80 -7.31 8.20 -1.38
CA GLN A 80 -8.04 7.34 -2.30
C GLN A 80 -7.32 7.32 -3.65
N SER A 81 -6.79 8.48 -4.06
CA SER A 81 -6.07 8.59 -5.33
C SER A 81 -4.82 7.73 -5.33
N ASP A 82 -4.11 7.71 -4.19
CA ASP A 82 -2.89 6.92 -4.05
C ASP A 82 -3.20 5.43 -4.20
N ALA A 83 -4.24 4.97 -3.50
CA ALA A 83 -4.65 3.57 -3.55
C ALA A 83 -5.05 3.18 -4.98
N ALA A 84 -5.78 4.08 -5.65
CA ALA A 84 -6.20 3.84 -7.03
C ALA A 84 -4.99 3.70 -7.95
N HIS A 85 -4.01 4.58 -7.75
CA HIS A 85 -2.78 4.57 -8.54
C HIS A 85 -1.97 3.31 -8.24
N ASN A 86 -1.97 2.89 -6.98
CA ASN A 86 -1.25 1.69 -6.55
C ASN A 86 -1.81 0.43 -7.22
N ALA A 87 -3.14 0.42 -7.46
CA ALA A 87 -3.79 -0.73 -8.08
C ALA A 87 -3.18 -1.00 -9.46
N LEU A 88 -2.97 0.06 -10.24
CA LEU A 88 -2.38 -0.05 -11.57
C LEU A 88 -0.93 -0.55 -11.45
N GLN A 89 -0.22 -0.07 -10.44
CA GLN A 89 1.16 -0.47 -10.18
C GLN A 89 1.23 -1.92 -9.69
N TYR A 90 0.18 -2.36 -8.99
CA TYR A 90 0.11 -3.72 -8.47
C TYR A 90 0.18 -4.74 -9.60
N LEU A 91 -0.54 -4.45 -10.69
CA LEU A 91 -0.59 -5.33 -11.84
C LEU A 91 0.74 -5.32 -12.59
N LYS A 92 1.28 -4.12 -12.84
CA LYS A 92 2.52 -3.96 -13.58
C LYS A 92 3.74 -4.49 -12.82
N ILE A 93 3.82 -4.20 -11.52
CA ILE A 93 4.95 -4.61 -10.71
C ILE A 93 5.08 -6.14 -10.64
N ILE A 94 3.95 -6.84 -10.41
CA ILE A 94 3.95 -8.30 -10.33
C ILE A 94 4.10 -8.89 -11.73
N ASP B 25 16.38 1.56 10.16
CA ASP B 25 16.09 1.54 11.63
C ASP B 25 14.78 0.79 11.88
N TYR B 26 13.68 1.31 11.30
CA TYR B 26 12.37 0.69 11.46
C TYR B 26 12.36 -0.71 10.83
N ILE B 27 12.97 -0.83 9.65
CA ILE B 27 13.04 -2.11 8.94
C ILE B 27 13.70 -3.16 9.83
N GLN B 28 14.70 -2.75 10.62
CA GLN B 28 15.42 -3.66 11.51
C GLN B 28 14.49 -4.25 12.56
N LEU B 29 13.59 -3.42 13.09
CA LEU B 29 12.64 -3.86 14.11
C LEU B 29 11.70 -4.94 13.56
N LEU B 30 11.26 -4.74 12.31
CA LEU B 30 10.36 -5.69 11.65
C LEU B 30 11.05 -7.05 11.46
N SER B 31 12.34 -7.03 11.15
CA SER B 31 13.11 -8.27 10.93
C SER B 31 13.07 -9.18 12.16
N GLU B 32 13.29 -8.62 13.35
CA GLU B 32 13.30 -9.40 14.59
C GLU B 32 11.91 -9.92 14.93
N ILE B 33 10.89 -9.09 14.69
CA ILE B 33 9.50 -9.47 14.95
C ILE B 33 9.02 -10.49 13.91
N ALA B 34 9.49 -10.33 12.67
CA ALA B 34 9.12 -11.20 11.56
C ALA B 34 9.48 -12.67 11.82
N LYS B 35 10.71 -12.91 12.26
CA LYS B 35 11.18 -14.28 12.53
C LYS B 35 10.42 -14.88 13.73
N GLU B 36 10.12 -14.04 14.72
CA GLU B 36 9.40 -14.48 15.92
C GLU B 36 7.94 -14.77 15.60
N GLN B 37 7.34 -13.96 14.71
CA GLN B 37 5.93 -14.14 14.34
C GLN B 37 5.76 -15.04 13.09
N GLY B 38 6.87 -15.33 12.40
CA GLY B 38 6.82 -16.20 11.21
C GLY B 38 6.23 -15.49 9.98
N PHE B 39 6.64 -14.24 9.76
CA PHE B 39 6.16 -13.47 8.61
C PHE B 39 7.35 -12.86 7.86
N ASN B 40 7.10 -12.36 6.63
CA ASN B 40 8.17 -11.76 5.83
C ASN B 40 7.62 -10.65 4.95
N ILE B 41 8.38 -9.57 4.83
CA ILE B 41 7.97 -8.43 4.00
C ILE B 41 9.08 -8.04 3.01
N THR B 42 8.73 -7.98 1.73
CA THR B 42 9.69 -7.63 0.68
C THR B 42 9.54 -6.15 0.29
N TYR B 43 10.65 -5.42 0.23
CA TYR B 43 10.61 -4.00 -0.11
C TYR B 43 10.95 -3.79 -1.59
N LEU B 44 10.16 -2.94 -2.25
CA LEU B 44 10.38 -2.63 -3.67
C LEU B 44 10.55 -1.12 -3.85
N ASP B 45 11.51 -0.71 -4.68
CA ASP B 45 11.77 0.71 -4.92
C ASP B 45 11.74 1.03 -6.41
N ILE B 46 10.84 1.96 -6.78
CA ILE B 46 10.68 2.40 -8.18
C ILE B 46 10.80 1.23 -9.19
N ASP B 47 10.03 0.16 -8.94
CA ASP B 47 10.04 -1.01 -9.82
C ASP B 47 9.62 -0.60 -11.24
N GLU B 48 8.62 0.28 -11.34
CA GLU B 48 8.12 0.76 -12.63
C GLU B 48 8.43 2.25 -12.80
N LEU B 49 8.35 2.72 -14.05
CA LEU B 49 8.61 4.12 -14.36
C LEU B 49 7.62 5.05 -13.66
N SER B 50 6.35 4.63 -13.62
CA SER B 50 5.30 5.42 -12.97
C SER B 50 5.67 5.73 -11.52
N ALA B 51 6.30 4.75 -10.85
CA ALA B 51 6.72 4.91 -9.45
C ALA B 51 7.84 5.95 -9.33
N ASN B 52 8.70 6.03 -10.34
CA ASN B 52 9.83 6.97 -10.34
C ASN B 52 9.36 8.44 -10.53
N GLY B 53 8.07 8.64 -10.82
CA GLY B 53 7.53 9.98 -11.04
C GLY B 53 7.10 10.61 -9.71
N GLN B 54 6.44 9.83 -8.86
CA GLN B 54 5.97 10.33 -7.56
C GLN B 54 6.93 9.95 -6.41
N TYR B 55 8.06 9.31 -6.73
CA TYR B 55 9.04 8.90 -5.71
C TYR B 55 8.35 8.15 -4.57
N GLN B 56 8.07 6.85 -4.80
CA GLN B 56 7.40 6.01 -3.81
C GLN B 56 7.93 4.59 -3.89
N CYS B 57 7.72 3.81 -2.82
CA CYS B 57 8.16 2.41 -2.77
C CYS B 57 6.99 1.51 -2.40
N LEU B 58 7.05 0.25 -2.82
CA LEU B 58 5.96 -0.70 -2.53
C LEU B 58 6.49 -1.93 -1.75
N ALA B 59 5.85 -2.22 -0.61
CA ALA B 59 6.24 -3.37 0.21
C ALA B 59 5.21 -4.49 0.04
N GLU B 60 5.69 -5.68 -0.36
CA GLU B 60 4.79 -6.83 -0.57
C GLU B 60 4.88 -7.84 0.57
N LEU B 61 3.71 -8.27 1.05
CA LEU B 61 3.63 -9.27 2.13
C LEU B 61 3.87 -10.68 1.55
N SER B 62 5.02 -11.30 1.90
CA SER B 62 5.39 -12.61 1.36
C SER B 62 4.76 -13.84 2.05
N THR B 63 4.56 -13.81 3.38
CA THR B 63 4.02 -14.99 4.10
C THR B 63 2.50 -14.96 4.26
N SER B 64 1.96 -13.80 4.64
CA SER B 64 0.52 -13.63 4.82
C SER B 64 -0.13 -13.40 3.44
N PRO B 65 -1.42 -13.06 3.33
CA PRO B 65 -2.03 -12.79 2.00
C PRO B 65 -1.25 -11.65 1.35
N ILE B 66 -1.27 -11.56 0.02
CA ILE B 66 -0.46 -10.53 -0.64
C ILE B 66 -1.00 -9.16 -0.26
N THR B 67 -0.20 -8.42 0.51
CA THR B 67 -0.57 -7.08 0.95
C THR B 67 0.45 -6.07 0.47
N VAL B 68 -0.01 -5.01 -0.21
CA VAL B 68 0.89 -3.98 -0.72
C VAL B 68 0.73 -2.68 0.06
N CYS B 69 1.85 -2.19 0.61
CA CYS B 69 1.86 -0.95 1.39
C CYS B 69 2.59 0.14 0.60
N HIS B 70 2.23 1.41 0.85
CA HIS B 70 2.85 2.51 0.11
C HIS B 70 4.03 3.17 0.88
N GLY B 71 5.12 3.46 0.16
CA GLY B 71 6.29 4.11 0.75
C GLY B 71 6.39 5.53 0.19
N SER B 72 6.80 6.49 1.04
CA SER B 72 6.89 7.89 0.60
C SER B 72 8.25 8.24 -0.02
N GLY B 73 9.33 7.78 0.60
CA GLY B 73 10.68 8.07 0.10
C GLY B 73 10.93 9.58 0.05
N ILE B 74 10.67 10.26 1.17
CA ILE B 74 10.85 11.73 1.25
C ILE B 74 12.35 12.07 1.24
N SER B 75 13.16 11.26 1.93
CA SER B 75 14.60 11.50 2.00
C SER B 75 15.35 10.50 1.10
N CYS B 76 15.23 9.21 1.42
CA CYS B 76 15.89 8.15 0.64
C CYS B 76 15.40 6.78 1.09
N GLY B 77 15.54 6.48 2.38
CA GLY B 77 15.10 5.20 2.94
C GLY B 77 13.78 5.34 3.72
N ASN B 78 13.16 6.54 3.67
CA ASN B 78 11.91 6.79 4.39
C ASN B 78 10.78 5.94 3.81
N ALA B 79 10.79 5.70 2.50
CA ALA B 79 9.75 4.91 1.84
C ALA B 79 9.63 3.55 2.49
N GLN B 80 10.76 2.89 2.70
CA GLN B 80 10.80 1.57 3.33
C GLN B 80 10.29 1.67 4.77
N SER B 81 10.70 2.74 5.46
CA SER B 81 10.29 2.97 6.85
C SER B 81 8.78 3.19 6.96
N ASP B 82 8.20 3.89 5.97
CA ASP B 82 6.77 4.17 5.98
C ASP B 82 5.97 2.88 5.82
N ALA B 83 6.33 2.08 4.81
CA ALA B 83 5.65 0.81 4.55
C ALA B 83 5.88 -0.16 5.73
N ALA B 84 7.08 -0.10 6.32
CA ALA B 84 7.41 -0.97 7.45
C ALA B 84 6.60 -0.57 8.68
N HIS B 85 6.48 0.74 8.92
CA HIS B 85 5.73 1.26 10.06
C HIS B 85 4.24 0.96 9.89
N ASN B 86 3.74 1.12 8.66
CA ASN B 86 2.33 0.87 8.36
C ASN B 86 2.00 -0.61 8.59
N ALA B 87 2.95 -1.50 8.28
CA ALA B 87 2.74 -2.94 8.45
C ALA B 87 2.56 -3.29 9.93
N LEU B 88 3.38 -2.68 10.79
CA LEU B 88 3.30 -2.94 12.23
C LEU B 88 1.96 -2.45 12.78
N GLN B 89 1.54 -1.25 12.35
CA GLN B 89 0.27 -0.68 12.79
C GLN B 89 -0.90 -1.50 12.24
N TYR B 90 -0.77 -1.96 10.99
CA TYR B 90 -1.80 -2.78 10.35
C TYR B 90 -2.02 -4.09 11.11
N LEU B 91 -0.92 -4.68 11.60
CA LEU B 91 -0.99 -5.94 12.34
C LEU B 91 -1.86 -5.77 13.60
N LYS B 92 -1.68 -4.65 14.29
CA LYS B 92 -2.43 -4.37 15.52
C LYS B 92 -3.94 -4.22 15.22
N ILE B 93 -4.26 -3.55 14.12
CA ILE B 93 -5.67 -3.32 13.75
C ILE B 93 -6.39 -4.67 13.50
N ILE B 94 -5.79 -5.54 12.68
CA ILE B 94 -6.40 -6.84 12.38
C ILE B 94 -6.37 -7.75 13.62
N ASP A 25 -7.28 12.45 -12.65
CA ASP A 25 -7.92 11.49 -11.71
C ASP A 25 -7.50 10.07 -12.07
N TYR A 26 -6.50 9.54 -11.36
CA TYR A 26 -6.01 8.19 -11.60
C TYR A 26 -7.10 7.16 -11.31
N ILE A 27 -7.86 7.40 -10.24
CA ILE A 27 -8.95 6.51 -9.84
C ILE A 27 -10.00 6.40 -10.97
N GLN A 28 -10.23 7.51 -11.68
CA GLN A 28 -11.20 7.53 -12.78
C GLN A 28 -10.83 6.48 -13.85
N LEU A 29 -9.52 6.31 -14.09
CA LEU A 29 -9.04 5.35 -15.08
C LEU A 29 -9.35 3.92 -14.63
N LEU A 30 -9.26 3.67 -13.32
CA LEU A 30 -9.52 2.34 -12.75
C LEU A 30 -10.95 1.88 -13.10
N SER A 31 -11.89 2.83 -13.14
CA SER A 31 -13.28 2.52 -13.44
C SER A 31 -13.39 1.81 -14.80
N GLU A 32 -12.61 2.27 -15.78
CA GLU A 32 -12.62 1.68 -17.12
C GLU A 32 -12.22 0.21 -17.07
N ILE A 33 -11.15 -0.09 -16.33
CA ILE A 33 -10.66 -1.47 -16.20
C ILE A 33 -11.68 -2.32 -15.43
N ALA A 34 -12.19 -1.76 -14.33
CA ALA A 34 -13.17 -2.46 -13.50
C ALA A 34 -14.41 -2.83 -14.32
N LYS A 35 -14.83 -1.91 -15.19
CA LYS A 35 -15.99 -2.13 -16.05
C LYS A 35 -15.75 -3.27 -17.04
N GLU A 36 -14.52 -3.35 -17.56
CA GLU A 36 -14.15 -4.38 -18.53
C GLU A 36 -14.06 -5.76 -17.88
N GLN A 37 -13.52 -5.82 -16.66
CA GLN A 37 -13.37 -7.10 -15.95
C GLN A 37 -14.68 -7.56 -15.30
N GLY A 38 -15.67 -6.66 -15.20
CA GLY A 38 -16.97 -7.00 -14.60
C GLY A 38 -16.86 -7.18 -13.07
N PHE A 39 -15.73 -6.76 -12.48
CA PHE A 39 -15.53 -6.87 -11.03
C PHE A 39 -15.08 -5.53 -10.47
N ASN A 40 -15.23 -5.32 -9.15
CA ASN A 40 -14.85 -4.05 -8.54
C ASN A 40 -14.01 -4.24 -7.27
N ILE A 41 -13.28 -3.19 -6.91
CA ILE A 41 -12.44 -3.20 -5.71
C ILE A 41 -13.18 -2.46 -4.59
N THR A 42 -13.07 -2.98 -3.37
CA THR A 42 -13.74 -2.36 -2.22
C THR A 42 -12.76 -1.43 -1.47
N TYR A 43 -13.00 -0.11 -1.53
CA TYR A 43 -12.14 0.85 -0.86
C TYR A 43 -12.77 1.30 0.46
N LEU A 44 -12.04 1.12 1.57
CA LEU A 44 -12.53 1.50 2.88
C LEU A 44 -11.85 2.79 3.35
N ASP A 45 -12.64 3.84 3.56
CA ASP A 45 -12.12 5.13 4.01
C ASP A 45 -11.89 5.12 5.52
N ILE A 46 -10.62 5.22 5.92
CA ILE A 46 -10.26 5.22 7.34
C ILE A 46 -10.60 6.59 7.97
N ASP A 47 -11.44 6.59 9.00
CA ASP A 47 -11.84 7.82 9.68
C ASP A 47 -10.91 8.15 10.87
N GLU A 48 -9.63 7.77 10.73
CA GLU A 48 -8.64 8.02 11.78
C GLU A 48 -7.83 9.29 11.45
N LEU A 49 -6.82 9.58 12.28
CA LEU A 49 -5.97 10.77 12.08
C LEU A 49 -6.81 12.05 12.10
N SER A 50 -6.14 13.20 11.95
CA SER A 50 -6.82 14.49 11.96
C SER A 50 -7.49 14.77 10.61
N ALA A 51 -8.50 15.63 10.62
CA ALA A 51 -9.23 15.99 9.40
C ALA A 51 -8.30 16.72 8.41
N ASN A 52 -7.40 17.56 8.94
CA ASN A 52 -6.46 18.30 8.10
C ASN A 52 -5.08 17.63 8.07
N GLY A 53 -5.02 16.34 8.41
CA GLY A 53 -3.77 15.59 8.41
C GLY A 53 -3.62 14.80 7.10
N GLN A 54 -3.60 13.47 7.20
CA GLN A 54 -3.47 12.61 6.03
C GLN A 54 -4.47 11.46 6.09
N TYR A 55 -5.41 11.44 5.16
CA TYR A 55 -6.43 10.39 5.10
C TYR A 55 -5.82 9.09 4.57
N GLN A 56 -6.37 7.96 5.01
CA GLN A 56 -5.89 6.64 4.58
C GLN A 56 -7.04 5.84 3.95
N CYS A 57 -6.70 4.91 3.05
CA CYS A 57 -7.70 4.08 2.38
C CYS A 57 -7.21 2.63 2.24
N LEU A 58 -8.13 1.67 2.43
CA LEU A 58 -7.79 0.25 2.31
C LEU A 58 -8.54 -0.36 1.12
N ALA A 59 -7.78 -0.77 0.09
CA ALA A 59 -8.38 -1.37 -1.10
C ALA A 59 -8.31 -2.90 -1.05
N GLU A 60 -9.47 -3.53 -0.80
CA GLU A 60 -9.54 -5.00 -0.70
C GLU A 60 -10.26 -5.60 -1.92
N LEU A 61 -9.62 -6.60 -2.55
CA LEU A 61 -10.19 -7.28 -3.73
C LEU A 61 -11.27 -8.30 -3.31
N SER A 62 -12.49 -8.20 -3.88
CA SER A 62 -13.59 -9.11 -3.53
C SER A 62 -13.63 -10.39 -4.38
N THR A 63 -13.38 -10.28 -5.69
CA THR A 63 -13.40 -11.45 -6.59
C THR A 63 -12.02 -12.13 -6.61
N SER A 64 -11.00 -11.32 -6.39
CA SER A 64 -9.61 -11.75 -6.35
C SER A 64 -9.29 -12.24 -4.92
N PRO A 65 -8.17 -12.92 -4.70
CA PRO A 65 -7.83 -13.44 -3.34
C PRO A 65 -7.64 -12.24 -2.41
N ILE A 66 -7.70 -12.47 -1.09
CA ILE A 66 -7.71 -11.35 -0.16
C ILE A 66 -6.34 -10.68 -0.06
N THR A 67 -6.34 -9.44 -0.53
CA THR A 67 -5.19 -8.57 -0.56
C THR A 67 -5.68 -7.15 -0.34
N VAL A 68 -5.14 -6.48 0.68
CA VAL A 68 -5.54 -5.11 1.00
C VAL A 68 -4.38 -4.14 0.70
N CYS A 69 -4.70 -3.08 -0.05
CA CYS A 69 -3.70 -2.08 -0.41
C CYS A 69 -3.83 -0.86 0.51
N HIS A 70 -2.69 -0.35 0.98
CA HIS A 70 -2.68 0.80 1.88
C HIS A 70 -2.25 2.07 1.12
N GLY A 71 -3.15 3.05 1.03
CA GLY A 71 -2.86 4.31 0.35
C GLY A 71 -3.03 5.49 1.32
N SER A 72 -2.43 6.64 0.98
CA SER A 72 -2.52 7.82 1.83
C SER A 72 -2.67 9.09 0.99
N GLY A 73 -3.37 10.09 1.54
CA GLY A 73 -3.59 11.36 0.85
C GLY A 73 -3.56 12.52 1.84
N ILE A 74 -3.75 13.74 1.33
CA ILE A 74 -3.75 14.94 2.18
C ILE A 74 -5.18 15.37 2.60
N SER A 75 -6.20 14.59 2.19
CA SER A 75 -7.59 14.88 2.52
C SER A 75 -8.50 13.75 2.04
N CYS A 76 -9.71 13.67 2.61
CA CYS A 76 -10.68 12.64 2.22
C CYS A 76 -10.86 12.61 0.70
N GLY A 77 -10.47 11.48 0.08
CA GLY A 77 -10.59 11.32 -1.37
C GLY A 77 -9.20 11.25 -2.02
N ASN A 78 -8.25 12.02 -1.48
CA ASN A 78 -6.88 12.04 -2.02
C ASN A 78 -6.21 10.68 -1.82
N ALA A 79 -6.41 10.08 -0.64
CA ALA A 79 -5.81 8.79 -0.33
C ALA A 79 -6.31 7.70 -1.30
N GLN A 80 -7.60 7.78 -1.65
CA GLN A 80 -8.19 6.81 -2.57
C GLN A 80 -7.49 6.88 -3.93
N SER A 81 -7.13 8.10 -4.35
CA SER A 81 -6.46 8.32 -5.63
C SER A 81 -5.08 7.66 -5.63
N ASP A 82 -4.38 7.73 -4.50
CA ASP A 82 -3.05 7.14 -4.37
C ASP A 82 -3.14 5.61 -4.44
N ALA A 83 -4.10 5.05 -3.70
CA ALA A 83 -4.31 3.59 -3.67
C ALA A 83 -4.72 3.10 -5.06
N ALA A 84 -5.59 3.86 -5.74
CA ALA A 84 -6.06 3.50 -7.06
C ALA A 84 -4.92 3.59 -8.08
N HIS A 85 -4.10 4.64 -7.97
CA HIS A 85 -2.97 4.82 -8.87
C HIS A 85 -1.96 3.70 -8.69
N ASN A 86 -1.75 3.31 -7.42
CA ASN A 86 -0.82 2.23 -7.09
C ASN A 86 -1.30 0.90 -7.68
N ALA A 87 -2.62 0.72 -7.75
CA ALA A 87 -3.20 -0.51 -8.28
C ALA A 87 -2.72 -0.76 -9.71
N LEU A 88 -2.68 0.31 -10.51
CA LEU A 88 -2.21 0.22 -11.90
C LEU A 88 -0.72 -0.17 -11.92
N GLN A 89 0.05 0.36 -10.97
CA GLN A 89 1.48 0.08 -10.86
C GLN A 89 1.72 -1.36 -10.37
N TYR A 90 0.79 -1.87 -9.56
CA TYR A 90 0.92 -3.22 -9.01
C TYR A 90 0.78 -4.30 -10.10
N LEU A 91 0.06 -3.96 -11.18
CA LEU A 91 -0.15 -4.89 -12.27
C LEU A 91 1.16 -5.13 -13.03
N LYS A 92 1.95 -4.07 -13.21
CA LYS A 92 3.21 -4.16 -13.92
C LYS A 92 4.23 -4.97 -13.12
N ILE A 93 4.40 -4.62 -11.85
CA ILE A 93 5.36 -5.30 -10.99
C ILE A 93 4.93 -6.75 -10.68
N ILE A 94 3.68 -6.94 -10.19
CA ILE A 94 3.19 -8.28 -9.87
C ILE A 94 3.05 -9.10 -11.16
N ASP B 25 15.97 1.85 12.65
CA ASP B 25 15.58 1.03 11.47
C ASP B 25 14.31 0.23 11.81
N TYR B 26 13.16 0.74 11.37
CA TYR B 26 11.88 0.08 11.62
C TYR B 26 11.84 -1.31 10.96
N ILE B 27 12.44 -1.41 9.77
CA ILE B 27 12.49 -2.67 9.04
C ILE B 27 13.21 -3.74 9.88
N GLN B 28 14.24 -3.31 10.63
CA GLN B 28 15.02 -4.23 11.46
C GLN B 28 14.16 -4.82 12.57
N LEU B 29 13.34 -3.97 13.21
CA LEU B 29 12.48 -4.42 14.30
C LEU B 29 11.49 -5.48 13.80
N LEU B 30 10.85 -5.21 12.66
CA LEU B 30 9.88 -6.14 12.08
C LEU B 30 10.58 -7.40 11.57
N SER B 31 11.78 -7.23 11.00
CA SER B 31 12.55 -8.35 10.47
C SER B 31 12.88 -9.37 11.58
N GLU B 32 13.22 -8.85 12.78
CA GLU B 32 13.57 -9.72 13.91
C GLU B 32 12.40 -10.60 14.32
N ILE B 33 11.21 -10.01 14.45
CA ILE B 33 10.01 -10.76 14.83
C ILE B 33 9.58 -11.71 13.70
N ALA B 34 9.77 -11.26 12.45
CA ALA B 34 9.41 -12.07 11.29
C ALA B 34 10.20 -13.38 11.28
N LYS B 35 11.52 -13.29 11.53
CA LYS B 35 12.38 -14.46 11.57
C LYS B 35 11.93 -15.42 12.67
N GLU B 36 11.47 -14.86 13.80
CA GLU B 36 11.00 -15.66 14.92
C GLU B 36 9.78 -16.50 14.51
N GLN B 37 8.93 -15.91 13.66
CA GLN B 37 7.72 -16.60 13.18
C GLN B 37 7.99 -17.41 11.89
N GLY B 38 9.17 -17.19 11.27
CA GLY B 38 9.53 -17.91 10.03
C GLY B 38 8.94 -17.24 8.79
N PHE B 39 8.67 -15.93 8.88
CA PHE B 39 8.12 -15.17 7.76
C PHE B 39 9.03 -13.96 7.46
N ASN B 40 8.79 -13.30 6.32
CA ASN B 40 9.59 -12.14 5.94
C ASN B 40 8.80 -11.17 5.06
N ILE B 41 9.21 -9.90 5.06
CA ILE B 41 8.55 -8.89 4.24
C ILE B 41 9.37 -8.63 2.98
N THR B 42 8.68 -8.53 1.84
CA THR B 42 9.38 -8.28 0.57
C THR B 42 9.28 -6.79 0.21
N TYR B 43 10.40 -6.06 0.32
CA TYR B 43 10.41 -4.63 0.03
C TYR B 43 10.83 -4.36 -1.43
N LEU B 44 9.89 -3.79 -2.19
CA LEU B 44 10.13 -3.46 -3.60
C LEU B 44 10.39 -1.96 -3.75
N ASP B 45 11.33 -1.60 -4.64
CA ASP B 45 11.66 -0.20 -4.88
C ASP B 45 11.09 0.26 -6.22
N ILE B 46 10.48 1.45 -6.22
CA ILE B 46 9.86 2.06 -7.40
C ILE B 46 8.98 1.06 -8.17
N ASP B 47 8.33 1.54 -9.24
CA ASP B 47 7.45 0.70 -10.04
C ASP B 47 8.24 -0.31 -10.87
N GLU B 48 9.27 0.18 -11.56
CA GLU B 48 10.13 -0.67 -12.40
C GLU B 48 11.23 0.18 -13.06
N LEU B 49 10.82 1.25 -13.75
CA LEU B 49 11.76 2.13 -14.44
C LEU B 49 12.26 3.22 -13.49
N SER B 50 13.58 3.28 -13.29
CA SER B 50 14.18 4.28 -12.42
C SER B 50 14.12 5.67 -13.04
N ALA B 51 14.37 5.75 -14.35
CA ALA B 51 14.34 7.04 -15.07
C ALA B 51 12.95 7.66 -14.98
N ASN B 52 11.91 6.84 -15.12
CA ASN B 52 10.52 7.32 -15.07
C ASN B 52 9.90 7.12 -13.67
N GLY B 53 10.67 6.56 -12.73
CA GLY B 53 10.18 6.32 -11.38
C GLY B 53 9.87 7.62 -10.64
N GLN B 54 8.85 7.59 -9.79
CA GLN B 54 8.43 8.77 -9.01
C GLN B 54 9.03 8.73 -7.59
N TYR B 55 9.98 7.82 -7.34
CA TYR B 55 10.61 7.67 -6.02
C TYR B 55 9.57 7.22 -4.99
N GLN B 56 9.15 5.95 -5.11
CA GLN B 56 8.16 5.36 -4.21
C GLN B 56 8.51 3.88 -4.00
N CYS B 57 7.98 3.27 -2.92
CA CYS B 57 8.27 1.86 -2.63
C CYS B 57 7.00 1.08 -2.31
N LEU B 58 7.04 -0.24 -2.56
CA LEU B 58 5.90 -1.11 -2.29
C LEU B 58 6.35 -2.29 -1.43
N ALA B 59 5.69 -2.50 -0.28
CA ALA B 59 6.06 -3.58 0.64
C ALA B 59 5.01 -4.70 0.68
N GLU B 60 5.48 -5.95 0.71
CA GLU B 60 4.59 -7.12 0.76
C GLU B 60 4.81 -7.87 2.08
N LEU B 61 3.72 -8.22 2.76
CA LEU B 61 3.82 -8.92 4.06
C LEU B 61 3.52 -10.43 3.96
N SER B 62 4.55 -11.26 4.16
CA SER B 62 4.40 -12.72 4.13
C SER B 62 3.84 -13.29 5.45
N THR B 63 3.83 -12.47 6.52
CA THR B 63 3.36 -12.91 7.84
C THR B 63 1.83 -13.03 7.93
N SER B 64 1.14 -12.83 6.80
CA SER B 64 -0.32 -12.91 6.75
C SER B 64 -0.74 -12.98 5.27
N PRO B 65 -2.01 -12.76 4.88
CA PRO B 65 -2.39 -12.79 3.43
C PRO B 65 -1.53 -11.77 2.70
N ILE B 66 -1.32 -11.93 1.40
CA ILE B 66 -0.45 -11.01 0.68
C ILE B 66 -1.10 -9.62 0.65
N THR B 67 -0.45 -8.68 1.35
CA THR B 67 -0.92 -7.32 1.47
C THR B 67 0.15 -6.37 0.96
N VAL B 68 -0.24 -5.36 0.17
CA VAL B 68 0.71 -4.40 -0.39
C VAL B 68 0.57 -3.04 0.29
N CYS B 69 1.67 -2.56 0.87
CA CYS B 69 1.68 -1.25 1.54
C CYS B 69 2.54 -0.29 0.72
N HIS B 70 2.10 0.98 0.62
CA HIS B 70 2.84 1.96 -0.19
C HIS B 70 3.81 2.83 0.67
N GLY B 71 4.95 3.20 0.08
CA GLY B 71 5.94 4.04 0.72
C GLY B 71 6.11 5.31 -0.11
N SER B 72 6.38 6.45 0.53
CA SER B 72 6.50 7.71 -0.21
C SER B 72 7.93 7.97 -0.71
N GLY B 73 8.93 7.73 0.12
CA GLY B 73 10.33 7.96 -0.27
C GLY B 73 10.51 9.35 -0.89
N ILE B 74 10.00 10.37 -0.19
CA ILE B 74 10.07 11.75 -0.69
C ILE B 74 11.51 12.30 -0.63
N SER B 75 12.26 11.93 0.41
CA SER B 75 13.64 12.41 0.57
C SER B 75 14.64 11.24 0.60
N CYS B 76 14.57 10.41 1.66
CA CYS B 76 15.48 9.28 1.82
C CYS B 76 15.09 8.45 3.05
N GLY B 77 14.74 7.18 2.82
CA GLY B 77 14.35 6.28 3.90
C GLY B 77 12.88 6.50 4.32
N ASN B 78 12.26 7.60 3.85
CA ASN B 78 10.87 7.89 4.18
C ASN B 78 9.93 6.82 3.64
N ALA B 79 10.26 6.25 2.47
CA ALA B 79 9.44 5.21 1.85
C ALA B 79 9.44 3.96 2.72
N GLN B 80 10.65 3.56 3.13
CA GLN B 80 10.82 2.39 4.00
C GLN B 80 10.14 2.64 5.34
N SER B 81 10.29 3.85 5.87
CA SER B 81 9.71 4.21 7.15
C SER B 81 8.18 4.26 7.09
N ASP B 82 7.63 4.75 5.98
CA ASP B 82 6.18 4.84 5.84
C ASP B 82 5.55 3.44 5.77
N ALA B 83 6.13 2.57 4.94
CA ALA B 83 5.62 1.21 4.79
C ALA B 83 5.90 0.40 6.06
N ALA B 84 7.09 0.58 6.63
CA ALA B 84 7.47 -0.14 7.83
C ALA B 84 6.66 0.32 9.04
N HIS B 85 6.42 1.62 9.16
CA HIS B 85 5.66 2.15 10.28
C HIS B 85 4.18 1.78 10.16
N ASN B 86 3.67 1.77 8.93
CA ASN B 86 2.27 1.41 8.69
C ASN B 86 2.04 -0.06 9.01
N ALA B 87 3.02 -0.91 8.69
CA ALA B 87 2.91 -2.35 8.95
C ALA B 87 2.79 -2.64 10.43
N LEU B 88 3.62 -1.98 11.25
CA LEU B 88 3.59 -2.19 12.70
C LEU B 88 2.26 -1.72 13.27
N GLN B 89 1.74 -0.60 12.77
CA GLN B 89 0.47 -0.05 13.25
C GLN B 89 -0.70 -0.97 12.88
N TYR B 90 -0.71 -1.45 11.63
CA TYR B 90 -1.79 -2.34 11.17
C TYR B 90 -1.64 -3.73 11.81
N LEU B 91 -0.40 -4.18 12.02
CA LEU B 91 -0.14 -5.49 12.63
C LEU B 91 -0.68 -5.54 14.05
N LYS B 92 -0.53 -4.44 14.79
CA LYS B 92 -1.00 -4.36 16.18
C LYS B 92 -2.51 -4.58 16.24
N ILE B 93 -3.26 -3.95 15.32
CA ILE B 93 -4.71 -4.09 15.29
C ILE B 93 -5.08 -5.55 15.01
N ILE B 94 -4.46 -6.15 13.99
CA ILE B 94 -4.72 -7.54 13.64
C ILE B 94 -4.17 -8.47 14.73
N ASP A 25 -9.30 12.01 -12.01
CA ASP A 25 -9.63 11.15 -10.83
C ASP A 25 -9.37 9.68 -11.20
N TYR A 26 -8.35 9.09 -10.59
CA TYR A 26 -7.99 7.70 -10.85
C TYR A 26 -9.12 6.74 -10.44
N ILE A 27 -9.95 7.16 -9.48
CA ILE A 27 -11.08 6.34 -9.01
C ILE A 27 -12.05 6.06 -10.15
N GLN A 28 -12.41 7.11 -10.91
CA GLN A 28 -13.34 6.98 -12.03
C GLN A 28 -12.73 6.12 -13.14
N LEU A 29 -11.46 6.40 -13.47
CA LEU A 29 -10.77 5.65 -14.52
C LEU A 29 -10.62 4.17 -14.15
N LEU A 30 -10.32 3.92 -12.87
CA LEU A 30 -10.15 2.55 -12.40
C LEU A 30 -11.46 1.75 -12.51
N SER A 31 -12.58 2.42 -12.23
CA SER A 31 -13.89 1.78 -12.29
C SER A 31 -14.14 1.17 -13.69
N GLU A 32 -13.75 1.92 -14.73
CA GLU A 32 -13.95 1.46 -16.11
C GLU A 32 -13.09 0.22 -16.40
N ILE A 33 -11.83 0.24 -15.96
CA ILE A 33 -10.91 -0.88 -16.18
C ILE A 33 -11.40 -2.12 -15.42
N ALA A 34 -11.83 -1.91 -14.17
CA ALA A 34 -12.32 -3.01 -13.34
C ALA A 34 -13.57 -3.64 -13.95
N LYS A 35 -14.48 -2.79 -14.43
CA LYS A 35 -15.72 -3.27 -15.05
C LYS A 35 -15.41 -4.06 -16.32
N GLU A 36 -14.42 -3.60 -17.08
CA GLU A 36 -14.03 -4.27 -18.33
C GLU A 36 -13.52 -5.69 -18.04
N GLN A 37 -12.76 -5.84 -16.96
CA GLN A 37 -12.21 -7.13 -16.56
C GLN A 37 -13.26 -8.01 -15.84
N GLY A 38 -14.36 -7.39 -15.41
CA GLY A 38 -15.43 -8.12 -14.71
C GLY A 38 -15.08 -8.36 -13.24
N PHE A 39 -14.21 -7.51 -12.67
CA PHE A 39 -13.80 -7.63 -11.28
C PHE A 39 -14.39 -6.49 -10.44
N ASN A 40 -14.62 -6.76 -9.15
CA ASN A 40 -15.19 -5.76 -8.24
C ASN A 40 -14.20 -5.45 -7.11
N ILE A 41 -13.93 -4.16 -6.89
CA ILE A 41 -13.02 -3.74 -5.83
C ILE A 41 -13.81 -3.14 -4.66
N THR A 42 -13.53 -3.61 -3.44
CA THR A 42 -14.21 -3.11 -2.25
C THR A 42 -13.29 -2.14 -1.49
N TYR A 43 -13.78 -0.92 -1.19
CA TYR A 43 -12.97 0.07 -0.48
C TYR A 43 -13.42 0.21 0.97
N LEU A 44 -12.46 0.18 1.90
CA LEU A 44 -12.76 0.31 3.32
C LEU A 44 -11.79 1.27 3.99
N ASP A 45 -12.28 2.45 4.39
CA ASP A 45 -11.45 3.45 5.05
C ASP A 45 -11.16 3.04 6.50
N ILE A 46 -9.91 3.20 6.92
CA ILE A 46 -9.50 2.83 8.28
C ILE A 46 -10.06 3.83 9.29
N ASP A 47 -11.20 3.49 9.89
CA ASP A 47 -11.87 4.32 10.90
C ASP A 47 -11.89 5.81 10.49
N GLU A 48 -11.82 6.08 9.18
CA GLU A 48 -11.85 7.46 8.68
C GLU A 48 -10.83 8.35 9.43
N LEU A 49 -9.60 8.43 8.92
CA LEU A 49 -8.56 9.23 9.54
C LEU A 49 -8.86 10.73 9.35
N SER A 50 -7.98 11.58 9.89
CA SER A 50 -8.14 13.03 9.78
C SER A 50 -7.38 13.60 8.59
N ALA A 51 -7.97 14.60 7.94
CA ALA A 51 -7.33 15.24 6.78
C ALA A 51 -6.01 15.91 7.18
N ASN A 52 -5.96 16.45 8.40
CA ASN A 52 -4.76 17.12 8.91
C ASN A 52 -3.60 16.12 8.98
N GLY A 53 -3.90 14.91 9.48
CA GLY A 53 -2.89 13.86 9.60
C GLY A 53 -2.55 13.27 8.23
N GLN A 54 -3.03 12.05 7.98
CA GLN A 54 -2.78 11.38 6.71
C GLN A 54 -3.88 10.36 6.40
N TYR A 55 -4.71 10.67 5.42
CA TYR A 55 -5.80 9.78 5.02
C TYR A 55 -5.24 8.43 4.54
N GLN A 56 -6.01 7.35 4.76
CA GLN A 56 -5.58 6.01 4.35
C GLN A 56 -6.78 5.23 3.81
N CYS A 57 -6.53 4.28 2.89
CA CYS A 57 -7.61 3.49 2.32
C CYS A 57 -7.19 2.03 2.12
N LEU A 58 -8.11 1.10 2.35
CA LEU A 58 -7.84 -0.32 2.20
C LEU A 58 -8.77 -0.94 1.14
N ALA A 59 -8.18 -1.40 0.03
CA ALA A 59 -8.96 -2.01 -1.05
C ALA A 59 -8.88 -3.54 -0.96
N GLU A 60 -10.02 -4.18 -0.66
CA GLU A 60 -10.09 -5.63 -0.53
C GLU A 60 -10.80 -6.26 -1.72
N LEU A 61 -10.16 -7.24 -2.38
CA LEU A 61 -10.78 -7.89 -3.55
C LEU A 61 -11.64 -9.11 -3.12
N SER A 62 -12.93 -9.11 -3.52
CA SER A 62 -13.84 -10.21 -3.13
C SER A 62 -13.96 -11.31 -4.21
N THR A 63 -14.01 -10.92 -5.50
CA THR A 63 -14.09 -11.91 -6.59
C THR A 63 -12.68 -12.37 -7.03
N SER A 64 -11.70 -12.01 -6.21
CA SER A 64 -10.29 -12.31 -6.41
C SER A 64 -9.74 -12.86 -5.09
N PRO A 65 -8.54 -13.44 -5.06
CA PRO A 65 -7.98 -14.01 -3.81
C PRO A 65 -7.77 -12.85 -2.84
N ILE A 66 -7.62 -13.14 -1.54
CA ILE A 66 -7.62 -12.06 -0.55
C ILE A 66 -6.32 -11.25 -0.58
N THR A 67 -6.50 -10.00 -0.97
CA THR A 67 -5.43 -9.02 -1.09
C THR A 67 -5.95 -7.65 -0.64
N VAL A 68 -5.13 -6.94 0.13
CA VAL A 68 -5.51 -5.62 0.63
C VAL A 68 -4.50 -4.55 0.17
N CYS A 69 -5.00 -3.52 -0.51
CA CYS A 69 -4.14 -2.45 -1.00
C CYS A 69 -4.25 -1.24 -0.07
N HIS A 70 -3.12 -0.82 0.50
CA HIS A 70 -3.12 0.33 1.43
C HIS A 70 -2.50 1.58 0.78
N GLY A 71 -3.31 2.64 0.63
CA GLY A 71 -2.86 3.90 0.06
C GLY A 71 -2.86 4.98 1.14
N SER A 72 -2.13 6.08 0.90
CA SER A 72 -2.05 7.18 1.86
C SER A 72 -2.19 8.53 1.17
N GLY A 73 -2.63 9.53 1.94
CA GLY A 73 -2.81 10.89 1.42
C GLY A 73 -1.88 11.88 2.13
N ILE A 74 -1.50 12.94 1.41
CA ILE A 74 -0.60 13.98 1.96
C ILE A 74 -1.38 14.92 2.91
N SER A 75 -2.68 15.10 2.66
CA SER A 75 -3.51 15.97 3.49
C SER A 75 -4.99 15.76 3.16
N CYS A 76 -5.34 15.94 1.89
CA CYS A 76 -6.72 15.77 1.43
C CYS A 76 -7.03 14.28 1.27
N GLY A 77 -8.10 13.93 0.53
CA GLY A 77 -8.48 12.53 0.32
C GLY A 77 -7.68 11.91 -0.84
N ASN A 78 -6.38 12.23 -0.90
CA ASN A 78 -5.50 11.70 -1.95
C ASN A 78 -5.22 10.21 -1.74
N ALA A 79 -5.40 9.72 -0.51
CA ALA A 79 -5.16 8.31 -0.20
C ALA A 79 -6.07 7.41 -1.02
N GLN A 80 -7.31 7.85 -1.21
CA GLN A 80 -8.26 7.07 -2.01
C GLN A 80 -7.73 6.94 -3.44
N SER A 81 -7.12 8.02 -3.94
CA SER A 81 -6.53 8.03 -5.28
C SER A 81 -5.32 7.11 -5.33
N ASP A 82 -4.50 7.15 -4.27
CA ASP A 82 -3.30 6.33 -4.19
C ASP A 82 -3.65 4.85 -4.17
N ALA A 83 -4.74 4.50 -3.47
CA ALA A 83 -5.18 3.10 -3.38
C ALA A 83 -5.54 2.56 -4.77
N ALA A 84 -6.30 3.35 -5.54
CA ALA A 84 -6.69 2.94 -6.89
C ALA A 84 -5.46 2.92 -7.81
N HIS A 85 -4.62 3.93 -7.67
CA HIS A 85 -3.40 4.03 -8.48
C HIS A 85 -2.43 2.89 -8.15
N ASN A 86 -2.44 2.45 -6.89
CA ASN A 86 -1.57 1.36 -6.44
C ASN A 86 -1.87 0.07 -7.21
N ALA A 87 -3.15 -0.17 -7.51
CA ALA A 87 -3.56 -1.36 -8.25
C ALA A 87 -2.94 -1.37 -9.64
N LEU A 88 -3.00 -0.22 -10.32
CA LEU A 88 -2.44 -0.07 -11.66
C LEU A 88 -0.92 -0.24 -11.63
N GLN A 89 -0.30 0.36 -10.61
CA GLN A 89 1.16 0.29 -10.43
C GLN A 89 1.57 -1.12 -9.99
N TYR A 90 0.68 -1.81 -9.29
CA TYR A 90 0.94 -3.15 -8.79
C TYR A 90 1.22 -4.08 -9.97
N LEU A 91 0.43 -3.92 -11.04
CA LEU A 91 0.57 -4.73 -12.24
C LEU A 91 1.87 -4.38 -12.99
N LYS A 92 2.18 -3.08 -13.03
CA LYS A 92 3.36 -2.59 -13.73
C LYS A 92 4.65 -3.03 -13.03
N ILE A 93 4.74 -2.79 -11.72
CA ILE A 93 5.94 -3.14 -10.97
C ILE A 93 6.23 -4.65 -11.08
N ILE A 94 5.24 -5.50 -10.79
CA ILE A 94 5.43 -6.95 -10.89
C ILE A 94 5.68 -7.34 -12.36
N ASP B 25 15.18 2.90 12.31
CA ASP B 25 15.19 2.02 13.52
C ASP B 25 13.96 1.09 13.49
N TYR B 26 12.83 1.63 13.05
CA TYR B 26 11.59 0.85 12.97
C TYR B 26 11.77 -0.35 12.03
N ILE B 27 12.51 -0.15 10.95
CA ILE B 27 12.77 -1.22 9.99
C ILE B 27 13.41 -2.44 10.69
N GLN B 28 14.29 -2.15 11.67
CA GLN B 28 14.97 -3.20 12.42
C GLN B 28 13.99 -3.96 13.31
N LEU B 29 13.07 -3.22 13.95
CA LEU B 29 12.08 -3.81 14.84
C LEU B 29 11.13 -4.71 14.05
N LEU B 30 10.75 -4.27 12.85
CA LEU B 30 9.83 -5.04 12.00
C LEU B 30 10.43 -6.41 11.66
N SER B 31 11.73 -6.44 11.37
CA SER B 31 12.41 -7.68 11.03
C SER B 31 12.41 -8.64 12.22
N GLU B 32 12.61 -8.09 13.42
CA GLU B 32 12.65 -8.90 14.64
C GLU B 32 11.27 -9.49 14.97
N ILE B 33 10.24 -8.66 14.90
CA ILE B 33 8.87 -9.10 15.19
C ILE B 33 8.35 -10.02 14.07
N ALA B 34 8.76 -9.74 12.83
CA ALA B 34 8.34 -10.53 11.68
C ALA B 34 8.84 -11.99 11.79
N LYS B 35 10.07 -12.17 12.27
CA LYS B 35 10.65 -13.51 12.42
C LYS B 35 9.83 -14.34 13.40
N GLU B 36 9.48 -13.74 14.54
CA GLU B 36 8.69 -14.45 15.56
C GLU B 36 7.23 -14.62 15.12
N GLN B 37 6.71 -13.65 14.35
CA GLN B 37 5.33 -13.71 13.88
C GLN B 37 5.21 -14.52 12.58
N GLY B 38 6.34 -14.85 11.94
CA GLY B 38 6.33 -15.64 10.70
C GLY B 38 5.86 -14.82 9.49
N PHE B 39 6.35 -13.58 9.38
CA PHE B 39 5.99 -12.70 8.26
C PHE B 39 7.25 -12.26 7.51
N ASN B 40 7.09 -11.91 6.22
CA ASN B 40 8.23 -11.45 5.42
C ASN B 40 7.79 -10.32 4.51
N ILE B 41 8.57 -9.24 4.48
CA ILE B 41 8.24 -8.08 3.65
C ILE B 41 9.37 -7.77 2.67
N THR B 42 9.00 -7.50 1.41
CA THR B 42 9.96 -7.18 0.37
C THR B 42 9.79 -5.72 -0.08
N TYR B 43 10.75 -4.86 0.26
CA TYR B 43 10.67 -3.44 -0.10
C TYR B 43 11.11 -3.22 -1.54
N LEU B 44 10.20 -2.67 -2.37
CA LEU B 44 10.51 -2.37 -3.76
C LEU B 44 10.28 -0.89 -4.04
N ASP B 45 11.35 -0.10 -3.99
CA ASP B 45 11.27 1.34 -4.23
C ASP B 45 11.39 1.64 -5.73
N ILE B 46 10.56 0.95 -6.52
CA ILE B 46 10.57 1.13 -7.99
C ILE B 46 9.13 1.06 -8.52
N ASP B 47 8.52 2.23 -8.76
CA ASP B 47 7.16 2.29 -9.29
C ASP B 47 7.10 1.62 -10.66
N GLU B 48 8.10 1.90 -11.50
CA GLU B 48 8.19 1.34 -12.84
C GLU B 48 9.58 1.58 -13.42
N LEU B 49 10.08 2.82 -13.23
CA LEU B 49 11.40 3.19 -13.72
C LEU B 49 12.20 3.89 -12.61
N SER B 50 13.20 3.19 -12.07
CA SER B 50 14.03 3.72 -10.99
C SER B 50 14.99 4.80 -11.51
N ALA B 51 15.33 4.74 -12.81
CA ALA B 51 16.24 5.71 -13.42
C ALA B 51 15.75 7.14 -13.23
N ASN B 52 14.42 7.34 -13.36
CA ASN B 52 13.83 8.68 -13.21
C ASN B 52 13.22 8.89 -11.81
N GLY B 53 13.15 7.83 -10.99
CA GLY B 53 12.60 7.93 -9.64
C GLY B 53 11.13 8.39 -9.66
N GLN B 54 10.24 7.59 -9.06
CA GLN B 54 8.81 7.93 -9.00
C GLN B 54 8.41 8.47 -7.62
N TYR B 55 9.39 8.77 -6.75
CA TYR B 55 9.12 9.31 -5.42
C TYR B 55 8.10 8.44 -4.66
N GLN B 56 8.08 7.14 -4.94
CA GLN B 56 7.16 6.22 -4.27
C GLN B 56 7.80 4.84 -4.07
N CYS B 57 7.23 4.04 -3.15
CA CYS B 57 7.76 2.69 -2.91
C CYS B 57 6.61 1.71 -2.65
N LEU B 58 6.84 0.43 -2.93
CA LEU B 58 5.81 -0.60 -2.73
C LEU B 58 6.39 -1.81 -2.00
N ALA B 59 5.81 -2.15 -0.85
CA ALA B 59 6.25 -3.30 -0.06
C ALA B 59 5.38 -4.51 -0.37
N GLU B 60 6.00 -5.69 -0.48
CA GLU B 60 5.27 -6.92 -0.81
C GLU B 60 5.33 -7.93 0.35
N LEU B 61 4.14 -8.29 0.88
CA LEU B 61 4.02 -9.26 1.96
C LEU B 61 4.03 -10.69 1.39
N SER B 62 5.20 -11.36 1.45
CA SER B 62 5.37 -12.71 0.86
C SER B 62 4.85 -13.92 1.70
N THR B 63 4.98 -13.88 3.04
CA THR B 63 4.57 -15.04 3.87
C THR B 63 3.06 -15.17 4.03
N SER B 64 2.41 -14.04 4.28
CA SER B 64 0.96 -13.99 4.47
C SER B 64 0.29 -13.70 3.09
N PRO B 65 -1.01 -13.41 3.02
CA PRO B 65 -1.64 -13.09 1.69
C PRO B 65 -0.92 -11.92 1.06
N ILE B 66 -0.98 -11.81 -0.27
CA ILE B 66 -0.26 -10.74 -0.96
C ILE B 66 -0.88 -9.37 -0.61
N THR B 67 -0.08 -8.57 0.11
CA THR B 67 -0.50 -7.24 0.54
C THR B 67 0.46 -6.20 -0.02
N VAL B 68 -0.09 -5.11 -0.57
CA VAL B 68 0.75 -4.05 -1.16
C VAL B 68 0.66 -2.78 -0.30
N CYS B 69 1.80 -2.34 0.22
CA CYS B 69 1.85 -1.12 1.03
C CYS B 69 2.60 -0.02 0.28
N HIS B 70 2.08 1.22 0.31
CA HIS B 70 2.71 2.33 -0.41
C HIS B 70 3.62 3.15 0.52
N GLY B 71 4.82 3.51 0.02
CA GLY B 71 5.77 4.30 0.79
C GLY B 71 6.02 5.63 0.09
N SER B 72 6.71 6.56 0.77
CA SER B 72 6.99 7.89 0.19
C SER B 72 8.29 7.93 -0.59
N GLY B 73 9.33 7.26 -0.07
CA GLY B 73 10.63 7.23 -0.72
C GLY B 73 11.20 8.63 -0.92
N ILE B 74 11.22 9.43 0.15
CA ILE B 74 11.74 10.80 0.09
C ILE B 74 13.26 10.75 -0.08
N SER B 75 13.91 9.89 0.70
CA SER B 75 15.37 9.72 0.65
C SER B 75 15.72 8.24 0.74
N CYS B 76 17.01 7.93 0.66
CA CYS B 76 17.47 6.54 0.73
C CYS B 76 17.04 5.87 2.03
N GLY B 77 16.25 4.79 1.91
CA GLY B 77 15.78 4.05 3.09
C GLY B 77 14.52 4.68 3.71
N ASN B 78 14.17 5.90 3.30
CA ASN B 78 12.99 6.58 3.85
C ASN B 78 11.70 5.83 3.48
N ALA B 79 11.61 5.38 2.23
CA ALA B 79 10.43 4.64 1.77
C ALA B 79 10.15 3.45 2.68
N GLN B 80 11.22 2.74 3.04
CA GLN B 80 11.12 1.59 3.93
C GLN B 80 10.60 2.04 5.31
N SER B 81 11.09 3.19 5.78
CA SER B 81 10.71 3.72 7.09
C SER B 81 9.22 4.02 7.21
N ASP B 82 8.61 4.69 6.22
CA ASP B 82 7.18 5.01 6.30
C ASP B 82 6.33 3.73 6.23
N ALA B 83 6.80 2.75 5.45
CA ALA B 83 6.09 1.48 5.30
C ALA B 83 6.15 0.67 6.60
N ALA B 84 7.27 0.78 7.32
CA ALA B 84 7.46 0.07 8.58
C ALA B 84 6.43 0.53 9.61
N HIS B 85 6.23 1.85 9.70
CA HIS B 85 5.28 2.42 10.65
C HIS B 85 3.86 1.95 10.32
N ASN B 86 3.52 1.96 9.04
CA ASN B 86 2.21 1.53 8.58
C ASN B 86 1.97 0.05 8.89
N ALA B 87 3.03 -0.75 8.74
CA ALA B 87 2.95 -2.18 9.01
C ALA B 87 2.66 -2.43 10.50
N LEU B 88 3.39 -1.73 11.37
CA LEU B 88 3.21 -1.88 12.82
C LEU B 88 1.81 -1.42 13.22
N GLN B 89 1.36 -0.31 12.64
CA GLN B 89 0.04 0.25 12.93
C GLN B 89 -1.05 -0.70 12.42
N TYR B 90 -0.82 -1.28 11.24
CA TYR B 90 -1.77 -2.20 10.62
C TYR B 90 -1.91 -3.48 11.44
N LEU B 91 -0.78 -3.98 11.97
CA LEU B 91 -0.78 -5.20 12.76
C LEU B 91 -1.63 -5.03 14.03
N LYS B 92 -1.45 -3.88 14.70
CA LYS B 92 -2.19 -3.59 15.93
C LYS B 92 -3.71 -3.57 15.69
N ILE B 93 -4.13 -3.02 14.55
CA ILE B 93 -5.56 -2.94 14.23
C ILE B 93 -6.15 -4.35 14.12
N ILE B 94 -5.42 -5.26 13.46
CA ILE B 94 -5.88 -6.64 13.29
C ILE B 94 -6.00 -7.32 14.67
N ASP A 25 -9.92 12.55 -12.14
CA ASP A 25 -10.16 11.62 -11.00
C ASP A 25 -9.67 10.22 -11.37
N TYR A 26 -8.59 9.78 -10.70
CA TYR A 26 -8.02 8.45 -10.96
C TYR A 26 -9.02 7.33 -10.63
N ILE A 27 -9.93 7.59 -9.68
CA ILE A 27 -10.93 6.60 -9.27
C ILE A 27 -11.79 6.22 -10.48
N GLN A 28 -12.19 7.23 -11.27
CA GLN A 28 -13.02 6.99 -12.45
C GLN A 28 -12.26 6.19 -13.51
N LEU A 29 -10.98 6.53 -13.71
CA LEU A 29 -10.16 5.83 -14.71
C LEU A 29 -9.96 4.36 -14.33
N LEU A 30 -9.70 4.10 -13.06
CA LEU A 30 -9.48 2.74 -12.58
C LEU A 30 -10.74 1.90 -12.73
N SER A 31 -11.90 2.50 -12.44
CA SER A 31 -13.18 1.80 -12.54
C SER A 31 -13.44 1.31 -13.96
N GLU A 32 -13.11 2.15 -14.95
CA GLU A 32 -13.32 1.80 -16.36
C GLU A 32 -12.48 0.59 -16.77
N ILE A 33 -11.20 0.58 -16.38
CA ILE A 33 -10.32 -0.55 -16.73
C ILE A 33 -10.70 -1.79 -15.92
N ALA A 34 -11.10 -1.60 -14.66
CA ALA A 34 -11.49 -2.71 -13.80
C ALA A 34 -12.64 -3.51 -14.44
N LYS A 35 -13.60 -2.80 -15.03
CA LYS A 35 -14.74 -3.44 -15.68
C LYS A 35 -14.28 -4.22 -16.91
N GLU A 36 -13.32 -3.65 -17.65
CA GLU A 36 -12.80 -4.29 -18.86
C GLU A 36 -12.06 -5.60 -18.53
N GLN A 37 -11.39 -5.63 -17.37
CA GLN A 37 -10.65 -6.82 -16.95
C GLN A 37 -11.54 -7.82 -16.17
N GLY A 38 -12.72 -7.36 -15.72
CA GLY A 38 -13.65 -8.22 -14.98
C GLY A 38 -13.31 -8.29 -13.49
N PHE A 39 -12.68 -7.24 -12.95
CA PHE A 39 -12.32 -7.21 -11.53
C PHE A 39 -12.97 -6.01 -10.83
N ASN A 40 -13.31 -6.18 -9.55
CA ASN A 40 -13.92 -5.10 -8.76
C ASN A 40 -13.15 -4.89 -7.45
N ILE A 41 -12.77 -3.64 -7.20
CA ILE A 41 -12.01 -3.30 -5.99
C ILE A 41 -12.95 -2.67 -4.95
N THR A 42 -12.86 -3.15 -3.71
CA THR A 42 -13.70 -2.65 -2.61
C THR A 42 -12.87 -1.70 -1.73
N TYR A 43 -13.24 -0.41 -1.70
CA TYR A 43 -12.51 0.57 -0.90
C TYR A 43 -13.09 0.69 0.51
N LEU A 44 -12.22 0.58 1.52
CA LEU A 44 -12.63 0.69 2.91
C LEU A 44 -11.77 1.73 3.63
N ASP A 45 -12.34 2.91 3.87
CA ASP A 45 -11.63 4.00 4.53
C ASP A 45 -11.65 3.82 6.06
N ILE A 46 -10.48 4.00 6.67
CA ILE A 46 -10.33 3.87 8.13
C ILE A 46 -10.41 5.26 8.79
N ASP A 47 -11.31 5.40 9.77
CA ASP A 47 -11.49 6.68 10.47
C ASP A 47 -10.41 6.93 11.54
N GLU A 48 -9.25 6.27 11.42
CA GLU A 48 -8.16 6.44 12.37
C GLU A 48 -7.36 7.71 12.05
N LEU A 49 -6.31 7.98 12.83
CA LEU A 49 -5.46 9.16 12.63
C LEU A 49 -6.31 10.43 12.72
N SER A 50 -5.63 11.60 12.77
CA SER A 50 -6.32 12.88 12.86
C SER A 50 -6.86 13.30 11.50
N ALA A 51 -7.86 14.19 11.51
CA ALA A 51 -8.47 14.68 10.28
C ALA A 51 -7.46 15.49 9.46
N ASN A 52 -6.65 16.29 10.16
CA ASN A 52 -5.63 17.12 9.51
C ASN A 52 -4.34 16.33 9.24
N GLY A 53 -4.15 15.22 9.96
CA GLY A 53 -2.95 14.38 9.80
C GLY A 53 -2.87 13.81 8.38
N GLN A 54 -2.96 12.48 8.27
CA GLN A 54 -2.89 11.82 6.96
C GLN A 54 -3.97 10.73 6.85
N TYR A 55 -4.88 10.89 5.88
CA TYR A 55 -5.95 9.92 5.66
C TYR A 55 -5.38 8.64 5.07
N GLN A 56 -6.00 7.50 5.40
CA GLN A 56 -5.56 6.20 4.90
C GLN A 56 -6.72 5.44 4.25
N CYS A 57 -6.42 4.64 3.22
CA CYS A 57 -7.46 3.87 2.53
C CYS A 57 -6.98 2.44 2.27
N LEU A 58 -7.88 1.47 2.47
CA LEU A 58 -7.55 0.06 2.26
C LEU A 58 -8.39 -0.53 1.12
N ALA A 59 -7.71 -1.00 0.06
CA ALA A 59 -8.40 -1.59 -1.10
C ALA A 59 -8.41 -3.11 -0.98
N GLU A 60 -9.58 -3.69 -0.71
CA GLU A 60 -9.72 -5.14 -0.57
C GLU A 60 -10.38 -5.76 -1.79
N LEU A 61 -9.75 -6.81 -2.34
CA LEU A 61 -10.29 -7.50 -3.53
C LEU A 61 -11.22 -8.66 -3.12
N SER A 62 -12.47 -8.66 -3.64
CA SER A 62 -13.44 -9.71 -3.30
C SER A 62 -13.55 -10.80 -4.38
N THR A 63 -13.52 -10.42 -5.66
CA THR A 63 -13.58 -11.41 -6.76
C THR A 63 -12.17 -12.00 -6.99
N SER A 64 -11.19 -11.13 -6.77
CA SER A 64 -9.77 -11.46 -6.86
C SER A 64 -9.33 -12.06 -5.51
N PRO A 65 -8.16 -12.68 -5.42
CA PRO A 65 -7.72 -13.30 -4.13
C PRO A 65 -7.55 -12.19 -3.09
N ILE A 66 -7.52 -12.55 -1.81
CA ILE A 66 -7.53 -11.53 -0.76
C ILE A 66 -6.18 -10.84 -0.65
N THR A 67 -6.24 -9.54 -0.98
CA THR A 67 -5.10 -8.66 -0.95
C THR A 67 -5.61 -7.26 -0.54
N VAL A 68 -4.88 -6.62 0.36
CA VAL A 68 -5.26 -5.29 0.85
C VAL A 68 -4.17 -4.27 0.47
N CYS A 69 -4.57 -3.24 -0.27
CA CYS A 69 -3.63 -2.19 -0.69
C CYS A 69 -3.76 -0.99 0.24
N HIS A 70 -2.65 -0.60 0.86
CA HIS A 70 -2.65 0.54 1.79
C HIS A 70 -2.21 1.83 1.10
N GLY A 71 -3.12 2.82 1.04
CA GLY A 71 -2.83 4.11 0.41
C GLY A 71 -2.81 5.21 1.49
N SER A 72 -2.24 6.37 1.15
CA SER A 72 -2.16 7.48 2.11
C SER A 72 -2.41 8.83 1.42
N GLY A 73 -2.99 9.76 2.18
CA GLY A 73 -3.30 11.10 1.68
C GLY A 73 -2.81 12.17 2.65
N ILE A 74 -2.59 13.39 2.14
CA ILE A 74 -2.12 14.50 2.98
C ILE A 74 -3.26 15.44 3.45
N SER A 75 -4.50 15.21 2.97
CA SER A 75 -5.64 16.04 3.38
C SER A 75 -6.92 15.64 2.62
N CYS A 76 -8.07 15.97 3.21
CA CYS A 76 -9.38 15.68 2.61
C CYS A 76 -9.53 14.17 2.31
N GLY A 77 -9.08 13.72 1.12
CA GLY A 77 -9.20 12.31 0.75
C GLY A 77 -8.15 11.93 -0.31
N ASN A 78 -6.99 12.61 -0.29
CA ASN A 78 -5.92 12.34 -1.25
C ASN A 78 -5.53 10.84 -1.22
N ALA A 79 -5.79 10.17 -0.10
CA ALA A 79 -5.46 8.75 0.03
C ALA A 79 -6.21 7.92 -0.99
N GLN A 80 -7.47 8.29 -1.27
CA GLN A 80 -8.28 7.58 -2.26
C GLN A 80 -7.60 7.63 -3.63
N SER A 81 -7.00 8.78 -3.94
CA SER A 81 -6.31 8.96 -5.22
C SER A 81 -5.05 8.09 -5.28
N ASP A 82 -4.30 8.06 -4.19
CA ASP A 82 -3.07 7.27 -4.10
C ASP A 82 -3.37 5.78 -4.22
N ALA A 83 -4.39 5.32 -3.49
CA ALA A 83 -4.78 3.91 -3.51
C ALA A 83 -5.12 3.46 -4.93
N ALA A 84 -5.84 4.31 -5.67
CA ALA A 84 -6.21 4.00 -7.05
C ALA A 84 -4.96 3.89 -7.92
N HIS A 85 -4.01 4.81 -7.71
CA HIS A 85 -2.76 4.82 -8.47
C HIS A 85 -1.93 3.59 -8.12
N ASN A 86 -1.96 3.17 -6.85
CA ASN A 86 -1.20 2.01 -6.41
C ASN A 86 -1.68 0.74 -7.13
N ALA A 87 -2.99 0.66 -7.39
CA ALA A 87 -3.56 -0.48 -8.08
C ALA A 87 -2.95 -0.62 -9.48
N LEU A 88 -2.81 0.51 -10.16
CA LEU A 88 -2.22 0.53 -11.50
C LEU A 88 -0.77 0.05 -11.45
N GLN A 89 -0.04 0.51 -10.43
CA GLN A 89 1.36 0.14 -10.23
C GLN A 89 1.47 -1.32 -9.77
N TYR A 90 0.43 -1.79 -9.06
CA TYR A 90 0.40 -3.16 -8.54
C TYR A 90 0.24 -4.17 -9.70
N LEU A 91 -0.27 -3.71 -10.84
CA LEU A 91 -0.46 -4.58 -12.00
C LEU A 91 0.90 -4.94 -12.61
N LYS A 92 1.77 -3.94 -12.73
CA LYS A 92 3.09 -4.12 -13.32
C LYS A 92 4.02 -4.97 -12.44
N ILE A 93 4.06 -4.66 -11.14
CA ILE A 93 4.94 -5.38 -10.22
C ILE A 93 4.66 -6.89 -10.22
N ILE A 94 3.37 -7.28 -10.26
CA ILE A 94 3.00 -8.70 -10.28
C ILE A 94 3.65 -9.37 -11.51
N ASP B 25 15.66 1.03 8.43
CA ASP B 25 15.91 0.35 9.74
C ASP B 25 14.58 -0.10 10.35
N TYR B 26 13.50 0.64 10.07
CA TYR B 26 12.17 0.31 10.61
C TYR B 26 11.76 -1.10 10.21
N ILE B 27 12.10 -1.48 8.97
CA ILE B 27 11.79 -2.82 8.47
C ILE B 27 12.55 -3.87 9.29
N GLN B 28 13.78 -3.52 9.69
CA GLN B 28 14.63 -4.43 10.47
C GLN B 28 13.97 -4.82 11.80
N LEU B 29 13.36 -3.84 12.47
CA LEU B 29 12.69 -4.09 13.75
C LEU B 29 11.55 -5.08 13.58
N LEU B 30 10.68 -4.83 12.59
CA LEU B 30 9.54 -5.70 12.31
C LEU B 30 10.01 -7.08 11.85
N SER B 31 11.09 -7.10 11.05
CA SER B 31 11.64 -8.35 10.53
C SER B 31 12.02 -9.29 11.66
N GLU B 32 12.59 -8.74 12.75
CA GLU B 32 13.00 -9.56 13.89
C GLU B 32 11.79 -10.29 14.48
N ILE B 33 10.68 -9.57 14.58
CA ILE B 33 9.44 -10.14 15.12
C ILE B 33 8.84 -11.14 14.10
N ALA B 34 8.97 -10.82 12.81
CA ALA B 34 8.46 -11.68 11.75
C ALA B 34 9.10 -13.09 11.82
N LYS B 35 10.39 -13.13 12.15
CA LYS B 35 11.12 -14.40 12.26
C LYS B 35 10.50 -15.29 13.32
N GLU B 36 10.06 -14.68 14.43
CA GLU B 36 9.43 -15.43 15.51
C GLU B 36 8.16 -16.12 15.00
N GLN B 37 7.44 -15.44 14.11
CA GLN B 37 6.22 -15.99 13.51
C GLN B 37 6.55 -16.93 12.33
N GLY B 38 7.82 -16.92 11.87
CA GLY B 38 8.24 -17.78 10.77
C GLY B 38 7.90 -17.14 9.41
N PHE B 39 7.96 -15.80 9.34
CA PHE B 39 7.65 -15.08 8.10
C PHE B 39 8.62 -13.91 7.92
N ASN B 40 8.48 -13.19 6.80
CA ASN B 40 9.34 -12.06 6.49
C ASN B 40 8.63 -11.03 5.62
N ILE B 41 9.12 -9.79 5.65
CA ILE B 41 8.52 -8.72 4.85
C ILE B 41 9.34 -8.52 3.58
N THR B 42 8.69 -8.54 2.41
CA THR B 42 9.39 -8.35 1.14
C THR B 42 9.34 -6.89 0.70
N TYR B 43 10.48 -6.18 0.81
CA TYR B 43 10.55 -4.77 0.42
C TYR B 43 10.93 -4.64 -1.06
N LEU B 44 10.09 -3.94 -1.83
CA LEU B 44 10.34 -3.74 -3.26
C LEU B 44 10.36 -2.24 -3.58
N ASP B 45 11.26 -1.83 -4.48
CA ASP B 45 11.38 -0.42 -4.84
C ASP B 45 11.53 -0.23 -6.36
N ILE B 46 10.42 0.12 -7.03
CA ILE B 46 10.42 0.36 -8.47
C ILE B 46 11.21 -0.74 -9.23
N ASP B 47 10.62 -1.94 -9.29
CA ASP B 47 11.24 -3.07 -9.99
C ASP B 47 11.15 -2.91 -11.51
N GLU B 48 10.09 -2.26 -11.99
CA GLU B 48 9.88 -2.05 -13.42
C GLU B 48 10.25 -0.62 -13.84
N LEU B 49 11.04 -0.52 -14.91
CA LEU B 49 11.48 0.78 -15.44
C LEU B 49 11.97 1.72 -14.33
N SER B 50 13.29 1.74 -14.13
CA SER B 50 13.89 2.61 -13.12
C SER B 50 13.87 4.09 -13.57
N ALA B 51 14.04 4.31 -14.88
CA ALA B 51 14.03 5.66 -15.44
C ALA B 51 12.69 6.35 -15.18
N ASN B 52 11.60 5.59 -15.32
CA ASN B 52 10.25 6.12 -15.10
C ASN B 52 9.82 5.99 -13.63
N GLY B 53 10.74 5.54 -12.76
CA GLY B 53 10.44 5.38 -11.33
C GLY B 53 9.71 6.58 -10.74
N GLN B 54 8.71 6.32 -9.90
CA GLN B 54 7.92 7.37 -9.26
C GLN B 54 8.46 7.73 -7.86
N TYR B 55 9.66 7.24 -7.53
CA TYR B 55 10.28 7.51 -6.22
C TYR B 55 9.40 6.97 -5.08
N GLN B 56 8.75 5.82 -5.33
CA GLN B 56 7.89 5.18 -4.34
C GLN B 56 8.27 3.70 -4.21
N CYS B 57 7.88 3.06 -3.10
CA CYS B 57 8.21 1.63 -2.88
C CYS B 57 6.99 0.81 -2.47
N LEU B 58 7.01 -0.49 -2.78
CA LEU B 58 5.91 -1.38 -2.42
C LEU B 58 6.42 -2.54 -1.56
N ALA B 59 5.78 -2.76 -0.40
CA ALA B 59 6.18 -3.84 0.51
C ALA B 59 5.08 -4.89 0.64
N GLU B 60 5.49 -6.18 0.67
CA GLU B 60 4.53 -7.28 0.78
C GLU B 60 4.68 -7.99 2.13
N LEU B 61 3.55 -8.26 2.79
CA LEU B 61 3.57 -8.94 4.10
C LEU B 61 3.28 -10.44 3.96
N SER B 62 4.29 -11.29 4.20
CA SER B 62 4.14 -12.75 4.10
C SER B 62 3.50 -13.37 5.37
N THR B 63 3.43 -12.60 6.46
CA THR B 63 2.87 -13.09 7.74
C THR B 63 1.33 -13.18 7.71
N SER B 64 0.73 -12.91 6.55
CA SER B 64 -0.73 -12.95 6.40
C SER B 64 -1.05 -12.99 4.89
N PRO B 65 -2.29 -12.77 4.43
CA PRO B 65 -2.59 -12.78 2.96
C PRO B 65 -1.69 -11.72 2.30
N ILE B 66 -1.41 -11.88 1.01
CA ILE B 66 -0.49 -10.95 0.36
C ILE B 66 -1.13 -9.55 0.29
N THR B 67 -0.51 -8.63 1.04
CA THR B 67 -0.97 -7.25 1.12
C THR B 67 0.16 -6.33 0.70
N VAL B 68 -0.15 -5.32 -0.12
CA VAL B 68 0.87 -4.38 -0.59
C VAL B 68 0.70 -3.00 0.04
N CYS B 69 1.72 -2.56 0.77
CA CYS B 69 1.72 -1.24 1.41
C CYS B 69 2.72 -0.36 0.66
N HIS B 70 2.31 0.86 0.27
CA HIS B 70 3.20 1.73 -0.50
C HIS B 70 3.93 2.77 0.37
N GLY B 71 5.19 3.07 0.00
CA GLY B 71 6.00 4.09 0.68
C GLY B 71 6.10 5.29 -0.25
N SER B 72 6.23 6.49 0.32
CA SER B 72 6.27 7.71 -0.51
C SER B 72 7.66 8.04 -1.04
N GLY B 73 8.71 7.92 -0.21
CA GLY B 73 10.08 8.24 -0.65
C GLY B 73 10.14 9.63 -1.28
N ILE B 74 9.54 10.61 -0.60
CA ILE B 74 9.51 12.00 -1.08
C ILE B 74 10.83 12.72 -0.73
N SER B 75 11.49 12.30 0.35
CA SER B 75 12.74 12.92 0.78
C SER B 75 13.89 11.89 0.90
N CYS B 76 13.81 10.82 0.10
CA CYS B 76 14.84 9.77 0.11
C CYS B 76 14.95 9.13 1.50
N GLY B 77 14.54 7.86 1.60
CA GLY B 77 14.59 7.13 2.87
C GLY B 77 13.20 7.08 3.52
N ASN B 78 12.39 8.11 3.26
CA ASN B 78 11.03 8.20 3.82
C ASN B 78 10.17 7.02 3.33
N ALA B 79 10.40 6.60 2.08
CA ALA B 79 9.64 5.49 1.49
C ALA B 79 9.74 4.26 2.37
N GLN B 80 10.95 3.98 2.86
CA GLN B 80 11.19 2.83 3.72
C GLN B 80 10.40 2.98 5.02
N SER B 81 10.37 4.20 5.56
CA SER B 81 9.66 4.49 6.81
C SER B 81 8.15 4.33 6.64
N ASP B 82 7.61 4.82 5.52
CA ASP B 82 6.18 4.73 5.26
C ASP B 82 5.76 3.27 5.07
N ALA B 83 6.55 2.52 4.31
CA ALA B 83 6.27 1.12 4.04
C ALA B 83 6.43 0.30 5.31
N ALA B 84 7.49 0.56 6.07
CA ALA B 84 7.74 -0.15 7.33
C ALA B 84 6.70 0.22 8.38
N HIS B 85 6.33 1.50 8.41
CA HIS B 85 5.34 2.00 9.37
C HIS B 85 3.97 1.35 9.12
N ASN B 86 3.68 1.02 7.85
CA ASN B 86 2.41 0.39 7.48
C ASN B 86 2.26 -0.96 8.21
N ALA B 87 3.36 -1.70 8.30
CA ALA B 87 3.35 -3.01 8.97
C ALA B 87 3.01 -2.86 10.44
N LEU B 88 3.65 -1.91 11.12
CA LEU B 88 3.41 -1.66 12.54
C LEU B 88 1.97 -1.19 12.75
N GLN B 89 1.48 -0.32 11.85
CA GLN B 89 0.12 0.19 11.95
C GLN B 89 -0.91 -0.92 11.80
N TYR B 90 -0.61 -1.92 10.95
CA TYR B 90 -1.52 -3.04 10.74
C TYR B 90 -1.38 -4.05 11.89
N LEU B 91 -0.17 -4.16 12.45
CA LEU B 91 0.10 -5.09 13.55
C LEU B 91 -0.74 -4.75 14.79
N LYS B 92 -0.89 -3.45 15.09
CA LYS B 92 -1.65 -3.02 16.26
C LYS B 92 -3.14 -3.37 16.12
N ILE B 93 -3.68 -3.22 14.90
CA ILE B 93 -5.09 -3.52 14.64
C ILE B 93 -5.36 -5.01 14.87
N ILE B 94 -4.52 -5.87 14.27
CA ILE B 94 -4.67 -7.32 14.41
C ILE B 94 -4.34 -7.76 15.84
N ASP A 25 -9.30 12.33 -11.53
CA ASP A 25 -8.89 11.36 -10.47
C ASP A 25 -8.88 9.94 -11.06
N TYR A 26 -7.72 9.29 -10.99
CA TYR A 26 -7.57 7.92 -11.52
C TYR A 26 -8.63 6.96 -10.94
N ILE A 27 -9.20 7.31 -9.79
CA ILE A 27 -10.22 6.46 -9.15
C ILE A 27 -11.36 6.15 -10.14
N GLN A 28 -11.74 7.15 -10.94
CA GLN A 28 -12.82 6.98 -11.92
C GLN A 28 -12.43 5.95 -12.98
N LEU A 29 -11.19 6.07 -13.48
CA LEU A 29 -10.68 5.15 -14.50
C LEU A 29 -10.54 3.73 -13.95
N LEU A 30 -10.10 3.63 -12.69
CA LEU A 30 -9.93 2.33 -12.05
C LEU A 30 -11.25 1.56 -11.97
N SER A 31 -12.34 2.29 -11.69
CA SER A 31 -13.67 1.69 -11.59
C SER A 31 -14.11 1.14 -12.94
N GLU A 32 -13.84 1.89 -14.01
CA GLU A 32 -14.24 1.48 -15.37
C GLU A 32 -13.45 0.26 -15.84
N ILE A 33 -12.13 0.25 -15.60
CA ILE A 33 -11.28 -0.87 -16.01
C ILE A 33 -11.57 -2.10 -15.14
N ALA A 34 -11.83 -1.88 -13.85
CA ALA A 34 -12.12 -2.97 -12.93
C ALA A 34 -13.37 -3.74 -13.37
N LYS A 35 -14.40 -2.99 -13.79
CA LYS A 35 -15.65 -3.59 -14.24
C LYS A 35 -15.44 -4.39 -15.55
N GLU A 36 -14.60 -3.84 -16.44
CA GLU A 36 -14.31 -4.47 -17.72
C GLU A 36 -13.69 -5.86 -17.50
N GLN A 37 -12.82 -5.97 -16.50
CA GLN A 37 -12.15 -7.25 -16.19
C GLN A 37 -13.09 -8.21 -15.44
N GLY A 38 -14.21 -7.70 -14.93
CA GLY A 38 -15.17 -8.53 -14.19
C GLY A 38 -14.81 -8.63 -12.71
N PHE A 39 -14.11 -7.62 -12.19
CA PHE A 39 -13.70 -7.60 -10.78
C PHE A 39 -14.02 -6.24 -10.15
N ASN A 40 -14.33 -6.25 -8.85
CA ASN A 40 -14.65 -5.02 -8.12
C ASN A 40 -13.77 -4.88 -6.88
N ILE A 41 -13.35 -3.65 -6.59
CA ILE A 41 -12.50 -3.38 -5.42
C ILE A 41 -13.31 -2.62 -4.36
N THR A 42 -13.21 -3.08 -3.11
CA THR A 42 -13.93 -2.45 -2.00
C THR A 42 -12.99 -1.55 -1.19
N TYR A 43 -13.13 -0.23 -1.32
CA TYR A 43 -12.28 0.71 -0.59
C TYR A 43 -12.87 1.02 0.78
N LEU A 44 -12.02 1.01 1.82
CA LEU A 44 -12.46 1.29 3.19
C LEU A 44 -11.63 2.42 3.77
N ASP A 45 -12.23 3.61 3.89
CA ASP A 45 -11.53 4.77 4.43
C ASP A 45 -11.67 4.83 5.95
N ILE A 46 -10.53 4.83 6.64
CA ILE A 46 -10.51 4.88 8.10
C ILE A 46 -10.85 6.30 8.60
N ASP A 47 -11.93 6.41 9.39
CA ASP A 47 -12.38 7.69 9.91
C ASP A 47 -11.31 8.35 10.80
N GLU A 48 -10.55 7.52 11.53
CA GLU A 48 -9.50 8.03 12.41
C GLU A 48 -8.51 8.92 11.65
N LEU A 49 -8.75 10.23 11.69
CA LEU A 49 -7.89 11.20 11.01
C LEU A 49 -7.23 12.12 12.04
N SER A 50 -6.37 13.04 11.56
CA SER A 50 -5.66 14.00 12.43
C SER A 50 -4.51 13.33 13.19
N ALA A 51 -4.79 12.18 13.82
CA ALA A 51 -3.76 11.44 14.58
C ALA A 51 -2.50 11.22 13.73
N ASN A 52 -2.70 10.99 12.43
CA ASN A 52 -1.57 10.77 11.51
C ASN A 52 -1.34 11.99 10.61
N GLY A 53 -2.36 12.83 10.45
CA GLY A 53 -2.25 14.03 9.62
C GLY A 53 -2.21 13.68 8.11
N GLN A 54 -2.70 12.49 7.76
CA GLN A 54 -2.71 12.05 6.36
C GLN A 54 -3.82 11.03 6.12
N TYR A 55 -4.59 11.23 5.05
CA TYR A 55 -5.68 10.33 4.70
C TYR A 55 -5.13 8.95 4.30
N GLN A 56 -5.78 7.90 4.79
CA GLN A 56 -5.37 6.53 4.49
C GLN A 56 -6.57 5.71 4.02
N CYS A 57 -6.32 4.71 3.16
CA CYS A 57 -7.42 3.87 2.64
C CYS A 57 -7.02 2.41 2.54
N LEU A 58 -7.96 1.52 2.84
CA LEU A 58 -7.71 0.07 2.77
C LEU A 58 -8.58 -0.56 1.67
N ALA A 59 -7.94 -1.07 0.62
CA ALA A 59 -8.66 -1.70 -0.49
C ALA A 59 -8.62 -3.22 -0.36
N GLU A 60 -9.81 -3.84 -0.30
CA GLU A 60 -9.90 -5.30 -0.16
C GLU A 60 -10.56 -5.93 -1.38
N LEU A 61 -9.91 -6.95 -1.96
CA LEU A 61 -10.45 -7.64 -3.14
C LEU A 61 -11.39 -8.80 -2.74
N SER A 62 -12.63 -8.78 -3.26
CA SER A 62 -13.62 -9.82 -2.94
C SER A 62 -13.75 -10.88 -4.06
N THR A 63 -13.74 -10.45 -5.32
CA THR A 63 -13.81 -11.38 -6.47
C THR A 63 -12.43 -11.98 -6.72
N SER A 64 -11.42 -11.15 -6.47
CA SER A 64 -10.02 -11.49 -6.59
C SER A 64 -9.57 -12.15 -5.27
N PRO A 65 -8.40 -12.78 -5.22
CA PRO A 65 -7.94 -13.46 -3.96
C PRO A 65 -7.73 -12.39 -2.90
N ILE A 66 -7.68 -12.78 -1.62
CA ILE A 66 -7.66 -11.78 -0.55
C ILE A 66 -6.31 -11.07 -0.45
N THR A 67 -6.41 -9.77 -0.77
CA THR A 67 -5.29 -8.86 -0.77
C THR A 67 -5.76 -7.52 -0.21
N VAL A 68 -4.95 -6.91 0.67
CA VAL A 68 -5.30 -5.61 1.25
C VAL A 68 -4.26 -4.55 0.85
N CYS A 69 -4.74 -3.45 0.26
CA CYS A 69 -3.85 -2.37 -0.19
C CYS A 69 -4.01 -1.13 0.69
N HIS A 70 -2.88 -0.52 1.09
CA HIS A 70 -2.90 0.67 1.93
C HIS A 70 -2.38 1.88 1.13
N GLY A 71 -3.22 2.91 0.95
CA GLY A 71 -2.83 4.10 0.22
C GLY A 71 -2.76 5.31 1.17
N SER A 72 -2.07 6.37 0.74
CA SER A 72 -1.93 7.57 1.57
C SER A 72 -2.09 8.83 0.70
N GLY A 73 -2.69 9.87 1.28
CA GLY A 73 -2.89 11.13 0.56
C GLY A 73 -2.70 12.34 1.47
N ILE A 74 -2.75 13.53 0.87
CA ILE A 74 -2.56 14.79 1.61
C ILE A 74 -3.85 15.63 1.66
N SER A 75 -4.98 15.09 1.16
CA SER A 75 -6.24 15.83 1.16
C SER A 75 -7.42 14.85 1.01
N CYS A 76 -8.65 15.40 1.04
CA CYS A 76 -9.85 14.57 0.91
C CYS A 76 -9.84 13.76 -0.39
N GLY A 77 -9.94 12.44 -0.26
CA GLY A 77 -9.95 11.54 -1.42
C GLY A 77 -8.60 11.51 -2.14
N ASN A 78 -7.55 12.08 -1.53
CA ASN A 78 -6.22 12.09 -2.14
C ASN A 78 -5.56 10.72 -2.04
N ALA A 79 -5.74 10.05 -0.89
CA ALA A 79 -5.16 8.72 -0.67
C ALA A 79 -5.72 7.71 -1.66
N GLN A 80 -7.01 7.82 -1.97
CA GLN A 80 -7.66 6.93 -2.92
C GLN A 80 -7.01 7.03 -4.29
N SER A 81 -6.61 8.25 -4.66
CA SER A 81 -5.98 8.49 -5.96
C SER A 81 -4.62 7.79 -6.04
N ASP A 82 -3.87 7.78 -4.93
CA ASP A 82 -2.56 7.14 -4.88
C ASP A 82 -2.70 5.63 -4.98
N ALA A 83 -3.66 5.07 -4.24
CA ALA A 83 -3.89 3.62 -4.24
C ALA A 83 -4.38 3.17 -5.62
N ALA A 84 -5.25 3.97 -6.24
CA ALA A 84 -5.80 3.66 -7.56
C ALA A 84 -4.71 3.73 -8.63
N HIS A 85 -3.89 4.78 -8.58
CA HIS A 85 -2.81 4.96 -9.56
C HIS A 85 -1.73 3.90 -9.38
N ASN A 86 -1.40 3.60 -8.12
CA ASN A 86 -0.39 2.60 -7.79
C ASN A 86 -0.85 1.20 -8.19
N ALA A 87 -2.16 0.94 -8.09
CA ALA A 87 -2.73 -0.36 -8.43
C ALA A 87 -2.43 -0.72 -9.89
N LEU A 88 -2.55 0.26 -10.79
CA LEU A 88 -2.30 0.04 -12.21
C LEU A 88 -0.84 -0.34 -12.44
N GLN A 89 0.07 0.37 -11.76
CA GLN A 89 1.51 0.11 -11.89
C GLN A 89 1.88 -1.19 -11.17
N TYR A 90 1.13 -1.55 -10.12
CA TYR A 90 1.37 -2.77 -9.38
C TYR A 90 1.14 -4.01 -10.27
N LEU A 91 0.40 -3.83 -11.36
CA LEU A 91 0.13 -4.93 -12.28
C LEU A 91 1.39 -5.32 -13.03
N LYS A 92 2.17 -4.31 -13.43
CA LYS A 92 3.41 -4.52 -14.18
C LYS A 92 4.50 -5.18 -13.31
N ILE A 93 4.68 -4.67 -12.09
CA ILE A 93 5.72 -5.20 -11.20
C ILE A 93 5.50 -6.69 -10.87
N ILE A 94 4.26 -7.07 -10.52
CA ILE A 94 3.97 -8.46 -10.19
C ILE A 94 4.31 -9.38 -11.37
N ASP B 25 15.94 2.14 14.78
CA ASP B 25 15.59 1.52 13.47
C ASP B 25 14.28 0.73 13.61
N TYR B 26 13.18 1.36 13.22
CA TYR B 26 11.86 0.72 13.31
C TYR B 26 11.79 -0.51 12.40
N ILE B 27 12.46 -0.43 11.24
CA ILE B 27 12.49 -1.53 10.28
C ILE B 27 13.03 -2.79 10.96
N GLN B 28 14.01 -2.61 11.85
CA GLN B 28 14.62 -3.74 12.57
C GLN B 28 13.60 -4.38 13.52
N LEU B 29 12.80 -3.54 14.19
CA LEU B 29 11.78 -4.02 15.12
C LEU B 29 10.78 -4.92 14.40
N LEU B 30 10.27 -4.45 13.27
CA LEU B 30 9.30 -5.21 12.47
C LEU B 30 9.97 -6.46 11.87
N SER B 31 11.22 -6.28 11.40
CA SER B 31 11.96 -7.38 10.80
C SER B 31 12.15 -8.53 11.79
N GLU B 32 12.45 -8.18 13.05
CA GLU B 32 12.66 -9.19 14.10
C GLU B 32 11.37 -9.97 14.36
N ILE B 33 10.26 -9.25 14.40
CA ILE B 33 8.95 -9.85 14.64
C ILE B 33 8.57 -10.76 13.46
N ALA B 34 8.83 -10.29 12.24
CA ALA B 34 8.52 -11.05 11.04
C ALA B 34 9.35 -12.33 10.99
N LYS B 35 10.65 -12.22 11.32
CA LYS B 35 11.54 -13.38 11.32
C LYS B 35 11.13 -14.38 12.40
N GLU B 36 10.72 -13.85 13.56
CA GLU B 36 10.29 -14.69 14.68
C GLU B 36 9.00 -15.45 14.31
N GLN B 37 8.10 -14.76 13.60
CA GLN B 37 6.82 -15.37 13.19
C GLN B 37 6.97 -16.18 11.90
N GLY B 38 8.13 -16.04 11.22
CA GLY B 38 8.38 -16.79 9.98
C GLY B 38 7.78 -16.11 8.74
N PHE B 39 7.47 -14.81 8.84
CA PHE B 39 6.91 -14.06 7.72
C PHE B 39 8.02 -13.28 7.00
N ASN B 40 7.82 -12.99 5.71
CA ASN B 40 8.82 -12.26 4.93
C ASN B 40 8.15 -11.12 4.15
N ILE B 41 8.84 -9.97 4.10
CA ILE B 41 8.32 -8.79 3.39
C ILE B 41 9.26 -8.44 2.23
N THR B 42 8.71 -8.36 1.01
CA THR B 42 9.50 -8.04 -0.17
C THR B 42 9.39 -6.54 -0.51
N TYR B 43 10.48 -5.78 -0.33
CA TYR B 43 10.46 -4.34 -0.62
C TYR B 43 10.90 -4.09 -2.06
N LEU B 44 10.07 -3.34 -2.81
CA LEU B 44 10.37 -3.02 -4.21
C LEU B 44 10.13 -1.54 -4.47
N ASP B 45 11.21 -0.76 -4.54
CA ASP B 45 11.12 0.67 -4.79
C ASP B 45 11.02 0.97 -6.29
N ILE B 46 10.36 2.08 -6.62
CA ILE B 46 10.20 2.49 -8.03
C ILE B 46 9.42 1.41 -8.79
N ASP B 47 8.15 1.71 -9.13
CA ASP B 47 7.30 0.76 -9.85
C ASP B 47 7.91 0.37 -11.19
N GLU B 48 8.35 1.37 -11.97
CA GLU B 48 8.95 1.12 -13.29
C GLU B 48 9.45 2.42 -13.93
N LEU B 49 8.52 3.32 -14.25
CA LEU B 49 8.86 4.59 -14.89
C LEU B 49 9.68 5.49 -13.95
N SER B 50 10.96 5.66 -14.28
CA SER B 50 11.85 6.50 -13.48
C SER B 50 11.57 7.99 -13.72
N ALA B 51 11.30 8.34 -14.98
CA ALA B 51 11.02 9.73 -15.35
C ALA B 51 9.79 10.23 -14.59
N ASN B 52 8.77 9.38 -14.49
CA ASN B 52 7.53 9.73 -13.78
C ASN B 52 7.59 9.32 -12.29
N GLY B 53 8.76 8.81 -11.84
CA GLY B 53 8.92 8.38 -10.46
C GLY B 53 8.41 9.43 -9.47
N GLN B 54 7.28 9.14 -8.82
CA GLN B 54 6.68 10.04 -7.84
C GLN B 54 7.35 9.92 -6.45
N TYR B 55 8.49 9.21 -6.39
CA TYR B 55 9.22 9.00 -5.14
C TYR B 55 8.33 8.27 -4.12
N GLN B 56 8.10 6.99 -4.39
CA GLN B 56 7.27 6.14 -3.53
C GLN B 56 7.82 4.72 -3.53
N CYS B 57 7.46 3.91 -2.54
CA CYS B 57 7.94 2.52 -2.47
C CYS B 57 6.80 1.54 -2.20
N LEU B 58 6.97 0.29 -2.65
CA LEU B 58 5.95 -0.74 -2.45
C LEU B 58 6.51 -1.97 -1.75
N ALA B 59 5.92 -2.32 -0.60
CA ALA B 59 6.34 -3.49 0.17
C ALA B 59 5.20 -4.51 0.24
N GLU B 60 5.46 -5.76 -0.13
CA GLU B 60 4.42 -6.80 -0.13
C GLU B 60 4.78 -8.01 0.73
N LEU B 61 3.76 -8.63 1.34
CA LEU B 61 3.99 -9.82 2.18
C LEU B 61 4.15 -11.07 1.29
N SER B 62 5.30 -11.73 1.39
CA SER B 62 5.59 -12.92 0.59
C SER B 62 4.95 -14.22 1.14
N THR B 63 4.89 -14.36 2.47
CA THR B 63 4.35 -15.58 3.09
C THR B 63 2.84 -15.45 3.39
N SER B 64 2.43 -14.31 3.92
CA SER B 64 1.01 -14.08 4.23
C SER B 64 0.24 -13.84 2.91
N PRO B 65 -1.08 -13.55 2.95
CA PRO B 65 -1.82 -13.27 1.67
C PRO B 65 -1.15 -12.09 0.99
N ILE B 66 -1.25 -12.00 -0.34
CA ILE B 66 -0.55 -10.91 -1.04
C ILE B 66 -1.20 -9.57 -0.65
N THR B 67 -0.46 -8.77 0.10
CA THR B 67 -0.91 -7.45 0.50
C THR B 67 0.12 -6.42 0.05
N VAL B 68 -0.34 -5.30 -0.51
CA VAL B 68 0.56 -4.25 -0.97
C VAL B 68 0.53 -3.04 -0.03
N CYS B 69 1.69 -2.69 0.50
CA CYS B 69 1.82 -1.54 1.41
C CYS B 69 2.57 -0.43 0.71
N HIS B 70 1.99 0.77 0.69
CA HIS B 70 2.61 1.91 0.00
C HIS B 70 3.40 2.79 0.96
N GLY B 71 4.70 3.02 0.65
CA GLY B 71 5.55 3.87 1.47
C GLY B 71 5.67 5.24 0.83
N SER B 72 6.00 6.26 1.63
CA SER B 72 6.11 7.63 1.10
C SER B 72 7.41 7.84 0.33
N GLY B 73 8.51 7.34 0.87
CA GLY B 73 9.81 7.47 0.21
C GLY B 73 10.17 8.93 -0.08
N ILE B 74 10.07 9.78 0.95
CA ILE B 74 10.39 11.20 0.79
C ILE B 74 11.92 11.35 0.61
N SER B 75 12.68 10.54 1.36
CA SER B 75 14.13 10.53 1.27
C SER B 75 14.63 9.09 1.19
N CYS B 76 15.78 8.87 0.53
CA CYS B 76 16.34 7.52 0.38
C CYS B 76 16.44 6.82 1.74
N GLY B 77 15.54 5.85 1.98
CA GLY B 77 15.52 5.10 3.23
C GLY B 77 14.21 5.32 4.00
N ASN B 78 13.62 6.51 3.87
CA ASN B 78 12.37 6.84 4.55
C ASN B 78 11.21 5.96 4.08
N ALA B 79 11.22 5.59 2.80
CA ALA B 79 10.16 4.75 2.23
C ALA B 79 10.02 3.45 3.02
N GLN B 80 11.15 2.80 3.25
CA GLN B 80 11.17 1.56 4.01
C GLN B 80 10.68 1.80 5.44
N SER B 81 11.11 2.93 6.01
CA SER B 81 10.75 3.28 7.38
C SER B 81 9.25 3.51 7.59
N ASP B 82 8.59 4.27 6.69
CA ASP B 82 7.16 4.52 6.84
C ASP B 82 6.34 3.23 6.66
N ALA B 83 6.81 2.36 5.75
CA ALA B 83 6.12 1.09 5.49
C ALA B 83 6.25 0.16 6.69
N ALA B 84 7.44 0.12 7.28
CA ALA B 84 7.70 -0.74 8.45
C ALA B 84 6.91 -0.22 9.66
N HIS B 85 6.89 1.11 9.82
CA HIS B 85 6.20 1.74 10.93
C HIS B 85 4.68 1.55 10.79
N ASN B 86 4.19 1.64 9.55
CA ASN B 86 2.76 1.47 9.28
C ASN B 86 2.32 0.06 9.64
N ALA B 87 3.18 -0.93 9.39
CA ALA B 87 2.88 -2.33 9.68
C ALA B 87 2.58 -2.51 11.17
N LEU B 88 3.37 -1.84 12.02
CA LEU B 88 3.18 -1.92 13.47
C LEU B 88 1.80 -1.40 13.85
N GLN B 89 1.41 -0.28 13.23
CA GLN B 89 0.11 0.32 13.50
C GLN B 89 -1.01 -0.59 12.99
N TYR B 90 -0.78 -1.22 11.82
CA TYR B 90 -1.75 -2.13 11.22
C TYR B 90 -2.01 -3.32 12.16
N LEU B 91 -0.94 -3.83 12.79
CA LEU B 91 -1.07 -4.95 13.70
C LEU B 91 -1.96 -4.59 14.91
N LYS B 92 -1.86 -3.35 15.35
CA LYS B 92 -2.64 -2.86 16.50
C LYS B 92 -4.14 -2.84 16.21
N ILE B 93 -4.53 -2.34 15.04
CA ILE B 93 -5.95 -2.25 14.67
C ILE B 93 -6.59 -3.63 14.49
N ILE B 94 -5.85 -4.58 13.90
CA ILE B 94 -6.39 -5.94 13.67
C ILE B 94 -6.57 -6.68 15.00
N ASP A 25 -7.63 11.43 -13.13
CA ASP A 25 -8.33 10.76 -11.99
C ASP A 25 -8.19 9.24 -12.14
N TYR A 26 -7.21 8.67 -11.44
CA TYR A 26 -6.98 7.22 -11.50
C TYR A 26 -8.16 6.45 -10.91
N ILE A 27 -8.77 7.02 -9.86
CA ILE A 27 -9.91 6.39 -9.19
C ILE A 27 -11.06 6.16 -10.19
N GLN A 28 -11.30 7.15 -11.06
CA GLN A 28 -12.37 7.06 -12.05
C GLN A 28 -12.04 6.00 -13.11
N LEU A 29 -10.79 6.00 -13.56
CA LEU A 29 -10.33 5.03 -14.57
C LEU A 29 -10.35 3.61 -14.01
N LEU A 30 -10.05 3.47 -12.71
CA LEU A 30 -10.02 2.16 -12.07
C LEU A 30 -11.38 1.47 -12.18
N SER A 31 -12.46 2.25 -12.08
CA SER A 31 -13.81 1.70 -12.18
C SER A 31 -14.01 0.94 -13.49
N GLU A 32 -13.51 1.51 -14.59
CA GLU A 32 -13.63 0.89 -15.91
C GLU A 32 -12.77 -0.37 -16.00
N ILE A 33 -11.55 -0.30 -15.45
CA ILE A 33 -10.62 -1.42 -15.47
C ILE A 33 -11.19 -2.60 -14.67
N ALA A 34 -11.81 -2.30 -13.53
CA ALA A 34 -12.40 -3.33 -12.66
C ALA A 34 -13.43 -4.15 -13.44
N LYS A 35 -14.30 -3.46 -14.18
CA LYS A 35 -15.34 -4.13 -14.98
C LYS A 35 -14.71 -4.84 -16.19
N GLU A 36 -13.64 -4.25 -16.73
CA GLU A 36 -12.96 -4.81 -17.90
C GLU A 36 -12.36 -6.18 -17.57
N GLN A 37 -11.79 -6.32 -16.37
CA GLN A 37 -11.19 -7.59 -15.95
C GLN A 37 -12.13 -8.41 -15.07
N GLY A 38 -13.20 -7.79 -14.55
CA GLY A 38 -14.18 -8.49 -13.72
C GLY A 38 -13.80 -8.56 -12.23
N PHE A 39 -13.00 -7.58 -11.75
CA PHE A 39 -12.61 -7.56 -10.33
C PHE A 39 -13.16 -6.31 -9.63
N ASN A 40 -13.65 -6.49 -8.39
CA ASN A 40 -14.21 -5.38 -7.62
C ASN A 40 -13.38 -5.12 -6.36
N ILE A 41 -13.15 -3.84 -6.05
CA ILE A 41 -12.38 -3.46 -4.86
C ILE A 41 -13.22 -2.54 -3.97
N THR A 42 -13.41 -2.94 -2.72
CA THR A 42 -14.20 -2.16 -1.76
C THR A 42 -13.25 -1.30 -0.90
N TYR A 43 -13.23 0.03 -1.16
CA TYR A 43 -12.35 0.93 -0.41
C TYR A 43 -13.00 1.32 0.92
N LEU A 44 -12.22 1.22 2.01
CA LEU A 44 -12.71 1.58 3.34
C LEU A 44 -11.88 2.73 3.90
N ASP A 45 -12.40 3.95 3.78
CA ASP A 45 -11.70 5.14 4.27
C ASP A 45 -11.92 5.33 5.77
N ILE A 46 -10.82 5.42 6.51
CA ILE A 46 -10.89 5.60 7.96
C ILE A 46 -11.31 7.04 8.29
N ASP A 47 -12.41 7.19 9.02
CA ASP A 47 -12.93 8.51 9.40
C ASP A 47 -11.97 9.19 10.39
N GLU A 48 -11.37 8.40 11.29
CA GLU A 48 -10.45 8.94 12.29
C GLU A 48 -9.31 9.71 11.62
N LEU A 49 -9.26 11.02 11.86
CA LEU A 49 -8.23 11.89 11.29
C LEU A 49 -7.55 12.71 12.39
N SER A 50 -6.21 12.76 12.36
CA SER A 50 -5.45 13.50 13.37
C SER A 50 -4.85 14.77 12.75
N ALA A 51 -4.19 15.59 13.59
CA ALA A 51 -3.59 16.83 13.12
C ALA A 51 -2.53 16.55 12.05
N ASN A 52 -1.77 15.47 12.23
CA ASN A 52 -0.73 15.08 11.28
C ASN A 52 -0.76 13.56 11.01
N GLY A 53 -1.93 12.93 11.22
CA GLY A 53 -2.07 11.49 10.99
C GLY A 53 -2.28 11.17 9.50
N GLN A 54 -2.62 12.19 8.70
CA GLN A 54 -2.85 12.02 7.26
C GLN A 54 -4.02 11.05 7.00
N TYR A 55 -4.72 11.28 5.88
CA TYR A 55 -5.86 10.44 5.50
C TYR A 55 -5.36 9.10 4.95
N GLN A 56 -5.94 8.00 5.46
CA GLN A 56 -5.55 6.65 5.01
C GLN A 56 -6.76 5.89 4.48
N CYS A 57 -6.51 4.91 3.60
CA CYS A 57 -7.59 4.11 3.02
C CYS A 57 -7.16 2.65 2.88
N LEU A 58 -8.10 1.74 3.17
CA LEU A 58 -7.84 0.29 3.06
C LEU A 58 -8.72 -0.34 1.99
N ALA A 59 -8.08 -0.87 0.93
CA ALA A 59 -8.82 -1.52 -0.16
C ALA A 59 -8.84 -3.04 0.05
N GLU A 60 -10.05 -3.61 0.14
CA GLU A 60 -10.21 -5.05 0.35
C GLU A 60 -10.93 -5.72 -0.83
N LEU A 61 -10.32 -6.77 -1.38
CA LEU A 61 -10.93 -7.51 -2.52
C LEU A 61 -11.75 -8.71 -2.03
N SER A 62 -13.04 -8.80 -2.41
CA SER A 62 -13.91 -9.90 -1.97
C SER A 62 -14.18 -10.94 -3.08
N THR A 63 -14.41 -10.47 -4.32
CA THR A 63 -14.65 -11.40 -5.45
C THR A 63 -13.30 -11.93 -5.96
N SER A 64 -12.31 -11.07 -5.85
CA SER A 64 -10.93 -11.34 -6.21
C SER A 64 -10.23 -12.02 -5.01
N PRO A 65 -9.05 -12.59 -5.16
CA PRO A 65 -8.37 -13.27 -4.03
C PRO A 65 -8.04 -12.20 -2.98
N ILE A 66 -7.76 -12.59 -1.73
CA ILE A 66 -7.64 -11.60 -0.67
C ILE A 66 -6.33 -10.82 -0.80
N THR A 67 -6.54 -9.54 -1.10
CA THR A 67 -5.48 -8.57 -1.26
C THR A 67 -5.89 -7.30 -0.52
N VAL A 68 -4.97 -6.75 0.27
CA VAL A 68 -5.24 -5.54 1.04
C VAL A 68 -4.21 -4.45 0.69
N CYS A 69 -4.69 -3.34 0.13
CA CYS A 69 -3.81 -2.23 -0.25
C CYS A 69 -3.92 -1.11 0.78
N HIS A 70 -2.76 -0.57 1.20
CA HIS A 70 -2.73 0.51 2.20
C HIS A 70 -2.19 1.80 1.54
N GLY A 71 -3.04 2.84 1.49
CA GLY A 71 -2.63 4.12 0.89
C GLY A 71 -2.77 5.27 1.89
N SER A 72 -2.14 6.39 1.58
CA SER A 72 -2.21 7.58 2.44
C SER A 72 -2.06 8.85 1.61
N GLY A 73 -2.76 9.92 2.01
CA GLY A 73 -2.71 11.18 1.28
C GLY A 73 -2.54 12.36 2.24
N ILE A 74 -2.35 13.56 1.67
CA ILE A 74 -2.16 14.77 2.47
C ILE A 74 -3.50 15.53 2.68
N SER A 75 -4.58 15.07 2.06
CA SER A 75 -5.89 15.70 2.18
C SER A 75 -7.00 14.66 2.05
N CYS A 76 -8.26 15.10 2.21
CA CYS A 76 -9.40 14.20 2.10
C CYS A 76 -9.69 13.87 0.63
N GLY A 77 -9.07 12.79 0.14
CA GLY A 77 -9.26 12.36 -1.26
C GLY A 77 -7.94 11.96 -1.91
N ASN A 78 -6.84 12.60 -1.49
CA ASN A 78 -5.51 12.31 -2.03
C ASN A 78 -5.09 10.87 -1.74
N ALA A 79 -5.54 10.32 -0.60
CA ALA A 79 -5.19 8.96 -0.20
C ALA A 79 -5.67 7.95 -1.23
N GLN A 80 -6.87 8.17 -1.76
CA GLN A 80 -7.44 7.28 -2.76
C GLN A 80 -6.56 7.25 -4.01
N SER A 81 -5.98 8.40 -4.36
CA SER A 81 -5.14 8.51 -5.55
C SER A 81 -3.88 7.64 -5.48
N ASP A 82 -3.21 7.63 -4.33
CA ASP A 82 -1.99 6.82 -4.18
C ASP A 82 -2.33 5.32 -4.12
N ALA A 83 -3.41 4.99 -3.42
CA ALA A 83 -3.85 3.60 -3.28
C ALA A 83 -4.24 3.03 -4.64
N ALA A 84 -5.01 3.81 -5.41
CA ALA A 84 -5.44 3.38 -6.75
C ALA A 84 -4.26 3.30 -7.71
N HIS A 85 -3.38 4.28 -7.63
CA HIS A 85 -2.19 4.34 -8.48
C HIS A 85 -1.23 3.20 -8.16
N ASN A 86 -1.10 2.89 -6.87
CA ASN A 86 -0.21 1.81 -6.42
C ASN A 86 -0.64 0.47 -7.00
N ALA A 87 -1.95 0.21 -7.01
CA ALA A 87 -2.48 -1.04 -7.53
C ALA A 87 -2.26 -1.15 -9.04
N LEU A 88 -2.41 -0.03 -9.75
CA LEU A 88 -2.22 0.00 -11.20
C LEU A 88 -0.78 -0.34 -11.58
N GLN A 89 0.18 0.28 -10.89
CA GLN A 89 1.59 0.03 -11.16
C GLN A 89 1.99 -1.35 -10.66
N TYR A 90 1.51 -1.70 -9.47
CA TYR A 90 1.80 -3.00 -8.88
C TYR A 90 1.33 -4.13 -9.81
N LEU A 91 0.43 -3.82 -10.74
CA LEU A 91 -0.09 -4.80 -11.68
C LEU A 91 1.04 -5.34 -12.58
N LYS A 92 2.06 -4.50 -12.83
CA LYS A 92 3.17 -4.88 -13.68
C LYS A 92 4.01 -5.97 -13.00
N ILE A 93 4.39 -5.72 -11.74
CA ILE A 93 5.19 -6.68 -11.00
C ILE A 93 4.43 -8.01 -10.83
N ILE A 94 3.18 -7.94 -10.33
CA ILE A 94 2.37 -9.14 -10.13
C ILE A 94 1.86 -9.68 -11.47
N ASP B 25 15.08 1.18 13.44
CA ASP B 25 13.99 1.71 12.58
C ASP B 25 12.80 0.77 12.64
N TYR B 26 11.69 1.17 11.99
CA TYR B 26 10.47 0.35 11.97
C TYR B 26 10.70 -0.95 11.19
N ILE B 27 11.52 -0.89 10.14
CA ILE B 27 11.82 -2.06 9.33
C ILE B 27 12.42 -3.17 10.23
N GLN B 28 13.24 -2.75 11.20
CA GLN B 28 13.89 -3.70 12.12
C GLN B 28 12.83 -4.51 12.88
N LEU B 29 11.78 -3.84 13.33
CA LEU B 29 10.69 -4.49 14.07
C LEU B 29 9.97 -5.52 13.20
N LEU B 30 9.67 -5.13 11.96
CA LEU B 30 8.98 -6.02 11.02
C LEU B 30 9.85 -7.23 10.69
N SER B 31 11.13 -6.99 10.45
CA SER B 31 12.07 -8.07 10.14
C SER B 31 12.21 -9.02 11.33
N GLU B 32 12.25 -8.44 12.54
CA GLU B 32 12.39 -9.23 13.76
C GLU B 32 11.22 -10.20 13.94
N ILE B 33 10.01 -9.72 13.71
CA ILE B 33 8.81 -10.56 13.85
C ILE B 33 8.74 -11.59 12.71
N ALA B 34 9.19 -11.20 11.52
CA ALA B 34 9.17 -12.07 10.36
C ALA B 34 10.01 -13.33 10.64
N LYS B 35 11.13 -13.18 11.35
CA LYS B 35 12.00 -14.30 11.69
C LYS B 35 11.24 -15.33 12.52
N GLU B 36 10.40 -14.85 13.44
CA GLU B 36 9.60 -15.72 14.30
C GLU B 36 8.62 -16.54 13.46
N GLN B 37 8.05 -15.91 12.43
CA GLN B 37 7.09 -16.59 11.54
C GLN B 37 7.80 -17.31 10.38
N GLY B 38 9.10 -17.05 10.18
CA GLY B 38 9.86 -17.68 9.11
C GLY B 38 9.57 -17.05 7.75
N PHE B 39 9.28 -15.74 7.75
CA PHE B 39 8.97 -15.02 6.51
C PHE B 39 9.82 -13.74 6.43
N ASN B 40 9.58 -12.91 5.41
CA ASN B 40 10.35 -11.69 5.22
C ASN B 40 9.53 -10.62 4.50
N ILE B 41 9.93 -9.36 4.67
CA ILE B 41 9.25 -8.24 4.02
C ILE B 41 10.04 -7.84 2.76
N THR B 42 9.36 -7.84 1.60
CA THR B 42 10.00 -7.52 0.34
C THR B 42 9.81 -6.04 -0.04
N TYR B 43 10.87 -5.23 0.06
CA TYR B 43 10.79 -3.81 -0.30
C TYR B 43 11.10 -3.63 -1.79
N LEU B 44 10.25 -2.87 -2.48
CA LEU B 44 10.43 -2.61 -3.91
C LEU B 44 10.54 -1.12 -4.18
N ASP B 45 11.42 -0.74 -5.10
CA ASP B 45 11.63 0.66 -5.45
C ASP B 45 11.30 0.90 -6.92
N ILE B 46 10.31 1.77 -7.18
CA ILE B 46 9.90 2.08 -8.55
C ILE B 46 9.38 0.81 -9.23
N ASP B 47 8.06 0.77 -9.45
CA ASP B 47 7.42 -0.40 -10.07
C ASP B 47 8.08 -0.75 -11.41
N GLU B 48 8.27 0.26 -12.27
CA GLU B 48 8.89 0.04 -13.58
C GLU B 48 9.09 1.36 -14.32
N LEU B 49 8.06 2.22 -14.29
CA LEU B 49 8.12 3.53 -14.95
C LEU B 49 8.31 4.65 -13.93
N SER B 50 9.45 5.35 -14.05
CA SER B 50 9.77 6.46 -13.14
C SER B 50 8.96 7.72 -13.46
N ALA B 51 8.41 7.78 -14.69
CA ALA B 51 7.62 8.95 -15.11
C ALA B 51 6.44 9.20 -14.16
N ASN B 52 5.79 8.13 -13.71
CA ASN B 52 4.66 8.25 -12.78
C ASN B 52 5.08 8.03 -11.32
N GLY B 53 6.39 7.86 -11.08
CA GLY B 53 6.90 7.64 -9.72
C GLY B 53 8.41 7.85 -9.68
N GLN B 54 8.84 9.10 -9.47
CA GLN B 54 10.27 9.43 -9.40
C GLN B 54 10.86 9.12 -8.03
N TYR B 55 10.01 9.06 -6.99
CA TYR B 55 10.47 8.76 -5.63
C TYR B 55 9.35 8.12 -4.80
N GLN B 56 9.14 6.80 -5.01
CA GLN B 56 8.11 6.07 -4.29
C GLN B 56 8.58 4.63 -4.03
N CYS B 57 7.99 3.99 -3.01
CA CYS B 57 8.35 2.61 -2.65
C CYS B 57 7.10 1.74 -2.46
N LEU B 58 7.25 0.43 -2.68
CA LEU B 58 6.16 -0.52 -2.54
C LEU B 58 6.64 -1.77 -1.80
N ALA B 59 5.97 -2.11 -0.69
CA ALA B 59 6.36 -3.29 0.10
C ALA B 59 5.37 -4.44 -0.10
N GLU B 60 5.90 -5.67 -0.22
CA GLU B 60 5.06 -6.86 -0.43
C GLU B 60 5.24 -7.85 0.72
N LEU B 61 4.13 -8.43 1.20
CA LEU B 61 4.17 -9.40 2.31
C LEU B 61 4.40 -10.85 1.82
N SER B 62 5.45 -11.46 2.34
CA SER B 62 5.87 -12.83 2.03
C SER B 62 5.09 -13.92 2.77
N THR B 63 4.28 -13.56 3.78
CA THR B 63 3.63 -14.58 4.63
C THR B 63 2.47 -15.36 3.98
N SER B 64 1.55 -14.72 3.24
CA SER B 64 0.46 -15.49 2.59
C SER B 64 -0.43 -14.64 1.67
N PRO B 65 -1.37 -13.82 2.16
CA PRO B 65 -2.24 -13.00 1.25
C PRO B 65 -1.44 -11.84 0.68
N ILE B 66 -1.71 -11.46 -0.57
CA ILE B 66 -0.97 -10.37 -1.18
C ILE B 66 -1.32 -9.07 -0.47
N THR B 67 -0.35 -8.50 0.25
CA THR B 67 -0.57 -7.23 0.93
C THR B 67 0.47 -6.24 0.44
N VAL B 68 0.00 -5.13 -0.15
CA VAL B 68 0.90 -4.10 -0.68
C VAL B 68 0.80 -2.81 0.12
N CYS B 69 1.94 -2.38 0.66
CA CYS B 69 2.01 -1.14 1.44
C CYS B 69 2.79 -0.10 0.62
N HIS B 70 2.34 1.16 0.66
CA HIS B 70 3.01 2.21 -0.13
C HIS B 70 4.02 3.00 0.73
N GLY B 71 5.08 3.50 0.07
CA GLY B 71 6.10 4.29 0.75
C GLY B 71 6.24 5.65 0.04
N SER B 72 6.54 6.70 0.79
CA SER B 72 6.67 8.03 0.21
C SER B 72 8.03 8.27 -0.43
N GLY B 73 9.10 7.82 0.25
CA GLY B 73 10.46 7.99 -0.26
C GLY B 73 10.76 9.47 -0.53
N ILE B 74 10.51 10.32 0.48
CA ILE B 74 10.75 11.76 0.34
C ILE B 74 12.26 12.04 0.31
N SER B 75 13.00 11.39 1.22
CA SER B 75 14.44 11.58 1.29
C SER B 75 15.17 10.36 0.71
N CYS B 76 14.98 9.19 1.33
CA CYS B 76 15.61 7.96 0.87
C CYS B 76 15.11 6.76 1.71
N GLY B 77 15.15 6.92 3.03
CA GLY B 77 14.69 5.87 3.94
C GLY B 77 13.24 6.11 4.42
N ASN B 78 12.66 7.26 4.05
CA ASN B 78 11.29 7.60 4.46
C ASN B 78 10.29 6.61 3.86
N ALA B 79 10.55 6.15 2.63
CA ALA B 79 9.66 5.19 1.97
C ALA B 79 9.53 3.91 2.78
N GLN B 80 10.66 3.38 3.22
CA GLN B 80 10.68 2.16 4.02
C GLN B 80 9.95 2.38 5.34
N SER B 81 10.18 3.55 5.94
CA SER B 81 9.56 3.90 7.23
C SER B 81 8.05 4.04 7.09
N ASP B 82 7.59 4.65 5.99
CA ASP B 82 6.15 4.84 5.77
C ASP B 82 5.44 3.50 5.59
N ALA B 83 6.05 2.61 4.80
CA ALA B 83 5.47 1.29 4.55
C ALA B 83 5.50 0.45 5.82
N ALA B 84 6.61 0.53 6.55
CA ALA B 84 6.76 -0.22 7.81
C ALA B 84 5.81 0.32 8.88
N HIS B 85 5.64 1.64 8.93
CA HIS B 85 4.76 2.28 9.89
C HIS B 85 3.31 1.88 9.65
N ASN B 86 2.93 1.75 8.37
CA ASN B 86 1.57 1.36 8.01
C ASN B 86 1.24 -0.03 8.55
N ALA B 87 2.21 -0.93 8.50
CA ALA B 87 2.02 -2.30 8.99
C ALA B 87 1.72 -2.30 10.49
N LEU B 88 2.49 -1.53 11.25
CA LEU B 88 2.30 -1.44 12.71
C LEU B 88 0.92 -0.85 13.02
N GLN B 89 0.50 0.15 12.26
CA GLN B 89 -0.80 0.79 12.45
C GLN B 89 -1.91 -0.23 12.25
N TYR B 90 -1.78 -1.05 11.20
CA TYR B 90 -2.78 -2.07 10.89
C TYR B 90 -2.76 -3.18 11.96
N LEU B 91 -1.56 -3.55 12.39
CA LEU B 91 -1.39 -4.60 13.40
C LEU B 91 -2.03 -4.17 14.74
N LYS B 92 -1.95 -2.88 15.04
CA LYS B 92 -2.50 -2.34 16.29
C LYS B 92 -4.03 -2.45 16.32
N ILE B 93 -4.69 -2.07 15.22
CA ILE B 93 -6.16 -2.11 15.16
C ILE B 93 -6.70 -3.55 15.21
N ILE B 94 -6.03 -4.49 14.52
CA ILE B 94 -6.45 -5.89 14.52
C ILE B 94 -6.22 -6.53 15.90
N ASP A 25 -9.61 11.12 -13.40
CA ASP A 25 -9.94 10.47 -12.10
C ASP A 25 -9.40 9.04 -12.08
N TYR A 26 -8.19 8.87 -11.52
CA TYR A 26 -7.56 7.55 -11.45
C TYR A 26 -8.48 6.56 -10.73
N ILE A 27 -9.14 7.02 -9.68
CA ILE A 27 -10.06 6.18 -8.90
C ILE A 27 -11.28 5.78 -9.75
N GLN A 28 -11.77 6.73 -10.55
CA GLN A 28 -12.95 6.49 -11.40
C GLN A 28 -12.62 5.52 -12.55
N LEU A 29 -11.43 5.66 -13.13
CA LEU A 29 -11.01 4.81 -14.25
C LEU A 29 -10.90 3.34 -13.80
N LEU A 30 -10.53 3.12 -12.53
CA LEU A 30 -10.40 1.76 -12.00
C LEU A 30 -11.74 1.03 -12.05
N SER A 31 -12.84 1.75 -11.82
CA SER A 31 -14.18 1.15 -11.83
C SER A 31 -14.45 0.44 -13.15
N GLU A 32 -14.07 1.10 -14.26
CA GLU A 32 -14.26 0.51 -15.59
C GLU A 32 -13.36 -0.71 -15.80
N ILE A 33 -12.10 -0.58 -15.39
CA ILE A 33 -11.13 -1.66 -15.54
C ILE A 33 -11.57 -2.88 -14.70
N ALA A 34 -12.14 -2.62 -13.52
CA ALA A 34 -12.59 -3.69 -12.63
C ALA A 34 -13.59 -4.61 -13.35
N LYS A 35 -14.49 -4.01 -14.12
CA LYS A 35 -15.50 -4.78 -14.85
C LYS A 35 -14.83 -5.68 -15.89
N GLU A 36 -13.77 -5.17 -16.55
CA GLU A 36 -13.06 -5.93 -17.56
C GLU A 36 -12.19 -7.02 -16.90
N GLN A 37 -11.67 -6.73 -15.71
CA GLN A 37 -10.81 -7.68 -14.98
C GLN A 37 -11.64 -8.86 -14.43
N GLY A 38 -12.97 -8.72 -14.41
CA GLY A 38 -13.85 -9.78 -13.92
C GLY A 38 -13.83 -9.87 -12.38
N PHE A 39 -13.53 -8.73 -11.72
CA PHE A 39 -13.48 -8.69 -10.25
C PHE A 39 -14.02 -7.36 -9.73
N ASN A 40 -14.22 -7.28 -8.42
CA ASN A 40 -14.72 -6.06 -7.79
C ASN A 40 -13.78 -5.59 -6.67
N ILE A 41 -13.52 -4.28 -6.61
CA ILE A 41 -12.64 -3.71 -5.59
C ILE A 41 -13.41 -2.79 -4.63
N THR A 42 -13.25 -3.01 -3.32
CA THR A 42 -13.93 -2.20 -2.31
C THR A 42 -12.92 -1.31 -1.58
N TYR A 43 -13.26 -0.02 -1.39
CA TYR A 43 -12.36 0.91 -0.72
C TYR A 43 -12.84 1.19 0.71
N LEU A 44 -11.93 1.07 1.67
CA LEU A 44 -12.24 1.32 3.07
C LEU A 44 -11.58 2.63 3.51
N ASP A 45 -12.38 3.69 3.57
CA ASP A 45 -11.89 5.01 3.95
C ASP A 45 -12.00 5.22 5.47
N ILE A 46 -10.85 5.34 6.14
CA ILE A 46 -10.81 5.56 7.58
C ILE A 46 -10.94 7.07 7.85
N ASP A 47 -12.08 7.48 8.42
CA ASP A 47 -12.32 8.90 8.72
C ASP A 47 -11.77 9.30 10.10
N GLU A 48 -10.81 8.53 10.60
CA GLU A 48 -10.19 8.81 11.90
C GLU A 48 -8.68 9.01 11.74
N LEU A 49 -8.14 10.03 12.42
CA LEU A 49 -6.71 10.34 12.33
C LEU A 49 -6.05 10.21 13.71
N SER A 50 -4.76 9.91 13.72
CA SER A 50 -4.00 9.77 14.97
C SER A 50 -2.82 10.74 15.01
N ALA A 51 -2.02 10.68 16.08
CA ALA A 51 -0.86 11.56 16.23
C ALA A 51 0.02 11.53 14.98
N ASN A 52 0.12 10.35 14.35
CA ASN A 52 0.94 10.19 13.14
C ASN A 52 0.38 9.06 12.27
N GLY A 53 -0.12 9.41 11.09
CA GLY A 53 -0.68 8.43 10.17
C GLY A 53 -1.41 9.09 8.99
N GLN A 54 -1.95 10.30 9.22
CA GLN A 54 -2.68 11.03 8.18
C GLN A 54 -3.82 10.17 7.62
N TYR A 55 -4.60 10.75 6.70
CA TYR A 55 -5.72 10.04 6.08
C TYR A 55 -5.21 8.80 5.33
N GLN A 56 -5.82 7.64 5.59
CA GLN A 56 -5.42 6.40 4.93
C GLN A 56 -6.62 5.72 4.25
N CYS A 57 -6.34 4.86 3.28
CA CYS A 57 -7.39 4.14 2.55
C CYS A 57 -6.95 2.70 2.28
N LEU A 58 -7.80 1.74 2.63
CA LEU A 58 -7.49 0.32 2.44
C LEU A 58 -8.36 -0.31 1.35
N ALA A 59 -7.73 -0.78 0.27
CA ALA A 59 -8.46 -1.41 -0.83
C ALA A 59 -8.46 -2.93 -0.63
N GLU A 60 -9.64 -3.51 -0.41
CA GLU A 60 -9.76 -4.96 -0.15
C GLU A 60 -10.57 -5.68 -1.24
N LEU A 61 -9.99 -6.76 -1.77
CA LEU A 61 -10.64 -7.58 -2.80
C LEU A 61 -11.58 -8.62 -2.18
N SER A 62 -12.87 -8.64 -2.59
CA SER A 62 -13.85 -9.58 -2.02
C SER A 62 -14.17 -10.77 -2.97
N THR A 63 -14.31 -10.50 -4.27
CA THR A 63 -14.62 -11.57 -5.25
C THR A 63 -13.31 -12.20 -5.76
N SER A 64 -12.31 -11.35 -5.85
CA SER A 64 -10.97 -11.71 -6.27
C SER A 64 -10.19 -12.20 -5.04
N PRO A 65 -9.02 -12.83 -5.19
CA PRO A 65 -8.28 -13.36 -4.01
C PRO A 65 -7.89 -12.18 -3.13
N ILE A 66 -7.54 -12.45 -1.86
CA ILE A 66 -7.35 -11.36 -0.90
C ILE A 66 -6.06 -10.58 -1.12
N THR A 67 -6.28 -9.32 -1.50
CA THR A 67 -5.23 -8.36 -1.75
C THR A 67 -5.60 -7.06 -1.03
N VAL A 68 -4.71 -6.59 -0.15
CA VAL A 68 -4.97 -5.36 0.61
C VAL A 68 -3.94 -4.29 0.21
N CYS A 69 -4.43 -3.16 -0.30
CA CYS A 69 -3.56 -2.05 -0.71
C CYS A 69 -3.65 -0.93 0.32
N HIS A 70 -2.50 -0.37 0.72
CA HIS A 70 -2.47 0.71 1.70
C HIS A 70 -1.99 2.03 1.07
N GLY A 71 -2.84 3.06 1.12
CA GLY A 71 -2.50 4.38 0.57
C GLY A 71 -2.63 5.45 1.65
N SER A 72 -2.00 6.62 1.42
CA SER A 72 -2.06 7.72 2.39
C SER A 72 -2.23 9.07 1.70
N GLY A 73 -2.87 10.01 2.41
CA GLY A 73 -3.11 11.35 1.87
C GLY A 73 -3.04 12.39 2.99
N ILE A 74 -2.57 13.60 2.65
CA ILE A 74 -2.46 14.67 3.63
C ILE A 74 -3.81 15.35 3.89
N SER A 75 -4.70 15.35 2.88
CA SER A 75 -6.03 15.96 3.01
C SER A 75 -6.82 15.80 1.71
N CYS A 76 -8.08 16.27 1.71
CA CYS A 76 -8.94 16.19 0.54
C CYS A 76 -9.08 14.73 0.04
N GLY A 77 -8.95 13.77 0.96
CA GLY A 77 -9.06 12.35 0.61
C GLY A 77 -8.07 11.98 -0.50
N ASN A 78 -6.86 12.55 -0.43
CA ASN A 78 -5.83 12.27 -1.42
C ASN A 78 -5.31 10.82 -1.31
N ALA A 79 -5.54 10.19 -0.15
CA ALA A 79 -5.10 8.82 0.09
C ALA A 79 -5.77 7.86 -0.91
N GLN A 80 -7.04 8.11 -1.21
CA GLN A 80 -7.78 7.28 -2.16
C GLN A 80 -7.10 7.31 -3.53
N SER A 81 -6.58 8.47 -3.90
CA SER A 81 -5.88 8.63 -5.18
C SER A 81 -4.61 7.79 -5.21
N ASP A 82 -3.89 7.75 -4.08
CA ASP A 82 -2.66 6.97 -3.98
C ASP A 82 -2.95 5.48 -4.13
N ALA A 83 -3.98 5.01 -3.44
CA ALA A 83 -4.37 3.60 -3.50
C ALA A 83 -4.73 3.20 -4.94
N ALA A 84 -5.46 4.09 -5.63
CA ALA A 84 -5.85 3.84 -7.01
C ALA A 84 -4.62 3.70 -7.91
N HIS A 85 -3.63 4.56 -7.67
CA HIS A 85 -2.39 4.54 -8.44
C HIS A 85 -1.62 3.24 -8.18
N ASN A 86 -1.65 2.77 -6.93
CA ASN A 86 -0.95 1.55 -6.53
C ASN A 86 -1.50 0.33 -7.29
N ALA A 87 -2.83 0.21 -7.38
CA ALA A 87 -3.46 -0.92 -8.05
C ALA A 87 -2.99 -0.99 -9.51
N LEU A 88 -3.01 0.15 -10.19
CA LEU A 88 -2.59 0.22 -11.60
C LEU A 88 -1.10 -0.07 -11.73
N GLN A 89 -0.32 0.43 -10.77
CA GLN A 89 1.12 0.23 -10.75
C GLN A 89 1.47 -1.25 -10.47
N TYR A 90 0.60 -1.92 -9.71
CA TYR A 90 0.82 -3.32 -9.37
C TYR A 90 0.88 -4.19 -10.64
N LEU A 91 0.14 -3.79 -11.67
CA LEU A 91 0.12 -4.53 -12.91
C LEU A 91 1.45 -4.40 -13.65
N LYS A 92 2.01 -3.18 -13.65
CA LYS A 92 3.27 -2.90 -14.32
C LYS A 92 4.43 -3.60 -13.63
N ILE A 93 4.53 -3.45 -12.31
CA ILE A 93 5.62 -4.04 -11.54
C ILE A 93 5.59 -5.58 -11.62
N ILE A 94 4.43 -6.20 -11.37
CA ILE A 94 4.32 -7.66 -11.40
C ILE A 94 4.72 -8.22 -12.77
N ASP B 25 15.67 1.50 11.27
CA ASP B 25 15.46 1.09 12.70
C ASP B 25 14.07 0.46 12.85
N TYR B 26 13.05 1.17 12.36
CA TYR B 26 11.67 0.67 12.44
C TYR B 26 11.52 -0.61 11.63
N ILE B 27 12.11 -0.62 10.43
CA ILE B 27 12.06 -1.79 9.56
C ILE B 27 12.68 -3.00 10.29
N GLN B 28 13.73 -2.76 11.06
CA GLN B 28 14.41 -3.81 11.82
C GLN B 28 13.51 -4.39 12.91
N LEU B 29 12.73 -3.52 13.55
CA LEU B 29 11.82 -3.94 14.61
C LEU B 29 10.79 -4.92 14.07
N LEU B 30 10.21 -4.60 12.91
CA LEU B 30 9.21 -5.47 12.28
C LEU B 30 9.85 -6.79 11.85
N SER B 31 11.08 -6.73 11.35
CA SER B 31 11.79 -7.93 10.89
C SER B 31 11.93 -8.98 12.00
N GLU B 32 12.22 -8.51 13.23
CA GLU B 32 12.39 -9.43 14.36
C GLU B 32 11.08 -10.14 14.72
N ILE B 33 10.00 -9.36 14.82
CA ILE B 33 8.68 -9.92 15.14
C ILE B 33 8.13 -10.74 13.97
N ALA B 34 8.45 -10.29 12.74
CA ALA B 34 7.98 -10.96 11.53
C ALA B 34 8.50 -12.40 11.48
N LYS B 35 9.77 -12.59 11.87
CA LYS B 35 10.38 -13.93 11.87
C LYS B 35 9.70 -14.80 12.92
N GLU B 36 9.42 -14.21 14.09
CA GLU B 36 8.76 -14.93 15.19
C GLU B 36 7.31 -15.27 14.80
N GLN B 37 6.68 -14.38 14.05
CA GLN B 37 5.30 -14.58 13.60
C GLN B 37 5.22 -15.49 12.36
N GLY B 38 6.37 -15.77 11.73
CA GLY B 38 6.41 -16.66 10.57
C GLY B 38 6.11 -15.96 9.24
N PHE B 39 6.28 -14.63 9.16
CA PHE B 39 6.05 -13.90 7.90
C PHE B 39 7.24 -13.02 7.57
N ASN B 40 7.33 -12.57 6.31
CA ASN B 40 8.43 -11.72 5.87
C ASN B 40 7.92 -10.60 4.97
N ILE B 41 8.54 -9.42 5.09
CA ILE B 41 8.14 -8.25 4.29
C ILE B 41 9.25 -7.90 3.30
N THR B 42 8.91 -7.86 2.01
CA THR B 42 9.87 -7.52 0.96
C THR B 42 9.64 -6.09 0.45
N TYR B 43 10.70 -5.26 0.44
CA TYR B 43 10.59 -3.88 -0.03
C TYR B 43 11.04 -3.77 -1.48
N LEU B 44 10.20 -3.16 -2.33
CA LEU B 44 10.50 -2.98 -3.74
C LEU B 44 10.22 -1.53 -4.14
N ASP B 45 11.26 -0.80 -4.54
CA ASP B 45 11.11 0.60 -4.93
C ASP B 45 11.22 0.76 -6.44
N ILE B 46 10.65 1.85 -6.96
CA ILE B 46 10.67 2.15 -8.39
C ILE B 46 9.87 1.08 -9.15
N ASP B 47 8.61 1.38 -9.46
CA ASP B 47 7.75 0.45 -10.18
C ASP B 47 8.26 0.24 -11.60
N GLU B 48 8.61 1.34 -12.28
CA GLU B 48 9.11 1.29 -13.65
C GLU B 48 9.83 2.59 -14.00
N LEU B 49 9.13 3.71 -13.83
CA LEU B 49 9.71 5.03 -14.12
C LEU B 49 9.40 6.03 -12.99
N SER B 50 9.10 5.52 -11.79
CA SER B 50 8.77 6.38 -10.64
C SER B 50 10.03 7.05 -10.06
N ALA B 51 11.21 6.49 -10.36
CA ALA B 51 12.47 7.05 -9.87
C ALA B 51 12.64 8.51 -10.30
N ASN B 52 12.09 8.84 -11.47
CA ASN B 52 12.17 10.21 -12.01
C ASN B 52 10.97 11.06 -11.53
N GLY B 53 9.99 10.45 -10.85
CA GLY B 53 8.81 11.16 -10.37
C GLY B 53 9.07 11.80 -9.01
N GLN B 54 8.24 11.46 -8.02
CA GLN B 54 8.39 12.01 -6.67
C GLN B 54 9.00 10.99 -5.70
N TYR B 55 9.51 9.86 -6.21
CA TYR B 55 10.13 8.83 -5.37
C TYR B 55 9.08 8.20 -4.46
N GLN B 56 8.70 6.96 -4.79
CA GLN B 56 7.72 6.20 -4.02
C GLN B 56 8.17 4.74 -3.92
N CYS B 57 7.62 3.99 -2.96
CA CYS B 57 8.02 2.59 -2.80
C CYS B 57 6.83 1.66 -2.59
N LEU B 58 7.00 0.40 -2.97
CA LEU B 58 5.96 -0.61 -2.83
C LEU B 58 6.51 -1.87 -2.15
N ALA B 59 5.84 -2.32 -1.09
CA ALA B 59 6.26 -3.50 -0.34
C ALA B 59 5.32 -4.67 -0.62
N GLU B 60 5.89 -5.86 -0.84
CA GLU B 60 5.10 -7.05 -1.15
C GLU B 60 5.13 -8.05 0.03
N LEU B 61 3.97 -8.64 0.31
CA LEU B 61 3.84 -9.63 1.39
C LEU B 61 4.41 -10.99 0.94
N SER B 62 5.51 -11.41 1.58
CA SER B 62 6.21 -12.65 1.25
C SER B 62 5.58 -13.93 1.86
N THR B 63 4.66 -13.79 2.83
CA THR B 63 4.10 -14.98 3.51
C THR B 63 3.09 -15.78 2.67
N SER B 64 2.16 -15.12 1.96
CA SER B 64 1.19 -15.86 1.14
C SER B 64 0.28 -14.92 0.31
N PRO B 65 -0.67 -14.18 0.89
CA PRO B 65 -1.55 -13.27 0.09
C PRO B 65 -0.76 -12.09 -0.45
N ILE B 66 -0.98 -11.75 -1.71
CA ILE B 66 -0.25 -10.63 -2.31
C ILE B 66 -0.82 -9.32 -1.76
N THR B 67 0.00 -8.63 -0.96
CA THR B 67 -0.38 -7.36 -0.35
C THR B 67 0.62 -6.29 -0.76
N VAL B 68 0.12 -5.10 -1.13
CA VAL B 68 0.99 -4.00 -1.56
C VAL B 68 0.91 -2.82 -0.60
N CYS B 69 2.05 -2.48 0.00
CA CYS B 69 2.13 -1.35 0.93
C CYS B 69 2.92 -0.20 0.29
N HIS B 70 2.38 1.02 0.32
CA HIS B 70 3.05 2.16 -0.31
C HIS B 70 3.87 2.99 0.70
N GLY B 71 5.14 3.27 0.34
CA GLY B 71 6.02 4.09 1.17
C GLY B 71 6.17 5.45 0.51
N SER B 72 6.50 6.49 1.28
CA SER B 72 6.64 7.84 0.72
C SER B 72 7.96 8.04 -0.02
N GLY B 73 9.05 7.53 0.57
CA GLY B 73 10.38 7.65 -0.05
C GLY B 73 10.83 9.10 -0.22
N ILE B 74 10.57 9.93 0.80
CA ILE B 74 10.95 11.35 0.73
C ILE B 74 12.48 11.50 0.85
N SER B 75 13.07 10.80 1.82
CA SER B 75 14.52 10.85 2.03
C SER B 75 15.15 9.48 1.76
N CYS B 76 16.47 9.38 1.95
CA CYS B 76 17.20 8.13 1.72
C CYS B 76 16.74 7.06 2.71
N GLY B 77 16.24 5.93 2.19
CA GLY B 77 15.77 4.83 3.03
C GLY B 77 14.45 5.17 3.76
N ASN B 78 13.93 6.38 3.55
CA ASN B 78 12.67 6.80 4.19
C ASN B 78 11.50 5.97 3.67
N ALA B 79 11.55 5.59 2.39
CA ALA B 79 10.49 4.80 1.77
C ALA B 79 10.25 3.51 2.56
N GLN B 80 11.34 2.84 2.90
CA GLN B 80 11.28 1.61 3.68
C GLN B 80 10.69 1.89 5.06
N SER B 81 11.09 3.02 5.65
CA SER B 81 10.62 3.42 6.96
C SER B 81 9.10 3.70 6.96
N ASP B 82 8.62 4.35 5.90
CA ASP B 82 7.19 4.69 5.79
C ASP B 82 6.36 3.41 5.69
N ALA B 83 6.76 2.49 4.82
CA ALA B 83 6.05 1.23 4.66
C ALA B 83 6.13 0.39 5.93
N ALA B 84 7.27 0.47 6.62
CA ALA B 84 7.48 -0.28 7.86
C ALA B 84 6.61 0.29 8.97
N HIS B 85 6.53 1.61 9.05
CA HIS B 85 5.72 2.28 10.08
C HIS B 85 4.24 1.94 9.89
N ASN B 86 3.81 1.84 8.62
CA ASN B 86 2.41 1.53 8.32
C ASN B 86 2.04 0.14 8.84
N ALA B 87 2.98 -0.81 8.71
CA ALA B 87 2.74 -2.19 9.17
C ALA B 87 2.50 -2.21 10.68
N LEU B 88 3.30 -1.44 11.41
CA LEU B 88 3.17 -1.37 12.88
C LEU B 88 1.81 -0.79 13.25
N GLN B 89 1.37 0.24 12.52
CA GLN B 89 0.07 0.87 12.76
C GLN B 89 -1.08 -0.05 12.32
N TYR B 90 -0.81 -0.91 11.33
CA TYR B 90 -1.81 -1.86 10.83
C TYR B 90 -1.94 -3.05 11.79
N LEU B 91 -0.84 -3.40 12.46
CA LEU B 91 -0.80 -4.54 13.39
C LEU B 91 -1.83 -4.35 14.52
N LYS B 92 -1.93 -3.14 15.08
CA LYS B 92 -2.87 -2.88 16.17
C LYS B 92 -4.31 -3.17 15.73
N ILE B 93 -4.64 -2.84 14.47
CA ILE B 93 -5.98 -3.07 13.94
C ILE B 93 -6.29 -4.58 13.92
N ILE B 94 -5.33 -5.36 13.43
CA ILE B 94 -5.48 -6.82 13.35
C ILE B 94 -5.68 -7.39 14.75
N ASP A 25 -12.00 12.55 -10.69
CA ASP A 25 -12.25 11.37 -9.82
C ASP A 25 -11.61 10.12 -10.45
N TYR A 26 -10.42 9.76 -9.95
CA TYR A 26 -9.70 8.59 -10.45
C TYR A 26 -10.46 7.29 -10.15
N ILE A 27 -11.19 7.27 -9.03
CA ILE A 27 -11.96 6.08 -8.63
C ILE A 27 -12.90 5.67 -9.77
N GLN A 28 -13.56 6.67 -10.38
CA GLN A 28 -14.48 6.42 -11.50
C GLN A 28 -13.76 5.83 -12.70
N LEU A 29 -12.52 6.28 -12.93
CA LEU A 29 -11.71 5.80 -14.06
C LEU A 29 -11.41 4.30 -13.90
N LEU A 30 -11.19 3.87 -12.66
CA LEU A 30 -10.89 2.47 -12.37
C LEU A 30 -12.07 1.57 -12.77
N SER A 31 -13.29 2.06 -12.57
CA SER A 31 -14.49 1.29 -12.90
C SER A 31 -14.47 0.85 -14.37
N GLU A 32 -14.02 1.75 -15.25
CA GLU A 32 -13.95 1.46 -16.68
C GLU A 32 -12.95 0.32 -16.93
N ILE A 33 -11.81 0.38 -16.24
CA ILE A 33 -10.76 -0.64 -16.38
C ILE A 33 -11.26 -1.98 -15.82
N ALA A 34 -12.00 -1.92 -14.71
CA ALA A 34 -12.54 -3.11 -14.05
C ALA A 34 -13.42 -3.91 -15.03
N LYS A 35 -14.15 -3.20 -15.89
CA LYS A 35 -15.02 -3.84 -16.88
C LYS A 35 -14.20 -4.63 -17.91
N GLU A 36 -13.02 -4.12 -18.25
CA GLU A 36 -12.14 -4.74 -19.24
C GLU A 36 -11.67 -6.13 -18.78
N GLN A 37 -11.29 -6.27 -17.51
CA GLN A 37 -10.80 -7.55 -16.99
C GLN A 37 -11.90 -8.30 -16.20
N GLY A 38 -12.98 -7.60 -15.83
CA GLY A 38 -14.09 -8.21 -15.09
C GLY A 38 -13.75 -8.41 -13.60
N PHE A 39 -12.87 -7.56 -13.06
CA PHE A 39 -12.49 -7.65 -11.64
C PHE A 39 -13.14 -6.52 -10.83
N ASN A 40 -13.32 -6.75 -9.52
CA ASN A 40 -13.92 -5.75 -8.65
C ASN A 40 -12.97 -5.39 -7.50
N ILE A 41 -13.08 -4.15 -7.00
CA ILE A 41 -12.23 -3.69 -5.90
C ILE A 41 -13.09 -3.00 -4.83
N THR A 42 -12.83 -3.32 -3.56
CA THR A 42 -13.57 -2.74 -2.45
C THR A 42 -12.69 -1.72 -1.72
N TYR A 43 -13.26 -0.53 -1.40
CA TYR A 43 -12.50 0.51 -0.71
C TYR A 43 -13.02 0.73 0.71
N LEU A 44 -12.08 0.83 1.65
CA LEU A 44 -12.43 1.05 3.06
C LEU A 44 -11.64 2.24 3.62
N ASP A 45 -12.24 3.42 3.55
CA ASP A 45 -11.61 4.64 4.06
C ASP A 45 -11.72 4.72 5.58
N ILE A 46 -10.59 4.93 6.24
CA ILE A 46 -10.56 5.02 7.71
C ILE A 46 -10.38 6.49 8.13
N ASP A 47 -11.29 6.97 8.99
CA ASP A 47 -11.25 8.35 9.48
C ASP A 47 -10.36 8.47 10.73
N GLU A 48 -9.37 7.59 10.86
CA GLU A 48 -8.47 7.60 12.00
C GLU A 48 -7.22 8.43 11.68
N LEU A 49 -7.18 9.66 12.19
CA LEU A 49 -6.05 10.56 11.94
C LEU A 49 -5.34 10.92 13.26
N SER A 50 -4.01 10.78 13.28
CA SER A 50 -3.22 11.10 14.47
C SER A 50 -2.88 12.59 14.50
N ALA A 51 -2.23 13.04 15.58
CA ALA A 51 -1.86 14.45 15.71
C ALA A 51 -0.98 14.89 14.55
N ASN A 52 -0.07 14.00 14.13
CA ASN A 52 0.83 14.30 13.01
C ASN A 52 0.97 13.08 12.10
N GLY A 53 0.16 13.02 11.04
CA GLY A 53 0.21 11.91 10.10
C GLY A 53 -0.49 12.28 8.79
N GLN A 54 -1.46 11.44 8.39
CA GLN A 54 -2.22 11.67 7.15
C GLN A 54 -3.36 10.65 7.00
N TYR A 55 -4.26 10.89 6.06
CA TYR A 55 -5.38 10.00 5.80
C TYR A 55 -4.87 8.63 5.31
N GLN A 56 -5.71 7.61 5.42
CA GLN A 56 -5.34 6.26 4.98
C GLN A 56 -6.50 5.59 4.23
N CYS A 57 -6.17 4.72 3.28
CA CYS A 57 -7.19 4.01 2.49
C CYS A 57 -6.82 2.53 2.34
N LEU A 58 -7.80 1.65 2.59
CA LEU A 58 -7.57 0.21 2.46
C LEU A 58 -8.40 -0.39 1.32
N ALA A 59 -7.71 -0.92 0.31
CA ALA A 59 -8.39 -1.52 -0.85
C ALA A 59 -8.36 -3.05 -0.75
N GLU A 60 -9.52 -3.67 -0.54
CA GLU A 60 -9.63 -5.13 -0.41
C GLU A 60 -10.35 -5.75 -1.61
N LEU A 61 -9.74 -6.76 -2.22
CA LEU A 61 -10.34 -7.44 -3.39
C LEU A 61 -11.33 -8.54 -2.94
N SER A 62 -12.59 -8.48 -3.44
CA SER A 62 -13.62 -9.46 -3.05
C SER A 62 -13.75 -10.62 -4.06
N THR A 63 -13.67 -10.32 -5.36
CA THR A 63 -13.76 -11.38 -6.41
C THR A 63 -12.37 -12.00 -6.62
N SER A 64 -11.36 -11.17 -6.44
CA SER A 64 -9.96 -11.54 -6.55
C SER A 64 -9.47 -12.12 -5.21
N PRO A 65 -8.32 -12.77 -5.16
CA PRO A 65 -7.83 -13.37 -3.89
C PRO A 65 -7.59 -12.24 -2.90
N ILE A 66 -7.48 -12.54 -1.59
CA ILE A 66 -7.44 -11.48 -0.59
C ILE A 66 -6.09 -10.77 -0.60
N THR A 67 -6.19 -9.50 -1.00
CA THR A 67 -5.08 -8.59 -1.10
C THR A 67 -5.55 -7.23 -0.58
N VAL A 68 -4.79 -6.66 0.36
CA VAL A 68 -5.15 -5.36 0.93
C VAL A 68 -4.09 -4.32 0.58
N CYS A 69 -4.51 -3.27 -0.13
CA CYS A 69 -3.59 -2.20 -0.53
C CYS A 69 -3.69 -1.04 0.46
N HIS A 70 -2.54 -0.46 0.82
CA HIS A 70 -2.51 0.66 1.77
C HIS A 70 -2.08 1.95 1.07
N GLY A 71 -2.99 2.96 1.03
CA GLY A 71 -2.70 4.24 0.40
C GLY A 71 -2.71 5.37 1.42
N SER A 72 -2.33 6.57 0.98
CA SER A 72 -2.31 7.75 1.87
C SER A 72 -2.57 9.03 1.06
N GLY A 73 -3.20 10.01 1.70
CA GLY A 73 -3.51 11.28 1.05
C GLY A 73 -3.27 12.46 1.99
N ILE A 74 -3.15 13.66 1.42
CA ILE A 74 -2.91 14.88 2.19
C ILE A 74 -4.19 15.73 2.33
N SER A 75 -5.34 15.23 1.86
CA SER A 75 -6.60 15.97 1.95
C SER A 75 -7.70 15.08 2.56
N CYS A 76 -8.94 15.60 2.60
CA CYS A 76 -10.08 14.87 3.16
C CYS A 76 -10.13 13.42 2.65
N GLY A 77 -10.20 13.25 1.33
CA GLY A 77 -10.27 11.91 0.74
C GLY A 77 -9.29 11.74 -0.42
N ASN A 78 -8.09 12.28 -0.28
CA ASN A 78 -7.06 12.18 -1.34
C ASN A 78 -6.36 10.80 -1.32
N ALA A 79 -6.44 10.09 -0.19
CA ALA A 79 -5.78 8.80 -0.04
C ALA A 79 -6.32 7.74 -1.00
N GLN A 80 -7.64 7.68 -1.16
CA GLN A 80 -8.24 6.71 -2.09
C GLN A 80 -7.73 6.96 -3.50
N SER A 81 -7.56 8.23 -3.85
CA SER A 81 -7.07 8.62 -5.18
C SER A 81 -5.64 8.13 -5.39
N ASP A 82 -4.80 8.24 -4.36
CA ASP A 82 -3.41 7.82 -4.45
C ASP A 82 -3.31 6.30 -4.63
N ALA A 83 -4.09 5.56 -3.84
CA ALA A 83 -4.09 4.10 -3.94
C ALA A 83 -4.57 3.63 -5.31
N ALA A 84 -5.58 4.32 -5.85
CA ALA A 84 -6.14 3.96 -7.16
C ALA A 84 -5.14 4.24 -8.29
N HIS A 85 -4.50 5.41 -8.23
CA HIS A 85 -3.53 5.79 -9.25
C HIS A 85 -2.27 4.94 -9.13
N ASN A 86 -1.81 4.73 -7.90
CA ASN A 86 -0.61 3.94 -7.64
C ASN A 86 -0.85 2.47 -7.98
N ALA A 87 -1.99 1.94 -7.56
CA ALA A 87 -2.33 0.54 -7.80
C ALA A 87 -2.29 0.21 -9.29
N LEU A 88 -2.82 1.11 -10.12
CA LEU A 88 -2.87 0.88 -11.57
C LEU A 88 -1.47 0.69 -12.18
N GLN A 89 -0.54 1.58 -11.83
CA GLN A 89 0.82 1.50 -12.36
C GLN A 89 1.59 0.36 -11.72
N TYR A 90 1.42 0.18 -10.41
CA TYR A 90 2.12 -0.87 -9.69
C TYR A 90 1.54 -2.25 -10.01
N LEU A 91 0.30 -2.29 -10.54
CA LEU A 91 -0.32 -3.56 -10.91
C LEU A 91 0.53 -4.26 -11.98
N LYS A 92 1.24 -3.47 -12.79
CA LYS A 92 2.09 -4.01 -13.84
C LYS A 92 3.22 -4.82 -13.22
N ILE A 93 3.91 -4.24 -12.23
CA ILE A 93 5.02 -4.92 -11.57
C ILE A 93 4.52 -6.09 -10.69
N ILE A 94 3.34 -5.93 -10.07
CA ILE A 94 2.78 -6.98 -9.22
C ILE A 94 2.28 -8.14 -10.12
N ASP B 25 15.42 2.30 10.99
CA ASP B 25 15.40 1.77 12.40
C ASP B 25 14.16 0.91 12.62
N TYR B 26 13.01 1.39 12.15
CA TYR B 26 11.74 0.66 12.29
C TYR B 26 11.81 -0.72 11.63
N ILE B 27 12.56 -0.81 10.52
CA ILE B 27 12.71 -2.06 9.79
C ILE B 27 13.27 -3.15 10.75
N GLN B 28 14.17 -2.74 11.64
CA GLN B 28 14.78 -3.67 12.60
C GLN B 28 13.74 -4.21 13.59
N LEU B 29 12.83 -3.34 14.04
CA LEU B 29 11.80 -3.72 15.00
C LEU B 29 10.85 -4.76 14.38
N LEU B 30 10.44 -4.53 13.13
CA LEU B 30 9.53 -5.45 12.44
C LEU B 30 10.18 -6.82 12.23
N SER B 31 11.47 -6.81 11.87
CA SER B 31 12.22 -8.04 11.64
C SER B 31 12.20 -8.94 12.88
N GLU B 32 12.32 -8.33 14.07
CA GLU B 32 12.32 -9.08 15.32
C GLU B 32 10.99 -9.77 15.57
N ILE B 33 9.91 -9.01 15.39
CA ILE B 33 8.55 -9.54 15.59
C ILE B 33 8.23 -10.60 14.54
N ALA B 34 8.65 -10.34 13.29
CA ALA B 34 8.41 -11.26 12.19
C ALA B 34 9.02 -12.65 12.47
N LYS B 35 10.20 -12.65 13.09
CA LYS B 35 10.90 -13.89 13.43
C LYS B 35 10.13 -14.68 14.49
N GLU B 36 9.57 -13.94 15.46
CA GLU B 36 8.82 -14.56 16.56
C GLU B 36 7.46 -15.07 16.09
N GLN B 37 6.79 -14.29 15.24
CA GLN B 37 5.46 -14.66 14.72
C GLN B 37 5.55 -15.50 13.44
N GLY B 38 6.75 -15.59 12.84
CA GLY B 38 6.93 -16.37 11.61
C GLY B 38 6.41 -15.61 10.37
N PHE B 39 6.46 -14.27 10.42
CA PHE B 39 6.00 -13.45 9.31
C PHE B 39 7.20 -13.04 8.45
N ASN B 40 6.95 -12.68 7.19
CA ASN B 40 8.02 -12.28 6.29
C ASN B 40 7.59 -11.07 5.46
N ILE B 41 8.48 -10.10 5.31
CA ILE B 41 8.20 -8.88 4.55
C ILE B 41 9.23 -8.69 3.44
N THR B 42 8.74 -8.43 2.22
CA THR B 42 9.61 -8.22 1.07
C THR B 42 9.56 -6.76 0.63
N TYR B 43 10.72 -6.15 0.35
CA TYR B 43 10.77 -4.75 -0.07
C TYR B 43 10.88 -4.62 -1.59
N LEU B 44 10.12 -3.68 -2.15
CA LEU B 44 10.11 -3.43 -3.59
C LEU B 44 10.48 -1.96 -3.84
N ASP B 45 11.27 -1.71 -4.89
CA ASP B 45 11.69 -0.34 -5.22
C ASP B 45 11.75 -0.11 -6.73
N ILE B 46 10.62 0.30 -7.31
CA ILE B 46 10.53 0.57 -8.74
C ILE B 46 11.08 -0.62 -9.56
N ASP B 47 10.23 -1.63 -9.76
CA ASP B 47 10.62 -2.82 -10.52
C ASP B 47 10.71 -2.48 -12.01
N GLU B 48 9.78 -1.64 -12.50
CA GLU B 48 9.74 -1.23 -13.90
C GLU B 48 9.06 0.14 -14.03
N LEU B 49 9.57 1.13 -13.29
CA LEU B 49 9.01 2.49 -13.32
C LEU B 49 10.11 3.55 -13.09
N SER B 50 11.36 3.18 -13.37
CA SER B 50 12.51 4.08 -13.18
C SER B 50 12.59 5.15 -14.28
N ALA B 51 11.91 4.90 -15.41
CA ALA B 51 11.94 5.84 -16.54
C ALA B 51 11.48 7.24 -16.13
N ASN B 52 10.43 7.31 -15.29
CA ASN B 52 9.92 8.61 -14.81
C ASN B 52 10.51 9.00 -13.45
N GLY B 53 11.26 8.09 -12.81
CA GLY B 53 11.89 8.37 -11.51
C GLY B 53 10.92 9.05 -10.54
N GLN B 54 9.87 8.34 -10.12
CA GLN B 54 8.88 8.88 -9.20
C GLN B 54 9.32 8.74 -7.72
N TYR B 55 10.36 7.92 -7.48
CA TYR B 55 10.88 7.71 -6.12
C TYR B 55 9.76 7.23 -5.16
N GLN B 56 9.40 5.95 -5.31
CA GLN B 56 8.37 5.33 -4.48
C GLN B 56 8.71 3.86 -4.24
N CYS B 57 8.12 3.24 -3.21
CA CYS B 57 8.41 1.83 -2.90
C CYS B 57 7.18 1.09 -2.39
N LEU B 58 7.15 -0.24 -2.60
CA LEU B 58 6.04 -1.08 -2.15
C LEU B 58 6.56 -2.23 -1.29
N ALA B 59 5.73 -2.68 -0.33
CA ALA B 59 6.09 -3.79 0.55
C ALA B 59 5.14 -4.96 0.33
N GLU B 60 5.70 -6.15 0.05
CA GLU B 60 4.87 -7.34 -0.19
C GLU B 60 4.93 -8.32 0.99
N LEU B 61 3.75 -8.81 1.39
CA LEU B 61 3.64 -9.77 2.51
C LEU B 61 4.04 -11.19 2.07
N SER B 62 5.19 -11.64 2.56
CA SER B 62 5.76 -12.96 2.25
C SER B 62 5.14 -14.14 3.06
N THR B 63 4.36 -13.84 4.10
CA THR B 63 3.84 -14.89 5.00
C THR B 63 2.69 -15.73 4.39
N SER B 64 1.71 -15.10 3.72
CA SER B 64 0.62 -15.90 3.11
C SER B 64 -0.20 -15.08 2.08
N PRO B 65 -1.13 -14.19 2.45
CA PRO B 65 -1.89 -13.41 1.43
C PRO B 65 -1.04 -12.29 0.87
N ILE B 66 -1.06 -12.11 -0.45
CA ILE B 66 -0.28 -11.05 -1.05
C ILE B 66 -0.91 -9.70 -0.69
N THR B 67 -0.18 -8.93 0.12
CA THR B 67 -0.65 -7.63 0.56
C THR B 67 0.35 -6.56 0.11
N VAL B 68 -0.16 -5.45 -0.41
CA VAL B 68 0.72 -4.39 -0.92
C VAL B 68 0.65 -3.15 -0.04
N CYS B 69 1.80 -2.76 0.51
CA CYS B 69 1.89 -1.56 1.35
C CYS B 69 2.68 -0.49 0.60
N HIS B 70 2.22 0.77 0.62
CA HIS B 70 2.92 1.82 -0.12
C HIS B 70 3.88 2.63 0.75
N GLY B 71 5.00 3.06 0.14
CA GLY B 71 6.02 3.86 0.81
C GLY B 71 6.31 5.09 -0.05
N SER B 72 6.67 6.22 0.59
CA SER B 72 6.91 7.46 -0.15
C SER B 72 8.28 7.47 -0.83
N GLY B 73 9.31 7.01 -0.11
CA GLY B 73 10.67 6.98 -0.66
C GLY B 73 11.12 8.36 -1.12
N ILE B 74 10.89 9.37 -0.29
CA ILE B 74 11.29 10.75 -0.60
C ILE B 74 12.81 10.90 -0.55
N SER B 75 13.47 10.03 0.23
CA SER B 75 14.92 10.04 0.37
C SER B 75 15.43 8.61 0.60
N CYS B 76 16.69 8.36 0.25
CA CYS B 76 17.29 7.03 0.41
C CYS B 76 17.09 6.50 1.84
N GLY B 77 16.28 5.44 1.97
CA GLY B 77 16.02 4.83 3.27
C GLY B 77 14.62 5.18 3.80
N ASN B 78 14.09 6.34 3.39
CA ASN B 78 12.78 6.81 3.84
C ASN B 78 11.65 5.89 3.32
N ALA B 79 11.82 5.36 2.11
CA ALA B 79 10.80 4.50 1.50
C ALA B 79 10.47 3.32 2.41
N GLN B 80 11.52 2.67 2.90
CA GLN B 80 11.36 1.54 3.81
C GLN B 80 10.70 2.01 5.10
N SER B 81 11.10 3.19 5.57
CA SER B 81 10.57 3.77 6.80
C SER B 81 9.06 4.03 6.71
N ASP B 82 8.58 4.52 5.56
CA ASP B 82 7.16 4.82 5.40
C ASP B 82 6.33 3.55 5.48
N ALA B 83 6.72 2.52 4.73
CA ALA B 83 6.00 1.25 4.73
C ALA B 83 6.19 0.52 6.06
N ALA B 84 7.38 0.66 6.65
CA ALA B 84 7.69 0.02 7.94
C ALA B 84 6.88 0.66 9.06
N HIS B 85 6.75 1.99 9.02
CA HIS B 85 6.01 2.72 10.04
C HIS B 85 4.53 2.36 10.00
N ASN B 86 3.97 2.32 8.78
CA ASN B 86 2.58 1.97 8.60
C ASN B 86 2.35 0.50 8.95
N ALA B 87 3.28 -0.35 8.49
CA ALA B 87 3.20 -1.78 8.74
C ALA B 87 3.19 -2.06 10.24
N LEU B 88 4.02 -1.33 10.99
CA LEU B 88 4.11 -1.52 12.44
C LEU B 88 2.78 -1.23 13.12
N GLN B 89 2.15 -0.10 12.77
CA GLN B 89 0.85 0.27 13.37
C GLN B 89 -0.26 -0.65 12.86
N TYR B 90 -0.17 -1.09 11.60
CA TYR B 90 -1.17 -1.98 11.02
C TYR B 90 -1.04 -3.39 11.60
N LEU B 91 0.19 -3.80 11.95
CA LEU B 91 0.43 -5.13 12.50
C LEU B 91 -0.40 -5.34 13.78
N LYS B 92 -0.55 -4.27 14.57
CA LYS B 92 -1.32 -4.34 15.81
C LYS B 92 -2.78 -4.73 15.54
N ILE B 93 -3.37 -4.13 14.51
CA ILE B 93 -4.75 -4.41 14.13
C ILE B 93 -4.87 -5.87 13.68
N ILE B 94 -3.93 -6.32 12.85
CA ILE B 94 -3.92 -7.69 12.36
C ILE B 94 -3.74 -8.67 13.52
N ASP A 25 -8.68 11.18 -13.90
CA ASP A 25 -8.97 10.60 -12.56
C ASP A 25 -8.65 9.10 -12.58
N TYR A 26 -7.66 8.69 -11.79
CA TYR A 26 -7.26 7.28 -11.71
C TYR A 26 -8.40 6.42 -11.16
N ILE A 27 -9.14 6.95 -10.19
CA ILE A 27 -10.26 6.23 -9.58
C ILE A 27 -11.30 5.89 -10.65
N GLN A 28 -11.61 6.86 -11.51
CA GLN A 28 -12.59 6.67 -12.57
C GLN A 28 -12.09 5.65 -13.60
N LEU A 29 -10.80 5.74 -13.94
CA LEU A 29 -10.19 4.84 -14.91
C LEU A 29 -10.13 3.41 -14.37
N LEU A 30 -9.88 3.28 -13.07
CA LEU A 30 -9.80 1.96 -12.42
C LEU A 30 -11.11 1.20 -12.58
N SER A 31 -12.24 1.92 -12.48
CA SER A 31 -13.56 1.32 -12.60
C SER A 31 -13.73 0.65 -13.97
N GLU A 32 -13.23 1.32 -15.01
CA GLU A 32 -13.33 0.80 -16.37
C GLU A 32 -12.54 -0.50 -16.53
N ILE A 33 -11.32 -0.52 -15.98
CA ILE A 33 -10.44 -1.70 -16.06
C ILE A 33 -11.03 -2.85 -15.24
N ALA A 34 -11.53 -2.52 -14.03
CA ALA A 34 -12.12 -3.53 -13.15
C ALA A 34 -13.32 -4.20 -13.81
N LYS A 35 -14.13 -3.41 -14.51
CA LYS A 35 -15.32 -3.93 -15.20
C LYS A 35 -14.92 -4.91 -16.29
N GLU A 36 -13.82 -4.60 -17.00
CA GLU A 36 -13.32 -5.45 -18.08
C GLU A 36 -12.67 -6.72 -17.51
N GLN A 37 -11.95 -6.58 -16.40
CA GLN A 37 -11.28 -7.72 -15.77
C GLN A 37 -12.22 -8.54 -14.88
N GLY A 38 -13.41 -7.98 -14.57
CA GLY A 38 -14.40 -8.67 -13.74
C GLY A 38 -13.98 -8.73 -12.27
N PHE A 39 -13.09 -7.84 -11.84
CA PHE A 39 -12.63 -7.82 -10.44
C PHE A 39 -13.38 -6.75 -9.64
N ASN A 40 -13.47 -6.95 -8.33
CA ASN A 40 -14.16 -6.00 -7.44
C ASN A 40 -13.20 -5.45 -6.38
N ILE A 41 -13.32 -4.15 -6.10
CA ILE A 41 -12.46 -3.49 -5.11
C ILE A 41 -13.33 -2.69 -4.13
N THR A 42 -13.17 -2.97 -2.83
CA THR A 42 -13.93 -2.27 -1.79
C THR A 42 -13.02 -1.29 -1.03
N TYR A 43 -13.26 0.03 -1.19
CA TYR A 43 -12.44 1.03 -0.51
C TYR A 43 -12.97 1.29 0.91
N LEU A 44 -12.05 1.28 1.89
CA LEU A 44 -12.41 1.51 3.29
C LEU A 44 -11.45 2.54 3.91
N ASP A 45 -11.97 3.75 4.14
CA ASP A 45 -11.17 4.82 4.74
C ASP A 45 -11.15 4.69 6.26
N ILE A 46 -9.95 4.78 6.84
CA ILE A 46 -9.79 4.67 8.30
C ILE A 46 -10.25 5.97 8.96
N ASP A 47 -11.27 5.86 9.81
CA ASP A 47 -11.83 7.02 10.51
C ASP A 47 -10.85 7.55 11.57
N GLU A 48 -10.12 6.65 12.22
CA GLU A 48 -9.16 7.04 13.26
C GLU A 48 -7.82 7.45 12.65
N LEU A 49 -7.67 8.76 12.41
CA LEU A 49 -6.44 9.31 11.83
C LEU A 49 -6.52 10.86 11.82
N SER A 50 -5.76 11.52 10.93
CA SER A 50 -5.75 12.99 10.83
C SER A 50 -5.08 13.63 12.07
N ALA A 51 -4.41 12.81 12.89
CA ALA A 51 -3.72 13.32 14.08
C ALA A 51 -2.54 14.21 13.68
N ASN A 52 -1.83 13.82 12.61
CA ASN A 52 -0.69 14.59 12.13
C ASN A 52 -1.12 15.51 10.99
N GLY A 53 -1.86 14.96 10.02
CA GLY A 53 -2.34 15.75 8.88
C GLY A 53 -2.24 14.96 7.57
N GLN A 54 -2.61 13.68 7.61
CA GLN A 54 -2.58 12.83 6.42
C GLN A 54 -3.63 11.72 6.51
N TYR A 55 -4.46 11.61 5.48
CA TYR A 55 -5.50 10.60 5.42
C TYR A 55 -4.92 9.28 4.87
N GLN A 56 -5.67 8.19 5.04
CA GLN A 56 -5.23 6.87 4.57
C GLN A 56 -6.43 6.09 4.03
N CYS A 57 -6.17 5.15 3.11
CA CYS A 57 -7.24 4.34 2.52
C CYS A 57 -6.81 2.89 2.34
N LEU A 58 -7.72 1.96 2.66
CA LEU A 58 -7.44 0.53 2.54
C LEU A 58 -8.38 -0.10 1.50
N ALA A 59 -7.78 -0.64 0.42
CA ALA A 59 -8.56 -1.29 -0.63
C ALA A 59 -8.62 -2.80 -0.39
N GLU A 60 -9.80 -3.31 -0.03
CA GLU A 60 -9.98 -4.74 0.25
C GLU A 60 -10.80 -5.43 -0.84
N LEU A 61 -10.27 -6.54 -1.36
CA LEU A 61 -10.95 -7.31 -2.42
C LEU A 61 -11.99 -8.27 -1.81
N SER A 62 -13.26 -8.19 -2.24
CA SER A 62 -14.33 -9.04 -1.69
C SER A 62 -14.67 -10.26 -2.59
N THR A 63 -14.72 -10.07 -3.91
CA THR A 63 -15.01 -11.19 -4.85
C THR A 63 -13.70 -11.76 -5.43
N SER A 64 -12.60 -11.45 -4.75
CA SER A 64 -11.25 -11.84 -5.13
C SER A 64 -10.54 -12.38 -3.87
N PRO A 65 -9.39 -13.03 -4.00
CA PRO A 65 -8.68 -13.58 -2.81
C PRO A 65 -8.26 -12.37 -1.97
N ILE A 66 -7.93 -12.58 -0.70
CA ILE A 66 -7.69 -11.43 0.19
C ILE A 66 -6.38 -10.72 -0.09
N THR A 67 -6.55 -9.49 -0.58
CA THR A 67 -5.46 -8.60 -0.91
C THR A 67 -5.84 -7.20 -0.38
N VAL A 68 -4.90 -6.56 0.31
CA VAL A 68 -5.15 -5.23 0.88
C VAL A 68 -4.05 -4.25 0.43
N CYS A 69 -4.48 -3.15 -0.21
CA CYS A 69 -3.54 -2.12 -0.67
C CYS A 69 -3.60 -0.93 0.28
N HIS A 70 -2.45 -0.31 0.55
CA HIS A 70 -2.38 0.82 1.47
C HIS A 70 -1.90 2.10 0.77
N GLY A 71 -2.77 3.12 0.71
CA GLY A 71 -2.43 4.41 0.11
C GLY A 71 -2.57 5.52 1.13
N SER A 72 -1.94 6.68 0.87
CA SER A 72 -2.00 7.80 1.80
C SER A 72 -1.95 9.13 1.04
N GLY A 73 -2.40 10.20 1.71
CA GLY A 73 -2.43 11.52 1.09
C GLY A 73 -2.17 12.62 2.13
N ILE A 74 -2.05 13.86 1.67
CA ILE A 74 -1.79 15.01 2.55
C ILE A 74 -3.07 15.83 2.83
N SER A 75 -4.23 15.34 2.35
CA SER A 75 -5.50 16.05 2.55
C SER A 75 -6.67 15.09 2.33
N CYS A 76 -7.80 15.37 2.96
CA CYS A 76 -9.00 14.53 2.83
C CYS A 76 -9.37 14.37 1.35
N GLY A 77 -9.00 13.23 0.77
CA GLY A 77 -9.29 12.95 -0.64
C GLY A 77 -8.01 12.58 -1.41
N ASN A 78 -6.88 13.16 -1.00
CA ASN A 78 -5.59 12.88 -1.64
C ASN A 78 -5.20 11.40 -1.46
N ALA A 79 -5.54 10.83 -0.29
CA ALA A 79 -5.22 9.43 -0.02
C ALA A 79 -6.01 8.50 -0.93
N GLN A 80 -7.26 8.86 -1.21
CA GLN A 80 -8.12 8.05 -2.07
C GLN A 80 -7.50 7.94 -3.47
N SER A 81 -6.89 9.03 -3.95
CA SER A 81 -6.24 9.02 -5.26
C SER A 81 -5.02 8.12 -5.25
N ASP A 82 -4.28 8.13 -4.14
CA ASP A 82 -3.08 7.30 -3.99
C ASP A 82 -3.45 5.83 -4.01
N ALA A 83 -4.47 5.47 -3.22
CA ALA A 83 -4.93 4.08 -3.14
C ALA A 83 -5.36 3.57 -4.52
N ALA A 84 -6.12 4.39 -5.26
CA ALA A 84 -6.58 4.02 -6.60
C ALA A 84 -5.38 3.89 -7.54
N HIS A 85 -4.46 4.84 -7.45
CA HIS A 85 -3.25 4.85 -8.27
C HIS A 85 -2.36 3.64 -7.94
N ASN A 86 -2.37 3.23 -6.67
CA ASN A 86 -1.55 2.10 -6.22
C ASN A 86 -1.94 0.82 -6.97
N ALA A 87 -3.23 0.63 -7.22
CA ALA A 87 -3.72 -0.55 -7.91
C ALA A 87 -3.10 -0.64 -9.31
N LEU A 88 -2.99 0.51 -9.98
CA LEU A 88 -2.41 0.58 -11.32
C LEU A 88 -0.92 0.21 -11.27
N GLN A 89 -0.22 0.71 -10.25
CA GLN A 89 1.20 0.43 -10.08
C GLN A 89 1.44 -1.02 -9.64
N TYR A 90 0.47 -1.58 -8.91
CA TYR A 90 0.56 -2.95 -8.43
C TYR A 90 0.50 -3.93 -9.62
N LEU A 91 -0.22 -3.56 -10.68
CA LEU A 91 -0.34 -4.41 -11.85
C LEU A 91 0.99 -4.46 -12.60
N LYS A 92 1.59 -3.28 -12.77
CA LYS A 92 2.86 -3.15 -13.48
C LYS A 92 4.02 -3.79 -12.74
N ILE A 93 4.12 -3.53 -11.43
CA ILE A 93 5.22 -4.05 -10.63
C ILE A 93 5.28 -5.59 -10.68
N ILE A 94 4.17 -6.27 -10.41
CA ILE A 94 4.13 -7.74 -10.43
C ILE A 94 4.56 -8.29 -11.80
N ASP B 25 14.02 3.76 12.42
CA ASP B 25 14.33 2.41 11.86
C ASP B 25 13.15 1.46 12.15
N TYR B 26 11.95 1.85 11.72
CA TYR B 26 10.76 1.04 11.92
C TYR B 26 10.86 -0.29 11.18
N ILE B 27 11.51 -0.28 10.01
CA ILE B 27 11.68 -1.49 9.21
C ILE B 27 12.39 -2.57 10.03
N GLN B 28 13.35 -2.16 10.88
CA GLN B 28 14.10 -3.10 11.72
C GLN B 28 13.17 -3.81 12.70
N LEU B 29 12.18 -3.07 13.22
CA LEU B 29 11.22 -3.62 14.18
C LEU B 29 10.49 -4.83 13.56
N LEU B 30 10.08 -4.68 12.30
CA LEU B 30 9.37 -5.75 11.60
C LEU B 30 10.27 -6.97 11.42
N SER B 31 11.56 -6.74 11.16
CA SER B 31 12.52 -7.83 10.98
C SER B 31 12.55 -8.75 12.20
N GLU B 32 12.49 -8.14 13.39
CA GLU B 32 12.51 -8.91 14.65
C GLU B 32 11.25 -9.78 14.74
N ILE B 33 10.12 -9.22 14.31
CA ILE B 33 8.84 -9.93 14.33
C ILE B 33 8.85 -11.07 13.29
N ALA B 34 9.53 -10.83 12.16
CA ALA B 34 9.62 -11.82 11.09
C ALA B 34 10.23 -13.13 11.59
N LYS B 35 11.23 -13.02 12.47
CA LYS B 35 11.90 -14.18 13.04
C LYS B 35 10.94 -14.99 13.91
N GLU B 36 10.11 -14.29 14.69
CA GLU B 36 9.16 -14.93 15.60
C GLU B 36 8.00 -15.57 14.82
N GLN B 37 7.43 -14.84 13.87
CA GLN B 37 6.30 -15.34 13.08
C GLN B 37 6.77 -16.18 11.87
N GLY B 38 8.07 -16.15 11.58
CA GLY B 38 8.63 -16.94 10.48
C GLY B 38 8.22 -16.44 9.08
N PHE B 39 8.20 -15.12 8.87
CA PHE B 39 7.86 -14.56 7.55
C PHE B 39 8.94 -13.56 7.11
N ASN B 40 8.73 -12.92 5.96
CA ASN B 40 9.70 -11.95 5.44
C ASN B 40 9.01 -10.83 4.65
N ILE B 41 9.69 -9.70 4.54
CA ILE B 41 9.16 -8.54 3.82
C ILE B 41 9.90 -8.34 2.49
N THR B 42 9.15 -8.32 1.38
CA THR B 42 9.76 -8.14 0.06
C THR B 42 9.62 -6.69 -0.40
N TYR B 43 10.72 -5.92 -0.35
CA TYR B 43 10.68 -4.51 -0.76
C TYR B 43 11.21 -4.35 -2.20
N LEU B 44 10.35 -3.80 -3.06
CA LEU B 44 10.71 -3.56 -4.46
C LEU B 44 10.51 -2.08 -4.78
N ASP B 45 11.61 -1.35 -4.89
CA ASP B 45 11.55 0.09 -5.18
C ASP B 45 11.39 0.36 -6.67
N ILE B 46 10.94 1.58 -7.00
CA ILE B 46 10.73 2.00 -8.39
C ILE B 46 9.62 1.15 -9.01
N ASP B 47 8.44 1.78 -9.15
CA ASP B 47 7.27 1.09 -9.73
C ASP B 47 7.58 0.61 -11.14
N GLU B 48 8.15 1.50 -11.97
CA GLU B 48 8.49 1.15 -13.35
C GLU B 48 9.16 2.34 -14.07
N LEU B 49 8.75 3.56 -13.71
CA LEU B 49 9.30 4.77 -14.33
C LEU B 49 10.65 5.15 -13.68
N SER B 50 11.72 4.48 -14.12
CA SER B 50 13.06 4.76 -13.59
C SER B 50 13.60 6.10 -14.10
N ALA B 51 13.19 6.48 -15.32
CA ALA B 51 13.64 7.74 -15.93
C ALA B 51 12.93 8.93 -15.26
N ASN B 52 11.64 8.76 -14.95
CA ASN B 52 10.86 9.82 -14.31
C ASN B 52 11.14 9.94 -12.81
N GLY B 53 11.92 9.00 -12.25
CA GLY B 53 12.26 9.01 -10.82
C GLY B 53 11.03 9.26 -9.95
N GLN B 54 10.35 8.18 -9.55
CA GLN B 54 9.15 8.28 -8.71
C GLN B 54 9.51 8.48 -7.23
N TYR B 55 10.73 8.07 -6.84
CA TYR B 55 11.18 8.19 -5.45
C TYR B 55 10.20 7.50 -4.48
N GLN B 56 9.45 6.52 -4.99
CA GLN B 56 8.49 5.77 -4.19
C GLN B 56 8.87 4.29 -4.18
N CYS B 57 8.42 3.55 -3.14
CA CYS B 57 8.75 2.12 -3.05
C CYS B 57 7.50 1.27 -2.75
N LEU B 58 7.53 0.00 -3.17
CA LEU B 58 6.39 -0.90 -2.93
C LEU B 58 6.84 -2.09 -2.06
N ALA B 59 6.02 -2.46 -1.07
CA ALA B 59 6.34 -3.57 -0.17
C ALA B 59 5.27 -4.68 -0.29
N GLU B 60 5.73 -5.92 -0.50
CA GLU B 60 4.83 -7.07 -0.63
C GLU B 60 5.00 -8.04 0.54
N LEU B 61 3.88 -8.53 1.08
CA LEU B 61 3.91 -9.46 2.22
C LEU B 61 4.18 -10.91 1.77
N SER B 62 5.28 -11.47 2.28
CA SER B 62 5.73 -12.83 1.97
C SER B 62 5.02 -13.96 2.75
N THR B 63 4.25 -13.63 3.79
CA THR B 63 3.66 -14.68 4.66
C THR B 63 2.47 -15.45 4.04
N SER B 64 1.52 -14.78 3.37
CA SER B 64 0.38 -15.51 2.75
C SER B 64 -0.54 -14.57 1.95
N PRO B 65 -1.37 -13.71 2.58
CA PRO B 65 -2.26 -12.81 1.80
C PRO B 65 -1.44 -11.71 1.14
N ILE B 66 -1.73 -11.42 -0.12
CA ILE B 66 -0.97 -10.40 -0.85
C ILE B 66 -1.29 -9.04 -0.27
N THR B 67 -0.31 -8.42 0.38
CA THR B 67 -0.50 -7.08 0.94
C THR B 67 0.53 -6.15 0.34
N VAL B 68 0.05 -5.11 -0.34
CA VAL B 68 0.94 -4.16 -1.00
C VAL B 68 0.93 -2.84 -0.23
N CYS B 69 2.10 -2.44 0.28
CA CYS B 69 2.22 -1.18 1.02
C CYS B 69 3.06 -0.19 0.22
N HIS B 70 2.57 1.06 0.09
CA HIS B 70 3.29 2.07 -0.67
C HIS B 70 4.15 2.96 0.26
N GLY B 71 5.40 3.21 -0.15
CA GLY B 71 6.32 4.06 0.60
C GLY B 71 6.50 5.38 -0.14
N SER B 72 6.66 6.47 0.59
CA SER B 72 6.80 7.79 -0.03
C SER B 72 8.21 8.05 -0.55
N GLY B 73 9.24 7.71 0.23
CA GLY B 73 10.62 7.95 -0.16
C GLY B 73 10.92 9.44 -0.27
N ILE B 74 10.33 10.23 0.62
CA ILE B 74 10.53 11.68 0.64
C ILE B 74 11.95 12.03 1.16
N SER B 75 12.55 11.10 1.91
CA SER B 75 13.89 11.29 2.46
C SER B 75 14.68 9.97 2.40
N CYS B 76 15.91 9.98 2.94
CA CYS B 76 16.76 8.79 2.94
C CYS B 76 16.03 7.56 3.47
N GLY B 77 15.83 6.56 2.59
CA GLY B 77 15.15 5.32 2.95
C GLY B 77 13.82 5.58 3.67
N ASN B 78 13.21 6.75 3.44
CA ASN B 78 11.94 7.10 4.06
C ASN B 78 10.81 6.19 3.57
N ALA B 79 10.87 5.78 2.30
CA ALA B 79 9.85 4.92 1.72
C ALA B 79 9.69 3.65 2.54
N GLN B 80 10.81 3.10 3.00
CA GLN B 80 10.82 1.89 3.79
C GLN B 80 10.07 2.11 5.12
N SER B 81 10.32 3.25 5.76
CA SER B 81 9.68 3.57 7.04
C SER B 81 8.18 3.80 6.86
N ASP B 82 7.79 4.45 5.76
CA ASP B 82 6.37 4.71 5.49
C ASP B 82 5.63 3.39 5.30
N ALA B 83 6.20 2.50 4.48
CA ALA B 83 5.59 1.20 4.23
C ALA B 83 5.61 0.35 5.51
N ALA B 84 6.71 0.43 6.25
CA ALA B 84 6.87 -0.32 7.49
C ALA B 84 5.82 0.12 8.53
N HIS B 85 5.54 1.43 8.55
CA HIS B 85 4.56 1.97 9.49
C HIS B 85 3.16 1.38 9.23
N ASN B 86 2.83 1.20 7.95
CA ASN B 86 1.53 0.64 7.57
C ASN B 86 1.38 -0.79 8.10
N ALA B 87 2.48 -1.55 8.07
CA ALA B 87 2.48 -2.93 8.55
C ALA B 87 2.12 -3.00 10.03
N LEU B 88 2.70 -2.07 10.82
CA LEU B 88 2.44 -2.03 12.27
C LEU B 88 0.96 -1.71 12.53
N GLN B 89 0.42 -0.76 11.75
CA GLN B 89 -0.98 -0.36 11.89
C GLN B 89 -1.90 -1.52 11.52
N TYR B 90 -1.57 -2.22 10.43
CA TYR B 90 -2.37 -3.36 9.97
C TYR B 90 -2.24 -4.55 10.94
N LEU B 91 -1.05 -4.70 11.53
CA LEU B 91 -0.80 -5.80 12.47
C LEU B 91 -1.70 -5.66 13.71
N LYS B 92 -1.93 -4.42 14.15
CA LYS B 92 -2.75 -4.15 15.33
C LYS B 92 -4.20 -4.59 15.14
N ILE B 93 -4.76 -4.34 13.94
CA ILE B 93 -6.16 -4.70 13.67
C ILE B 93 -6.38 -6.22 13.78
N ILE B 94 -5.39 -7.00 13.32
CA ILE B 94 -5.48 -8.46 13.38
C ILE B 94 -5.49 -8.94 14.83
N ASP A 25 -7.76 12.17 -12.92
CA ASP A 25 -8.56 11.29 -12.04
C ASP A 25 -8.13 9.83 -12.25
N TYR A 26 -7.22 9.36 -11.38
CA TYR A 26 -6.72 7.98 -11.48
C TYR A 26 -7.83 6.96 -11.23
N ILE A 27 -8.77 7.31 -10.34
CA ILE A 27 -9.88 6.42 -9.99
C ILE A 27 -10.74 6.16 -11.24
N GLN A 28 -10.94 7.20 -12.06
CA GLN A 28 -11.74 7.07 -13.27
C GLN A 28 -11.14 6.01 -14.21
N LEU A 29 -9.81 6.04 -14.35
CA LEU A 29 -9.11 5.10 -15.21
C LEU A 29 -9.26 3.66 -14.68
N LEU A 30 -9.15 3.52 -13.36
CA LEU A 30 -9.25 2.21 -12.71
C LEU A 30 -10.64 1.59 -12.95
N SER A 31 -11.68 2.44 -12.92
CA SER A 31 -13.05 1.98 -13.12
C SER A 31 -13.20 1.29 -14.48
N GLU A 32 -12.59 1.87 -15.51
CA GLU A 32 -12.66 1.30 -16.86
C GLU A 32 -11.93 -0.04 -16.93
N ILE A 33 -10.77 -0.12 -16.28
CA ILE A 33 -9.97 -1.35 -16.28
C ILE A 33 -10.71 -2.46 -15.53
N ALA A 34 -11.29 -2.12 -14.38
CA ALA A 34 -12.03 -3.09 -13.57
C ALA A 34 -13.19 -3.69 -14.36
N LYS A 35 -13.90 -2.84 -15.11
CA LYS A 35 -15.03 -3.27 -15.91
C LYS A 35 -14.57 -4.19 -17.06
N GLU A 36 -13.41 -3.87 -17.64
CA GLU A 36 -12.85 -4.67 -18.74
C GLU A 36 -12.64 -6.12 -18.30
N GLN A 37 -12.20 -6.31 -17.05
CA GLN A 37 -11.96 -7.66 -16.52
C GLN A 37 -13.17 -8.18 -15.72
N GLY A 38 -14.11 -7.29 -15.36
CA GLY A 38 -15.31 -7.68 -14.62
C GLY A 38 -15.03 -7.91 -13.14
N PHE A 39 -14.00 -7.25 -12.60
CA PHE A 39 -13.66 -7.39 -11.17
C PHE A 39 -14.19 -6.20 -10.37
N ASN A 40 -14.61 -6.47 -9.13
CA ASN A 40 -15.13 -5.43 -8.25
C ASN A 40 -14.07 -5.03 -7.23
N ILE A 41 -14.03 -3.73 -6.89
CA ILE A 41 -13.05 -3.22 -5.92
C ILE A 41 -13.78 -2.67 -4.69
N THR A 42 -13.38 -3.13 -3.50
CA THR A 42 -13.99 -2.67 -2.25
C THR A 42 -13.09 -1.64 -1.57
N TYR A 43 -13.58 -0.41 -1.38
CA TYR A 43 -12.77 0.64 -0.75
C TYR A 43 -13.30 0.94 0.66
N LEU A 44 -12.43 0.73 1.66
CA LEU A 44 -12.78 0.98 3.05
C LEU A 44 -12.09 2.25 3.54
N ASP A 45 -12.80 3.38 3.46
CA ASP A 45 -12.25 4.67 3.88
C ASP A 45 -12.26 4.80 5.40
N ILE A 46 -11.07 5.00 5.98
CA ILE A 46 -10.93 5.16 7.43
C ILE A 46 -10.93 6.64 7.80
N ASP A 47 -11.82 7.03 8.72
CA ASP A 47 -11.94 8.43 9.14
C ASP A 47 -10.93 8.80 10.24
N GLU A 48 -10.22 7.81 10.81
CA GLU A 48 -9.25 8.08 11.86
C GLU A 48 -8.22 9.11 11.40
N LEU A 49 -8.37 10.35 11.87
CA LEU A 49 -7.46 11.43 11.50
C LEU A 49 -6.64 11.86 12.72
N SER A 50 -5.31 11.87 12.58
CA SER A 50 -4.42 12.27 13.68
C SER A 50 -3.50 13.41 13.24
N ALA A 51 -2.72 13.93 14.19
CA ALA A 51 -1.79 15.03 13.90
C ALA A 51 -0.80 14.65 12.80
N ASN A 52 -0.45 13.36 12.73
CA ASN A 52 0.49 12.86 11.71
C ASN A 52 0.06 11.49 11.20
N GLY A 53 -1.26 11.30 11.04
CA GLY A 53 -1.81 10.03 10.55
C GLY A 53 -2.41 10.18 9.15
N GLN A 54 -2.89 11.38 8.83
CA GLN A 54 -3.50 11.65 7.52
C GLN A 54 -4.62 10.66 7.23
N TYR A 55 -5.31 10.85 6.09
CA TYR A 55 -6.39 9.99 5.69
C TYR A 55 -5.83 8.72 5.02
N GLN A 56 -6.37 7.55 5.40
CA GLN A 56 -5.92 6.27 4.85
C GLN A 56 -7.10 5.52 4.23
N CYS A 57 -6.82 4.66 3.25
CA CYS A 57 -7.86 3.89 2.58
C CYS A 57 -7.39 2.46 2.30
N LEU A 58 -8.27 1.48 2.54
CA LEU A 58 -7.95 0.07 2.33
C LEU A 58 -8.73 -0.49 1.13
N ALA A 59 -8.01 -0.95 0.10
CA ALA A 59 -8.64 -1.53 -1.08
C ALA A 59 -8.62 -3.06 -0.99
N GLU A 60 -9.79 -3.67 -0.77
CA GLU A 60 -9.90 -5.13 -0.64
C GLU A 60 -10.69 -5.76 -1.80
N LEU A 61 -10.10 -6.79 -2.42
CA LEU A 61 -10.77 -7.49 -3.54
C LEU A 61 -11.67 -8.62 -3.01
N SER A 62 -12.96 -8.62 -3.40
CA SER A 62 -13.92 -9.64 -2.92
C SER A 62 -14.11 -10.79 -3.92
N THR A 63 -14.17 -10.49 -5.22
CA THR A 63 -14.32 -11.54 -6.25
C THR A 63 -12.96 -12.19 -6.54
N SER A 64 -11.93 -11.37 -6.41
CA SER A 64 -10.54 -11.74 -6.58
C SER A 64 -10.02 -12.30 -5.24
N PRO A 65 -8.86 -12.94 -5.19
CA PRO A 65 -8.35 -13.52 -3.91
C PRO A 65 -8.09 -12.37 -2.96
N ILE A 66 -7.98 -12.66 -1.65
CA ILE A 66 -7.92 -11.58 -0.68
C ILE A 66 -6.58 -10.86 -0.69
N THR A 67 -6.68 -9.59 -1.11
CA THR A 67 -5.56 -8.69 -1.22
C THR A 67 -6.01 -7.33 -0.71
N VAL A 68 -5.25 -6.77 0.24
CA VAL A 68 -5.57 -5.46 0.80
C VAL A 68 -4.39 -4.50 0.62
N CYS A 69 -4.66 -3.33 0.03
CA CYS A 69 -3.62 -2.33 -0.20
C CYS A 69 -3.83 -1.13 0.74
N HIS A 70 -2.73 -0.53 1.20
CA HIS A 70 -2.81 0.62 2.12
C HIS A 70 -2.31 1.90 1.44
N GLY A 71 -3.20 2.89 1.28
CA GLY A 71 -2.85 4.17 0.67
C GLY A 71 -3.09 5.31 1.66
N SER A 72 -2.48 6.47 1.39
CA SER A 72 -2.62 7.64 2.27
C SER A 72 -2.70 8.93 1.46
N GLY A 73 -3.47 9.90 1.95
CA GLY A 73 -3.63 11.18 1.27
C GLY A 73 -2.75 12.26 1.90
N ILE A 74 -2.34 13.23 1.10
CA ILE A 74 -1.50 14.33 1.58
C ILE A 74 -2.32 15.32 2.42
N SER A 75 -3.63 15.43 2.11
CA SER A 75 -4.51 16.34 2.84
C SER A 75 -5.98 16.05 2.50
N CYS A 76 -6.47 14.88 2.94
CA CYS A 76 -7.86 14.46 2.70
C CYS A 76 -8.15 14.33 1.19
N GLY A 77 -8.96 13.34 0.84
CA GLY A 77 -9.33 13.10 -0.56
C GLY A 77 -8.22 12.39 -1.32
N ASN A 78 -7.01 12.96 -1.26
CA ASN A 78 -5.85 12.38 -1.94
C ASN A 78 -5.61 10.92 -1.55
N ALA A 79 -6.12 10.51 -0.37
CA ALA A 79 -5.94 9.15 0.11
C ALA A 79 -6.57 8.15 -0.85
N GLN A 80 -7.78 8.46 -1.31
CA GLN A 80 -8.48 7.61 -2.27
C GLN A 80 -7.67 7.49 -3.56
N SER A 81 -7.04 8.61 -3.95
CA SER A 81 -6.24 8.66 -5.17
C SER A 81 -4.97 7.80 -5.02
N ASP A 82 -4.36 7.85 -3.84
CA ASP A 82 -3.13 7.08 -3.58
C ASP A 82 -3.42 5.58 -3.66
N ALA A 83 -4.49 5.15 -2.97
CA ALA A 83 -4.86 3.74 -2.96
C ALA A 83 -5.20 3.27 -4.38
N ALA A 84 -5.92 4.11 -5.13
CA ALA A 84 -6.30 3.80 -6.50
C ALA A 84 -5.05 3.69 -7.38
N HIS A 85 -4.11 4.63 -7.19
CA HIS A 85 -2.88 4.64 -7.96
C HIS A 85 -2.04 3.39 -7.64
N ASN A 86 -2.03 3.00 -6.36
CA ASN A 86 -1.27 1.83 -5.92
C ASN A 86 -1.79 0.56 -6.61
N ALA A 87 -3.11 0.50 -6.81
CA ALA A 87 -3.74 -0.67 -7.45
C ALA A 87 -3.17 -0.86 -8.86
N LEU A 88 -2.98 0.25 -9.59
CA LEU A 88 -2.44 0.20 -10.94
C LEU A 88 -1.02 -0.36 -10.93
N GLN A 89 -0.23 0.06 -9.93
CA GLN A 89 1.16 -0.39 -9.79
C GLN A 89 1.19 -1.88 -9.40
N TYR A 90 0.17 -2.33 -8.67
CA TYR A 90 0.08 -3.71 -8.23
C TYR A 90 -0.03 -4.64 -9.44
N LEU A 91 -0.83 -4.22 -10.42
CA LEU A 91 -1.04 -5.01 -11.63
C LEU A 91 0.21 -5.04 -12.51
N LYS A 92 0.96 -3.92 -12.51
CA LYS A 92 2.17 -3.81 -13.31
C LYS A 92 3.26 -4.73 -12.78
N ILE A 93 3.42 -4.77 -11.46
CA ILE A 93 4.45 -5.60 -10.82
C ILE A 93 4.19 -7.09 -11.08
N ILE A 94 2.97 -7.56 -10.76
CA ILE A 94 2.62 -8.97 -10.95
C ILE A 94 2.80 -9.39 -12.42
N ASP B 25 16.34 1.44 12.55
CA ASP B 25 15.06 2.16 12.24
C ASP B 25 13.88 1.26 12.60
N TYR B 26 12.66 1.78 12.40
CA TYR B 26 11.44 1.01 12.70
C TYR B 26 11.41 -0.29 11.89
N ILE B 27 11.85 -0.22 10.64
CA ILE B 27 11.88 -1.38 9.75
C ILE B 27 12.73 -2.50 10.38
N GLN B 28 13.80 -2.12 11.07
CA GLN B 28 14.70 -3.08 11.72
C GLN B 28 13.96 -3.87 12.80
N LEU B 29 13.14 -3.16 13.58
CA LEU B 29 12.38 -3.78 14.67
C LEU B 29 11.42 -4.84 14.11
N LEU B 30 10.74 -4.49 13.02
CA LEU B 30 9.79 -5.39 12.38
C LEU B 30 10.54 -6.57 11.72
N SER B 31 11.69 -6.27 11.11
CA SER B 31 12.50 -7.28 10.44
C SER B 31 13.00 -8.35 11.41
N GLU B 32 13.44 -7.94 12.60
CA GLU B 32 13.96 -8.89 13.59
C GLU B 32 12.88 -9.82 14.14
N ILE B 33 11.67 -9.29 14.33
CA ILE B 33 10.55 -10.10 14.86
C ILE B 33 10.04 -11.07 13.79
N ALA B 34 10.03 -10.63 12.54
CA ALA B 34 9.57 -11.47 11.43
C ALA B 34 10.49 -12.67 11.23
N LYS B 35 11.80 -12.45 11.39
CA LYS B 35 12.79 -13.52 11.25
C LYS B 35 12.55 -14.64 12.26
N GLU B 36 12.10 -14.27 13.46
CA GLU B 36 11.83 -15.25 14.51
C GLU B 36 10.74 -16.22 14.05
N GLN B 37 9.73 -15.68 13.34
CA GLN B 37 8.64 -16.50 12.82
C GLN B 37 8.97 -17.09 11.44
N GLY B 38 10.06 -16.62 10.82
CA GLY B 38 10.48 -17.13 9.50
C GLY B 38 9.74 -16.44 8.36
N PHE B 39 9.30 -15.19 8.58
CA PHE B 39 8.58 -14.42 7.56
C PHE B 39 9.29 -13.09 7.32
N ASN B 40 9.08 -12.49 6.14
CA ASN B 40 9.73 -11.22 5.81
C ASN B 40 8.92 -10.40 4.82
N ILE B 41 9.16 -9.09 4.81
CA ILE B 41 8.47 -8.18 3.88
C ILE B 41 9.43 -7.74 2.79
N THR B 42 8.99 -7.79 1.53
CA THR B 42 9.83 -7.42 0.39
C THR B 42 9.48 -6.02 -0.16
N TYR B 43 10.49 -5.16 -0.34
CA TYR B 43 10.26 -3.81 -0.87
C TYR B 43 10.56 -3.76 -2.36
N LEU B 44 9.52 -3.59 -3.19
CA LEU B 44 9.70 -3.52 -4.65
C LEU B 44 8.78 -2.46 -5.26
N ASP B 45 9.31 -1.68 -6.21
CA ASP B 45 8.55 -0.64 -6.92
C ASP B 45 9.48 0.15 -7.83
N ILE B 46 10.51 0.75 -7.23
CA ILE B 46 11.49 1.56 -7.98
C ILE B 46 11.93 0.88 -9.28
N ASP B 47 11.84 -0.46 -9.33
CA ASP B 47 12.23 -1.21 -10.53
C ASP B 47 11.34 -0.82 -11.72
N GLU B 48 10.03 -0.68 -11.46
CA GLU B 48 9.07 -0.32 -12.50
C GLU B 48 8.42 1.04 -12.19
N LEU B 49 7.79 1.64 -13.19
CA LEU B 49 7.12 2.94 -13.03
C LEU B 49 8.09 3.98 -12.44
N SER B 50 9.39 3.85 -12.76
CA SER B 50 10.40 4.77 -12.27
C SER B 50 10.30 6.14 -12.96
N ALA B 51 9.85 6.15 -14.21
CA ALA B 51 9.71 7.40 -14.97
C ALA B 51 8.54 8.24 -14.45
N ASN B 52 7.45 7.57 -14.05
CA ASN B 52 6.26 8.25 -13.54
C ASN B 52 6.34 8.51 -12.03
N GLY B 53 7.38 7.97 -11.36
CA GLY B 53 7.55 8.17 -9.92
C GLY B 53 8.98 8.63 -9.62
N GLN B 54 9.11 9.67 -8.79
CA GLN B 54 10.43 10.21 -8.44
C GLN B 54 11.11 9.39 -7.35
N TYR B 55 10.31 8.67 -6.52
CA TYR B 55 10.87 7.83 -5.44
C TYR B 55 9.72 7.28 -4.56
N GLN B 56 9.33 6.04 -4.82
CA GLN B 56 8.26 5.38 -4.05
C GLN B 56 8.58 3.88 -3.92
N CYS B 57 8.01 3.23 -2.90
CA CYS B 57 8.28 1.78 -2.70
C CYS B 57 7.04 1.04 -2.19
N LEU B 58 6.87 -0.22 -2.64
CA LEU B 58 5.72 -1.04 -2.19
C LEU B 58 6.23 -2.25 -1.41
N ALA B 59 5.49 -2.64 -0.36
CA ALA B 59 5.89 -3.78 0.48
C ALA B 59 4.98 -4.99 0.26
N GLU B 60 5.54 -6.05 -0.32
CA GLU B 60 4.79 -7.29 -0.58
C GLU B 60 5.00 -8.28 0.57
N LEU B 61 3.89 -8.77 1.15
CA LEU B 61 3.95 -9.70 2.28
C LEU B 61 4.26 -11.15 1.82
N SER B 62 5.30 -11.72 2.44
CA SER B 62 5.77 -13.08 2.17
C SER B 62 4.97 -14.19 2.87
N THR B 63 4.09 -13.84 3.83
CA THR B 63 3.41 -14.87 4.65
C THR B 63 2.31 -15.67 3.92
N SER B 64 1.42 -15.04 3.13
CA SER B 64 0.37 -15.81 2.41
C SER B 64 -0.53 -14.91 1.54
N PRO B 65 -1.50 -14.14 2.08
CA PRO B 65 -2.35 -13.27 1.22
C PRO B 65 -1.52 -12.14 0.66
N ILE B 66 -1.83 -11.70 -0.55
CA ILE B 66 -1.06 -10.63 -1.16
C ILE B 66 -1.44 -9.30 -0.50
N THR B 67 -0.50 -8.73 0.25
CA THR B 67 -0.72 -7.46 0.91
C THR B 67 0.34 -6.46 0.46
N VAL B 68 -0.11 -5.37 -0.14
CA VAL B 68 0.81 -4.34 -0.64
C VAL B 68 0.65 -3.04 0.13
N CYS B 69 1.73 -2.60 0.77
CA CYS B 69 1.72 -1.36 1.55
C CYS B 69 2.55 -0.32 0.79
N HIS B 70 2.16 0.96 0.88
CA HIS B 70 2.88 2.01 0.14
C HIS B 70 3.93 2.73 1.01
N GLY B 71 5.04 3.12 0.35
CA GLY B 71 6.13 3.84 0.99
C GLY B 71 6.36 5.15 0.24
N SER B 72 6.66 6.23 0.95
CA SER B 72 6.84 7.54 0.30
C SER B 72 8.26 7.74 -0.23
N GLY B 73 9.27 7.34 0.53
CA GLY B 73 10.67 7.50 0.11
C GLY B 73 10.96 8.95 -0.29
N ILE B 74 10.54 9.90 0.54
CA ILE B 74 10.75 11.32 0.27
C ILE B 74 12.24 11.69 0.43
N SER B 75 12.95 11.01 1.34
CA SER B 75 14.36 11.28 1.59
C SER B 75 15.24 10.25 0.88
N CYS B 76 15.11 8.97 1.27
CA CYS B 76 15.89 7.89 0.67
C CYS B 76 15.44 6.53 1.20
N GLY B 77 15.23 6.44 2.52
CA GLY B 77 14.78 5.19 3.16
C GLY B 77 13.47 5.39 3.95
N ASN B 78 12.83 6.55 3.76
CA ASN B 78 11.58 6.87 4.44
C ASN B 78 10.44 5.94 4.00
N ALA B 79 10.45 5.54 2.72
CA ALA B 79 9.40 4.68 2.18
C ALA B 79 9.29 3.39 2.99
N GLN B 80 10.43 2.77 3.26
CA GLN B 80 10.48 1.54 4.03
C GLN B 80 9.94 1.80 5.44
N SER B 81 10.31 2.94 6.02
CA SER B 81 9.89 3.30 7.36
C SER B 81 8.38 3.60 7.43
N ASP B 82 7.83 4.23 6.39
CA ASP B 82 6.41 4.56 6.35
C ASP B 82 5.57 3.30 6.26
N ALA B 83 5.97 2.37 5.39
CA ALA B 83 5.25 1.11 5.20
C ALA B 83 5.39 0.23 6.45
N ALA B 84 6.58 0.23 7.05
CA ALA B 84 6.83 -0.55 8.26
C ALA B 84 6.06 0.03 9.45
N HIS B 85 6.07 1.35 9.56
CA HIS B 85 5.38 2.04 10.65
C HIS B 85 3.87 1.82 10.53
N ASN B 86 3.35 1.88 9.31
CA ASN B 86 1.93 1.67 9.07
C ASN B 86 1.51 0.26 9.47
N ALA B 87 2.37 -0.71 9.19
CA ALA B 87 2.09 -2.10 9.53
C ALA B 87 1.91 -2.28 11.03
N LEU B 88 2.82 -1.71 11.83
CA LEU B 88 2.74 -1.81 13.28
C LEU B 88 1.47 -1.12 13.81
N GLN B 89 1.15 0.05 13.23
CA GLN B 89 -0.01 0.81 13.64
C GLN B 89 -1.31 0.03 13.35
N TYR B 90 -1.41 -0.54 12.14
CA TYR B 90 -2.60 -1.30 11.77
C TYR B 90 -2.64 -2.65 12.49
N LEU B 91 -1.47 -3.25 12.72
CA LEU B 91 -1.38 -4.52 13.43
C LEU B 91 -1.90 -4.39 14.86
N LYS B 92 -1.59 -3.26 15.49
CA LYS B 92 -2.01 -3.00 16.87
C LYS B 92 -3.54 -2.87 16.97
N ILE B 93 -4.12 -2.04 16.10
CA ILE B 93 -5.57 -1.82 16.11
C ILE B 93 -6.33 -3.09 15.68
N ILE B 94 -5.89 -3.74 14.60
CA ILE B 94 -6.53 -4.97 14.12
C ILE B 94 -6.26 -6.12 15.12
N ASP A 25 -10.03 12.38 -11.88
CA ASP A 25 -10.14 11.44 -10.72
C ASP A 25 -9.58 10.08 -11.11
N TYR A 26 -8.46 9.70 -10.48
CA TYR A 26 -7.82 8.41 -10.76
C TYR A 26 -8.77 7.26 -10.45
N ILE A 27 -9.52 7.39 -9.35
CA ILE A 27 -10.47 6.35 -8.94
C ILE A 27 -11.50 6.11 -10.05
N GLN A 28 -11.96 7.20 -10.68
CA GLN A 28 -12.94 7.10 -11.76
C GLN A 28 -12.38 6.29 -12.93
N LEU A 29 -11.09 6.47 -13.21
CA LEU A 29 -10.43 5.75 -14.30
C LEU A 29 -10.41 4.25 -14.04
N LEU A 30 -10.25 3.86 -12.78
CA LEU A 30 -10.21 2.45 -12.39
C LEU A 30 -11.53 1.76 -12.76
N SER A 31 -12.64 2.48 -12.59
CA SER A 31 -13.97 1.93 -12.90
C SER A 31 -14.02 1.45 -14.35
N GLU A 32 -13.47 2.25 -15.26
CA GLU A 32 -13.47 1.91 -16.69
C GLU A 32 -12.58 0.69 -16.95
N ILE A 33 -11.43 0.62 -16.26
CA ILE A 33 -10.51 -0.51 -16.42
C ILE A 33 -11.15 -1.81 -15.91
N ALA A 34 -11.84 -1.71 -14.77
CA ALA A 34 -12.51 -2.87 -14.18
C ALA A 34 -13.49 -3.51 -15.17
N LYS A 35 -14.13 -2.68 -15.99
CA LYS A 35 -15.10 -3.15 -16.98
C LYS A 35 -14.41 -3.94 -18.11
N GLU A 36 -13.18 -3.52 -18.47
CA GLU A 36 -12.43 -4.16 -19.55
C GLU A 36 -12.00 -5.59 -19.18
N GLN A 37 -11.50 -5.77 -17.94
CA GLN A 37 -11.05 -7.09 -17.50
C GLN A 37 -12.16 -7.82 -16.71
N GLY A 38 -13.20 -7.08 -16.29
CA GLY A 38 -14.32 -7.67 -15.56
C GLY A 38 -13.98 -7.96 -14.09
N PHE A 39 -13.03 -7.21 -13.50
CA PHE A 39 -12.66 -7.42 -12.10
C PHE A 39 -13.40 -6.43 -11.19
N ASN A 40 -13.88 -6.94 -10.04
CA ASN A 40 -14.59 -6.11 -9.07
C ASN A 40 -13.77 -6.00 -7.78
N ILE A 41 -13.73 -4.78 -7.20
CA ILE A 41 -12.97 -4.56 -5.97
C ILE A 41 -13.82 -3.84 -4.92
N THR A 42 -13.51 -4.10 -3.64
CA THR A 42 -14.23 -3.49 -2.53
C THR A 42 -13.30 -2.50 -1.79
N TYR A 43 -13.54 -1.20 -1.97
CA TYR A 43 -12.71 -0.17 -1.32
C TYR A 43 -13.08 -0.01 0.15
N LEU A 44 -12.08 0.06 1.02
CA LEU A 44 -12.30 0.22 2.46
C LEU A 44 -11.65 1.50 2.98
N ASP A 45 -12.43 2.58 3.04
CA ASP A 45 -11.93 3.87 3.52
C ASP A 45 -12.10 3.99 5.04
N ILE A 46 -10.97 4.13 5.76
CA ILE A 46 -10.99 4.25 7.21
C ILE A 46 -11.03 5.74 7.60
N ASP A 47 -12.07 6.14 8.34
CA ASP A 47 -12.23 7.54 8.77
C ASP A 47 -11.65 7.78 10.18
N GLU A 48 -11.40 6.70 10.92
CA GLU A 48 -10.85 6.81 12.29
C GLU A 48 -9.47 7.48 12.25
N LEU A 49 -9.46 8.80 12.50
CA LEU A 49 -8.22 9.57 12.51
C LEU A 49 -7.80 9.90 13.94
N SER A 50 -6.49 10.13 14.14
CA SER A 50 -5.96 10.46 15.46
C SER A 50 -4.76 11.41 15.32
N ALA A 51 -4.18 11.79 16.46
CA ALA A 51 -3.02 12.70 16.47
C ALA A 51 -1.91 12.20 15.52
N ASN A 52 -1.76 10.88 15.43
CA ASN A 52 -0.74 10.28 14.56
C ASN A 52 -1.29 9.01 13.91
N GLY A 53 -1.80 9.15 12.68
CA GLY A 53 -2.37 8.01 11.96
C GLY A 53 -2.59 8.33 10.47
N GLN A 54 -3.01 9.57 10.19
CA GLN A 54 -3.27 9.99 8.81
C GLN A 54 -4.36 9.11 8.19
N TYR A 55 -4.95 9.58 7.09
CA TYR A 55 -6.00 8.83 6.41
C TYR A 55 -5.40 7.63 5.68
N GLN A 56 -6.01 6.46 5.88
CA GLN A 56 -5.54 5.22 5.27
C GLN A 56 -6.72 4.46 4.66
N CYS A 57 -6.46 3.68 3.60
CA CYS A 57 -7.52 2.92 2.93
C CYS A 57 -7.02 1.53 2.52
N LEU A 58 -7.88 0.53 2.68
CA LEU A 58 -7.53 -0.85 2.32
C LEU A 58 -8.40 -1.35 1.15
N ALA A 59 -7.74 -1.86 0.11
CA ALA A 59 -8.44 -2.38 -1.06
C ALA A 59 -8.52 -3.91 -0.98
N GLU A 60 -9.73 -4.45 -0.92
CA GLU A 60 -9.92 -5.91 -0.83
C GLU A 60 -10.47 -6.50 -2.12
N LEU A 61 -9.77 -7.51 -2.66
CA LEU A 61 -10.20 -8.16 -3.92
C LEU A 61 -11.33 -9.18 -3.63
N SER A 62 -12.47 -9.03 -4.34
CA SER A 62 -13.62 -9.95 -4.13
C SER A 62 -13.71 -11.06 -5.19
N THR A 63 -13.45 -10.72 -6.47
CA THR A 63 -13.50 -11.74 -7.55
C THR A 63 -12.07 -12.14 -7.99
N SER A 64 -11.13 -11.90 -7.10
CA SER A 64 -9.71 -12.17 -7.30
C SER A 64 -9.17 -12.90 -6.06
N PRO A 65 -7.98 -13.48 -6.10
CA PRO A 65 -7.42 -14.20 -4.93
C PRO A 65 -7.23 -13.18 -3.80
N ILE A 66 -7.09 -13.63 -2.56
CA ILE A 66 -7.10 -12.68 -1.44
C ILE A 66 -5.80 -11.89 -1.38
N THR A 67 -5.99 -10.59 -1.64
CA THR A 67 -4.94 -9.60 -1.66
C THR A 67 -5.48 -8.30 -1.06
N VAL A 68 -4.63 -7.59 -0.32
CA VAL A 68 -5.02 -6.33 0.31
C VAL A 68 -4.02 -5.23 -0.07
N CYS A 69 -4.51 -4.19 -0.74
CA CYS A 69 -3.66 -3.07 -1.16
C CYS A 69 -3.74 -1.96 -0.11
N HIS A 70 -2.59 -1.42 0.31
CA HIS A 70 -2.56 -0.36 1.33
C HIS A 70 -2.11 1.00 0.78
N GLY A 71 -3.01 2.00 0.83
CA GLY A 71 -2.71 3.36 0.39
C GLY A 71 -2.83 4.31 1.59
N SER A 72 -2.24 5.51 1.49
CA SER A 72 -2.30 6.48 2.61
C SER A 72 -2.10 7.91 2.10
N GLY A 73 -2.58 8.88 2.88
CA GLY A 73 -2.47 10.29 2.51
C GLY A 73 -1.45 11.01 3.41
N ILE A 74 -1.02 12.19 2.97
CA ILE A 74 -0.04 12.98 3.72
C ILE A 74 -0.72 13.69 4.92
N SER A 75 -2.01 14.00 4.80
CA SER A 75 -2.76 14.66 5.86
C SER A 75 -4.25 14.32 5.82
N CYS A 76 -4.86 14.47 4.65
CA CYS A 76 -6.30 14.18 4.48
C CYS A 76 -6.75 14.34 3.03
N GLY A 77 -7.47 13.34 2.52
CA GLY A 77 -7.97 13.37 1.15
C GLY A 77 -6.98 12.72 0.18
N ASN A 78 -5.70 13.04 0.35
CA ASN A 78 -4.64 12.49 -0.51
C ASN A 78 -4.59 10.96 -0.43
N ALA A 79 -5.14 10.37 0.64
CA ALA A 79 -5.13 8.92 0.80
C ALA A 79 -5.89 8.22 -0.31
N GLN A 80 -7.08 8.72 -0.63
CA GLN A 80 -7.88 8.13 -1.70
C GLN A 80 -7.12 8.23 -3.03
N SER A 81 -6.43 9.36 -3.22
CA SER A 81 -5.67 9.60 -4.43
C SER A 81 -4.44 8.67 -4.50
N ASP A 82 -3.78 8.47 -3.35
CA ASP A 82 -2.59 7.62 -3.28
C ASP A 82 -2.95 6.16 -3.50
N ALA A 83 -4.03 5.71 -2.86
CA ALA A 83 -4.47 4.32 -2.99
C ALA A 83 -4.90 4.03 -4.43
N ALA A 84 -5.71 4.92 -5.00
CA ALA A 84 -6.19 4.76 -6.38
C ALA A 84 -5.01 4.72 -7.35
N HIS A 85 -4.05 5.65 -7.17
CA HIS A 85 -2.87 5.71 -8.02
C HIS A 85 -1.96 4.52 -7.74
N ASN A 86 -1.91 4.11 -6.48
CA ASN A 86 -1.08 2.98 -6.04
C ASN A 86 -1.58 1.68 -6.68
N ALA A 87 -2.90 1.53 -6.78
CA ALA A 87 -3.50 0.33 -7.37
C ALA A 87 -3.05 0.17 -8.82
N LEU A 88 -3.01 1.29 -9.55
CA LEU A 88 -2.60 1.28 -10.96
C LEU A 88 -1.16 0.81 -11.10
N GLN A 89 -0.28 1.29 -10.21
CA GLN A 89 1.14 0.92 -10.24
C GLN A 89 1.31 -0.53 -9.79
N TYR A 90 0.51 -0.93 -8.80
CA TYR A 90 0.55 -2.28 -8.26
C TYR A 90 -0.03 -3.29 -9.27
N LEU A 91 -0.92 -2.81 -10.14
CA LEU A 91 -1.54 -3.65 -11.16
C LEU A 91 -0.51 -4.04 -12.23
N LYS A 92 0.44 -3.13 -12.50
CA LYS A 92 1.47 -3.38 -13.50
C LYS A 92 2.34 -4.56 -13.06
N ILE A 93 2.81 -4.52 -11.81
CA ILE A 93 3.64 -5.60 -11.30
C ILE A 93 2.80 -6.89 -11.16
N ILE A 94 1.69 -6.84 -10.40
CA ILE A 94 0.83 -8.01 -10.24
C ILE A 94 0.05 -8.26 -11.54
N ASP B 25 14.45 2.76 13.77
CA ASP B 25 13.52 2.92 12.62
C ASP B 25 12.35 1.95 12.77
N TYR B 26 11.20 2.32 12.20
CA TYR B 26 10.01 1.47 12.26
C TYR B 26 10.25 0.14 11.55
N ILE B 27 10.94 0.22 10.41
CA ILE B 27 11.26 -0.97 9.63
C ILE B 27 12.13 -1.94 10.44
N GLN B 28 13.03 -1.37 11.26
CA GLN B 28 13.93 -2.16 12.09
C GLN B 28 13.16 -2.96 13.14
N LEU B 29 12.21 -2.30 13.81
CA LEU B 29 11.41 -2.96 14.84
C LEU B 29 10.57 -4.09 14.24
N LEU B 30 9.97 -3.83 13.08
CA LEU B 30 9.13 -4.81 12.40
C LEU B 30 9.95 -6.04 11.98
N SER B 31 11.20 -5.80 11.55
CA SER B 31 12.08 -6.89 11.12
C SER B 31 12.29 -7.91 12.23
N GLU B 32 12.48 -7.42 13.46
CA GLU B 32 12.69 -8.31 14.61
C GLU B 32 11.42 -9.10 14.94
N ILE B 33 10.28 -8.42 14.84
CA ILE B 33 8.98 -9.04 15.12
C ILE B 33 8.65 -10.11 14.07
N ALA B 34 8.99 -9.82 12.81
CA ALA B 34 8.72 -10.74 11.70
C ALA B 34 9.41 -12.09 11.92
N LYS B 35 10.63 -12.06 12.45
CA LYS B 35 11.38 -13.29 12.71
C LYS B 35 10.70 -14.12 13.78
N GLU B 36 10.22 -13.45 14.84
CA GLU B 36 9.56 -14.13 15.95
C GLU B 36 8.20 -14.69 15.51
N GLN B 37 7.45 -13.91 14.73
CA GLN B 37 6.14 -14.34 14.25
C GLN B 37 6.24 -15.24 13.01
N GLY B 38 7.44 -15.33 12.40
CA GLY B 38 7.64 -16.16 11.21
C GLY B 38 7.07 -15.51 9.94
N PHE B 39 7.01 -14.17 9.94
CA PHE B 39 6.50 -13.42 8.79
C PHE B 39 7.65 -12.99 7.89
N ASN B 40 7.39 -12.87 6.59
CA ASN B 40 8.43 -12.46 5.62
C ASN B 40 8.01 -11.19 4.90
N ILE B 41 8.93 -10.23 4.84
CA ILE B 41 8.66 -8.95 4.17
C ILE B 41 9.73 -8.72 3.08
N THR B 42 9.27 -8.51 1.85
CA THR B 42 10.18 -8.28 0.73
C THR B 42 9.89 -6.92 0.07
N TYR B 43 10.91 -6.06 -0.06
CA TYR B 43 10.74 -4.75 -0.67
C TYR B 43 10.99 -4.85 -2.18
N LEU B 44 10.11 -4.25 -2.97
CA LEU B 44 10.20 -4.28 -4.42
C LEU B 44 9.97 -2.87 -4.99
N ASP B 45 10.82 -2.47 -5.93
CA ASP B 45 10.71 -1.17 -6.56
C ASP B 45 9.83 -1.27 -7.81
N ILE B 46 8.92 -0.31 -7.97
CA ILE B 46 8.00 -0.29 -9.12
C ILE B 46 8.77 -0.58 -10.43
N ASP B 47 8.55 -1.79 -10.97
CA ASP B 47 9.22 -2.23 -12.20
C ASP B 47 8.99 -1.22 -13.34
N GLU B 48 7.78 -0.66 -13.40
CA GLU B 48 7.44 0.31 -14.44
C GLU B 48 8.34 1.54 -14.30
N LEU B 49 9.47 1.53 -15.02
CA LEU B 49 10.44 2.63 -14.97
C LEU B 49 9.77 4.00 -15.08
N SER B 50 8.74 4.12 -15.93
CA SER B 50 8.03 5.38 -16.10
C SER B 50 7.47 5.86 -14.76
N ALA B 51 6.90 4.93 -14.00
CA ALA B 51 6.33 5.24 -12.68
C ALA B 51 7.42 5.49 -11.63
N ASN B 52 8.62 4.97 -11.87
CA ASN B 52 9.73 5.12 -10.92
C ASN B 52 10.28 6.56 -10.90
N GLY B 53 9.71 7.45 -11.72
CA GLY B 53 10.16 8.84 -11.77
C GLY B 53 10.01 9.50 -10.39
N GLN B 54 8.90 9.21 -9.73
CA GLN B 54 8.62 9.77 -8.39
C GLN B 54 9.35 8.98 -7.29
N TYR B 55 10.00 7.86 -7.65
CA TYR B 55 10.72 7.02 -6.69
C TYR B 55 9.78 6.51 -5.59
N GLN B 56 9.18 5.35 -5.84
CA GLN B 56 8.26 4.72 -4.89
C GLN B 56 8.71 3.29 -4.61
N CYS B 57 8.27 2.73 -3.48
CA CYS B 57 8.65 1.36 -3.10
C CYS B 57 7.45 0.56 -2.60
N LEU B 58 7.50 -0.77 -2.77
CA LEU B 58 6.40 -1.64 -2.33
C LEU B 58 6.89 -2.71 -1.34
N ALA B 59 6.05 -3.02 -0.35
CA ALA B 59 6.38 -4.04 0.65
C ALA B 59 5.37 -5.19 0.55
N GLU B 60 5.84 -6.36 0.09
CA GLU B 60 4.97 -7.53 -0.08
C GLU B 60 5.23 -8.61 0.98
N LEU B 61 4.15 -9.05 1.64
CA LEU B 61 4.25 -10.10 2.67
C LEU B 61 4.15 -11.49 2.01
N SER B 62 5.26 -12.25 2.05
CA SER B 62 5.32 -13.57 1.42
C SER B 62 4.69 -14.71 2.24
N THR B 63 4.72 -14.62 3.58
CA THR B 63 4.20 -15.71 4.43
C THR B 63 2.66 -15.74 4.47
N SER B 64 2.03 -14.58 4.61
CA SER B 64 0.57 -14.48 4.66
C SER B 64 0.02 -14.21 3.24
N PRO B 65 -1.28 -13.93 3.05
CA PRO B 65 -1.82 -13.62 1.69
C PRO B 65 -1.05 -12.43 1.13
N ILE B 66 -0.99 -12.29 -0.20
CA ILE B 66 -0.19 -11.22 -0.77
C ILE B 66 -0.80 -9.87 -0.41
N THR B 67 -0.08 -9.14 0.44
CA THR B 67 -0.48 -7.81 0.89
C THR B 67 0.63 -6.83 0.52
N VAL B 68 0.27 -5.76 -0.18
CA VAL B 68 1.27 -4.77 -0.61
C VAL B 68 1.13 -3.44 0.13
N CYS B 69 2.26 -2.96 0.65
CA CYS B 69 2.30 -1.68 1.34
C CYS B 69 3.06 -0.69 0.45
N HIS B 70 2.50 0.50 0.24
CA HIS B 70 3.14 1.49 -0.64
C HIS B 70 3.97 2.51 0.13
N GLY B 71 5.17 2.81 -0.40
CA GLY B 71 6.06 3.79 0.19
C GLY B 71 6.21 4.95 -0.79
N SER B 72 6.28 6.17 -0.26
CA SER B 72 6.37 7.36 -1.12
C SER B 72 7.78 7.61 -1.64
N GLY B 73 8.79 7.44 -0.78
CA GLY B 73 10.18 7.67 -1.18
C GLY B 73 10.43 9.16 -1.39
N ILE B 74 10.00 9.97 -0.42
CA ILE B 74 10.20 11.43 -0.48
C ILE B 74 11.68 11.79 -0.30
N SER B 75 12.43 10.90 0.36
CA SER B 75 13.85 11.10 0.61
C SER B 75 14.57 9.75 0.64
N CYS B 76 15.89 9.77 0.89
CA CYS B 76 16.69 8.55 0.93
C CYS B 76 16.28 7.66 2.12
N GLY B 77 15.42 6.68 1.85
CA GLY B 77 14.96 5.74 2.88
C GLY B 77 13.51 6.01 3.34
N ASN B 78 12.91 7.11 2.86
CA ASN B 78 11.54 7.47 3.24
C ASN B 78 10.53 6.43 2.73
N ALA B 79 10.78 5.90 1.53
CA ALA B 79 9.89 4.90 0.93
C ALA B 79 9.68 3.72 1.88
N GLN B 80 10.79 3.23 2.41
CA GLN B 80 10.77 2.10 3.35
C GLN B 80 10.00 2.49 4.61
N SER B 81 10.23 3.72 5.08
CA SER B 81 9.56 4.22 6.29
C SER B 81 8.05 4.32 6.10
N ASP B 82 7.61 4.81 4.93
CA ASP B 82 6.18 4.95 4.64
C ASP B 82 5.48 3.60 4.67
N ALA B 83 6.05 2.62 3.95
CA ALA B 83 5.49 1.28 3.91
C ALA B 83 5.61 0.59 5.27
N ALA B 84 6.75 0.83 5.94
CA ALA B 84 7.00 0.24 7.25
C ALA B 84 6.03 0.78 8.29
N HIS B 85 5.67 2.07 8.16
CA HIS B 85 4.75 2.70 9.10
C HIS B 85 3.37 2.03 9.06
N ASN B 86 2.95 1.60 7.87
CA ASN B 86 1.65 0.94 7.72
C ASN B 86 1.59 -0.34 8.55
N ALA B 87 2.69 -1.09 8.55
CA ALA B 87 2.76 -2.34 9.31
C ALA B 87 2.62 -2.08 10.81
N LEU B 88 3.42 -1.13 11.32
CA LEU B 88 3.37 -0.78 12.74
C LEU B 88 1.98 -0.27 13.11
N GLN B 89 1.38 0.53 12.21
CA GLN B 89 0.05 1.08 12.44
C GLN B 89 -0.97 -0.06 12.57
N TYR B 90 -0.86 -1.05 11.68
CA TYR B 90 -1.77 -2.20 11.70
C TYR B 90 -1.64 -2.96 13.03
N LEU B 91 -0.40 -3.25 13.42
CA LEU B 91 -0.15 -3.96 14.69
C LEU B 91 -0.68 -3.13 15.87
N LYS B 92 -0.53 -1.81 15.79
CA LYS B 92 -1.00 -0.92 16.84
C LYS B 92 -2.51 -1.07 17.06
N ILE B 93 -3.25 -1.19 15.95
CA ILE B 93 -4.70 -1.35 16.01
C ILE B 93 -5.05 -2.65 16.75
N ILE B 94 -4.41 -3.75 16.36
CA ILE B 94 -4.64 -5.06 16.99
C ILE B 94 -4.09 -5.05 18.42
N ASP A 25 -6.98 12.01 -12.27
CA ASP A 25 -7.84 11.14 -11.40
C ASP A 25 -7.62 9.67 -11.77
N TYR A 26 -6.78 8.99 -10.98
CA TYR A 26 -6.48 7.57 -11.21
C TYR A 26 -7.74 6.72 -11.04
N ILE A 27 -8.61 7.11 -10.10
CA ILE A 27 -9.85 6.37 -9.84
C ILE A 27 -10.66 6.22 -11.14
N GLN A 28 -10.68 7.28 -11.95
CA GLN A 28 -11.41 7.25 -13.22
C GLN A 28 -10.86 6.14 -14.13
N LEU A 29 -9.53 6.04 -14.19
CA LEU A 29 -8.87 5.01 -15.00
C LEU A 29 -9.14 3.62 -14.41
N LEU A 30 -9.22 3.53 -13.08
CA LEU A 30 -9.46 2.25 -12.40
C LEU A 30 -10.77 1.62 -12.87
N SER A 31 -11.78 2.47 -13.12
CA SER A 31 -13.08 2.00 -13.58
C SER A 31 -12.97 1.31 -14.95
N GLU A 32 -12.16 1.89 -15.83
CA GLU A 32 -11.97 1.37 -17.19
C GLU A 32 -11.27 0.00 -17.18
N ILE A 33 -10.21 -0.12 -16.38
CA ILE A 33 -9.45 -1.37 -16.29
C ILE A 33 -10.27 -2.45 -15.56
N ALA A 34 -10.99 -2.05 -14.52
CA ALA A 34 -11.82 -2.98 -13.75
C ALA A 34 -12.98 -3.51 -14.59
N LYS A 35 -13.56 -2.63 -15.42
CA LYS A 35 -14.67 -3.01 -16.28
C LYS A 35 -14.22 -4.02 -17.33
N GLU A 36 -13.01 -3.83 -17.86
CA GLU A 36 -12.47 -4.72 -18.89
C GLU A 36 -11.98 -6.05 -18.29
N GLN A 37 -11.29 -5.97 -17.15
CA GLN A 37 -10.77 -7.17 -16.48
C GLN A 37 -11.85 -7.87 -15.64
N GLY A 38 -12.98 -7.18 -15.39
CA GLY A 38 -14.11 -7.75 -14.65
C GLY A 38 -13.85 -7.94 -13.14
N PHE A 39 -12.90 -7.19 -12.54
CA PHE A 39 -12.65 -7.34 -11.10
C PHE A 39 -13.39 -6.25 -10.31
N ASN A 40 -13.59 -6.50 -9.01
CA ASN A 40 -14.29 -5.56 -8.14
C ASN A 40 -13.47 -5.32 -6.87
N ILE A 41 -13.43 -4.06 -6.42
CA ILE A 41 -12.67 -3.70 -5.21
C ILE A 41 -13.58 -2.91 -4.26
N THR A 42 -13.61 -3.34 -2.99
CA THR A 42 -14.41 -2.68 -1.97
C THR A 42 -13.52 -1.79 -1.10
N TYR A 43 -13.80 -0.48 -1.05
CA TYR A 43 -12.99 0.45 -0.25
C TYR A 43 -13.52 0.57 1.17
N LEU A 44 -12.67 0.29 2.15
CA LEU A 44 -13.05 0.37 3.56
C LEU A 44 -12.27 1.49 4.25
N ASP A 45 -12.91 2.64 4.45
CA ASP A 45 -12.27 3.78 5.09
C ASP A 45 -12.27 3.61 6.61
N ILE A 46 -11.06 3.56 7.19
CA ILE A 46 -10.91 3.39 8.64
C ILE A 46 -10.87 4.76 9.33
N ASP A 47 -11.90 5.06 10.12
CA ASP A 47 -12.00 6.33 10.83
C ASP A 47 -10.88 6.45 11.87
N GLU A 48 -10.58 5.35 12.55
CA GLU A 48 -9.54 5.33 13.57
C GLU A 48 -8.18 5.69 12.97
N LEU A 49 -7.77 6.95 13.12
CA LEU A 49 -6.48 7.42 12.59
C LEU A 49 -5.57 7.90 13.72
N SER A 50 -4.34 8.28 13.37
CA SER A 50 -3.37 8.76 14.34
C SER A 50 -3.05 10.24 14.11
N ALA A 51 -2.27 10.82 15.02
CA ALA A 51 -1.89 12.24 14.90
C ALA A 51 -1.14 12.51 13.59
N ASN A 52 -0.31 11.55 13.17
CA ASN A 52 0.47 11.68 11.94
C ASN A 52 0.13 10.53 10.95
N GLY A 53 -1.07 9.97 11.08
CA GLY A 53 -1.52 8.87 10.22
C GLY A 53 -2.29 9.39 9.00
N GLN A 54 -2.97 10.54 9.16
CA GLN A 54 -3.75 11.13 8.07
C GLN A 54 -4.81 10.13 7.57
N TYR A 55 -5.58 10.55 6.56
CA TYR A 55 -6.62 9.72 5.98
C TYR A 55 -6.00 8.46 5.35
N GLN A 56 -6.61 7.31 5.64
CA GLN A 56 -6.14 6.03 5.10
C GLN A 56 -7.31 5.25 4.51
N CYS A 57 -7.02 4.36 3.55
CA CYS A 57 -8.06 3.56 2.90
C CYS A 57 -7.59 2.12 2.67
N LEU A 58 -8.50 1.17 2.87
CA LEU A 58 -8.20 -0.25 2.68
C LEU A 58 -8.98 -0.80 1.48
N ALA A 59 -8.25 -1.19 0.41
CA ALA A 59 -8.89 -1.74 -0.79
C ALA A 59 -8.90 -3.27 -0.74
N GLU A 60 -10.06 -3.85 -0.39
CA GLU A 60 -10.19 -5.31 -0.31
C GLU A 60 -11.07 -5.87 -1.43
N LEU A 61 -10.57 -6.88 -2.15
CA LEU A 61 -11.32 -7.50 -3.25
C LEU A 61 -12.27 -8.59 -2.73
N SER A 62 -13.58 -8.48 -3.06
CA SER A 62 -14.58 -9.45 -2.58
C SER A 62 -14.81 -10.64 -3.53
N THR A 63 -14.83 -10.41 -4.86
CA THR A 63 -15.03 -11.50 -5.83
C THR A 63 -13.68 -12.10 -6.26
N SER A 64 -12.64 -11.27 -6.17
CA SER A 64 -11.28 -11.63 -6.48
C SER A 64 -10.62 -12.28 -5.25
N PRO A 65 -9.46 -12.92 -5.39
CA PRO A 65 -8.80 -13.58 -4.22
C PRO A 65 -8.44 -12.49 -3.23
N ILE A 66 -8.16 -12.86 -1.96
CA ILE A 66 -8.01 -11.82 -0.94
C ILE A 66 -6.69 -11.06 -1.10
N THR A 67 -6.88 -9.79 -1.44
CA THR A 67 -5.81 -8.84 -1.64
C THR A 67 -6.25 -7.52 -1.00
N VAL A 68 -5.39 -6.97 -0.13
CA VAL A 68 -5.68 -5.74 0.58
C VAL A 68 -4.60 -4.69 0.25
N CYS A 69 -5.03 -3.48 -0.12
CA CYS A 69 -4.10 -2.39 -0.44
C CYS A 69 -4.22 -1.27 0.58
N HIS A 70 -3.07 -0.76 1.05
CA HIS A 70 -3.07 0.32 2.03
C HIS A 70 -2.59 1.64 1.40
N GLY A 71 -3.47 2.65 1.38
CA GLY A 71 -3.13 3.96 0.82
C GLY A 71 -3.33 5.05 1.89
N SER A 72 -2.75 6.23 1.66
CA SER A 72 -2.87 7.34 2.60
C SER A 72 -2.81 8.68 1.88
N GLY A 73 -3.46 9.71 2.44
CA GLY A 73 -3.49 11.03 1.83
C GLY A 73 -2.72 12.04 2.70
N ILE A 74 -2.21 13.10 2.05
CA ILE A 74 -1.46 14.14 2.76
C ILE A 74 -2.42 15.14 3.43
N SER A 75 -3.66 15.24 2.94
CA SER A 75 -4.63 16.16 3.51
C SER A 75 -6.06 15.61 3.37
N CYS A 76 -6.53 15.43 2.14
CA CYS A 76 -7.88 14.92 1.89
C CYS A 76 -8.06 14.57 0.40
N GLY A 77 -8.68 13.41 0.14
CA GLY A 77 -8.90 12.96 -1.24
C GLY A 77 -7.69 12.20 -1.79
N ASN A 78 -6.49 12.71 -1.50
CA ASN A 78 -5.26 12.08 -1.96
C ASN A 78 -5.19 10.61 -1.55
N ALA A 79 -5.70 10.30 -0.35
CA ALA A 79 -5.68 8.91 0.15
C ALA A 79 -6.47 8.00 -0.79
N GLN A 80 -7.65 8.44 -1.18
CA GLN A 80 -8.49 7.67 -2.09
C GLN A 80 -7.77 7.48 -3.43
N SER A 81 -7.04 8.52 -3.85
CA SER A 81 -6.30 8.49 -5.11
C SER A 81 -5.13 7.51 -5.03
N ASP A 82 -4.46 7.47 -3.87
CA ASP A 82 -3.30 6.60 -3.66
C ASP A 82 -3.74 5.13 -3.71
N ALA A 83 -4.81 4.81 -2.97
CA ALA A 83 -5.32 3.45 -2.92
C ALA A 83 -5.74 2.97 -4.31
N ALA A 84 -6.47 3.83 -5.04
CA ALA A 84 -6.93 3.51 -6.39
C ALA A 84 -5.75 3.38 -7.35
N HIS A 85 -4.76 4.28 -7.20
CA HIS A 85 -3.57 4.29 -8.05
C HIS A 85 -2.69 3.07 -7.75
N ASN A 86 -2.69 2.63 -6.50
CA ASN A 86 -1.88 1.47 -6.07
C ASN A 86 -2.31 0.22 -6.85
N ALA A 87 -3.62 0.08 -7.08
CA ALA A 87 -4.15 -1.07 -7.81
C ALA A 87 -3.64 -1.08 -9.26
N LEU A 88 -3.69 0.08 -9.92
CA LEU A 88 -3.21 0.22 -11.30
C LEU A 88 -1.72 -0.04 -11.38
N GLN A 89 -0.98 0.44 -10.38
CA GLN A 89 0.47 0.28 -10.32
C GLN A 89 0.85 -1.18 -10.05
N TYR A 90 -0.02 -1.90 -9.33
CA TYR A 90 0.24 -3.29 -8.99
C TYR A 90 0.32 -4.16 -10.25
N LEU A 91 -0.46 -3.79 -11.27
CA LEU A 91 -0.47 -4.53 -12.53
C LEU A 91 0.85 -4.33 -13.26
N LYS A 92 1.40 -3.10 -13.20
CA LYS A 92 2.64 -2.77 -13.87
C LYS A 92 3.82 -3.49 -13.23
N ILE A 93 3.91 -3.43 -11.90
CA ILE A 93 5.01 -4.07 -11.18
C ILE A 93 4.97 -5.59 -11.35
N ILE A 94 3.83 -6.22 -11.07
CA ILE A 94 3.71 -7.67 -11.22
C ILE A 94 3.74 -8.04 -12.71
N ASP B 25 15.17 3.52 12.76
CA ASP B 25 15.40 2.14 12.27
C ASP B 25 14.12 1.30 12.49
N TYR B 26 12.97 1.86 12.09
CA TYR B 26 11.69 1.18 12.25
C TYR B 26 11.67 -0.13 11.44
N ILE B 27 12.24 -0.08 10.24
CA ILE B 27 12.30 -1.25 9.36
C ILE B 27 12.98 -2.42 10.07
N GLN B 28 14.00 -2.12 10.87
CA GLN B 28 14.74 -3.15 11.61
C GLN B 28 13.84 -3.83 12.66
N LEU B 29 12.93 -3.04 13.24
CA LEU B 29 12.00 -3.57 14.26
C LEU B 29 11.14 -4.69 13.66
N LEU B 30 10.57 -4.42 12.49
CA LEU B 30 9.72 -5.40 11.80
C LEU B 30 10.52 -6.62 11.36
N SER B 31 11.76 -6.39 10.92
CA SER B 31 12.63 -7.48 10.47
C SER B 31 12.95 -8.44 11.63
N GLU B 32 13.20 -7.87 12.82
CA GLU B 32 13.52 -8.67 14.00
C GLU B 32 12.36 -9.54 14.42
N ILE B 33 11.17 -8.95 14.51
CA ILE B 33 9.96 -9.68 14.91
C ILE B 33 9.54 -10.66 13.82
N ALA B 34 9.71 -10.25 12.56
CA ALA B 34 9.35 -11.11 11.42
C ALA B 34 10.17 -12.40 11.45
N LYS B 35 11.47 -12.28 11.69
CA LYS B 35 12.35 -13.45 11.76
C LYS B 35 11.95 -14.35 12.93
N GLU B 36 11.62 -13.71 14.06
CA GLU B 36 11.20 -14.44 15.26
C GLU B 36 9.86 -15.15 15.01
N GLN B 37 8.98 -14.51 14.24
CA GLN B 37 7.66 -15.08 13.93
C GLN B 37 7.71 -16.01 12.70
N GLY B 38 8.82 -15.99 11.95
CA GLY B 38 8.97 -16.85 10.77
C GLY B 38 8.34 -16.24 9.50
N PHE B 39 8.09 -14.94 9.51
CA PHE B 39 7.50 -14.26 8.34
C PHE B 39 8.54 -13.34 7.71
N ASN B 40 8.22 -12.78 6.52
CA ASN B 40 9.16 -11.91 5.82
C ASN B 40 8.42 -10.80 5.07
N ILE B 41 9.12 -9.71 4.79
CA ILE B 41 8.54 -8.57 4.07
C ILE B 41 9.44 -8.21 2.89
N THR B 42 8.87 -8.17 1.67
CA THR B 42 9.64 -7.86 0.47
C THR B 42 9.39 -6.41 0.03
N TYR B 43 10.36 -5.51 0.28
CA TYR B 43 10.22 -4.10 -0.09
C TYR B 43 10.75 -3.84 -1.50
N LEU B 44 9.97 -3.12 -2.31
CA LEU B 44 10.36 -2.79 -3.67
C LEU B 44 10.29 -1.27 -3.89
N ASP B 45 11.26 -0.72 -4.62
CA ASP B 45 11.31 0.72 -4.88
C ASP B 45 11.37 1.00 -6.39
N ILE B 46 10.34 0.56 -7.11
CA ILE B 46 10.26 0.76 -8.56
C ILE B 46 8.92 0.22 -9.12
N ASP B 47 8.06 1.14 -9.58
CA ASP B 47 6.76 0.76 -10.14
C ASP B 47 6.96 0.12 -11.52
N GLU B 48 7.83 0.71 -12.31
CA GLU B 48 8.12 0.22 -13.66
C GLU B 48 9.32 0.98 -14.25
N LEU B 49 9.17 2.30 -14.37
CA LEU B 49 10.24 3.15 -14.90
C LEU B 49 10.75 4.10 -13.79
N SER B 50 12.07 4.24 -13.70
CA SER B 50 12.69 5.10 -12.69
C SER B 50 12.16 6.53 -12.81
N ALA B 51 12.01 7.01 -14.04
CA ALA B 51 11.51 8.36 -14.30
C ALA B 51 10.02 8.48 -13.98
N ASN B 52 9.26 7.41 -14.24
CA ASN B 52 7.82 7.39 -13.99
C ASN B 52 7.50 7.03 -12.52
N GLY B 53 8.53 6.89 -11.67
CA GLY B 53 8.34 6.56 -10.26
C GLY B 53 9.66 6.57 -9.50
N GLN B 54 10.24 7.77 -9.34
CA GLN B 54 11.52 7.91 -8.63
C GLN B 54 11.29 8.38 -7.18
N TYR B 55 10.03 8.42 -6.72
CA TYR B 55 9.71 8.86 -5.36
C TYR B 55 8.52 8.06 -4.79
N GLN B 56 8.45 6.77 -5.14
CA GLN B 56 7.38 5.91 -4.66
C GLN B 56 7.90 4.49 -4.44
N CYS B 57 7.34 3.76 -3.47
CA CYS B 57 7.77 2.39 -3.19
C CYS B 57 6.59 1.50 -2.81
N LEU B 58 6.72 0.18 -3.06
CA LEU B 58 5.66 -0.76 -2.76
C LEU B 58 6.24 -2.03 -2.10
N ALA B 59 5.63 -2.45 -0.98
CA ALA B 59 6.07 -3.65 -0.26
C ALA B 59 5.03 -4.76 -0.35
N GLU B 60 5.49 -6.01 -0.54
CA GLU B 60 4.59 -7.16 -0.65
C GLU B 60 4.81 -8.13 0.53
N LEU B 61 3.69 -8.63 1.08
CA LEU B 61 3.75 -9.57 2.22
C LEU B 61 4.10 -11.00 1.78
N SER B 62 5.09 -11.58 2.47
CA SER B 62 5.61 -12.93 2.21
C SER B 62 4.78 -14.08 2.81
N THR B 63 3.81 -13.80 3.71
CA THR B 63 3.10 -14.89 4.41
C THR B 63 2.08 -15.66 3.55
N SER B 64 1.23 -15.01 2.73
CA SER B 64 0.28 -15.76 1.87
C SER B 64 -0.66 -14.83 1.06
N PRO B 65 -1.65 -14.15 1.65
CA PRO B 65 -2.56 -13.27 0.86
C PRO B 65 -1.79 -12.08 0.32
N ILE B 66 -2.09 -11.68 -0.90
CA ILE B 66 -1.36 -10.57 -1.50
C ILE B 66 -1.73 -9.27 -0.77
N THR B 67 -0.76 -8.72 -0.03
CA THR B 67 -0.97 -7.46 0.66
C THR B 67 0.09 -6.47 0.21
N VAL B 68 -0.34 -5.35 -0.37
CA VAL B 68 0.60 -4.33 -0.84
C VAL B 68 0.42 -3.03 -0.07
N CYS B 69 1.52 -2.56 0.51
CA CYS B 69 1.51 -1.31 1.27
C CYS B 69 2.27 -0.26 0.48
N HIS B 70 1.90 1.02 0.62
CA HIS B 70 2.54 2.09 -0.14
C HIS B 70 3.67 2.79 0.66
N GLY B 71 4.73 3.20 -0.05
CA GLY B 71 5.86 3.90 0.56
C GLY B 71 5.99 5.28 -0.08
N SER B 72 6.40 6.27 0.71
CA SER B 72 6.51 7.65 0.20
C SER B 72 7.76 7.85 -0.65
N GLY B 73 8.83 7.13 -0.33
CA GLY B 73 10.10 7.25 -1.07
C GLY B 73 10.56 8.70 -1.13
N ILE B 74 10.44 9.41 -0.01
CA ILE B 74 10.87 10.81 0.08
C ILE B 74 12.40 10.90 0.04
N SER B 75 13.08 9.89 0.59
CA SER B 75 14.54 9.83 0.61
C SER B 75 15.01 8.38 0.61
N CYS B 76 16.33 8.18 0.56
CA CYS B 76 16.92 6.83 0.55
C CYS B 76 16.63 6.12 1.87
N GLY B 77 15.88 5.01 1.81
CA GLY B 77 15.55 4.21 2.99
C GLY B 77 14.27 4.70 3.67
N ASN B 78 13.90 5.97 3.44
CA ASN B 78 12.69 6.54 4.05
C ASN B 78 11.44 5.81 3.56
N ALA B 79 11.44 5.37 2.30
CA ALA B 79 10.30 4.66 1.72
C ALA B 79 9.94 3.44 2.57
N GLN B 80 10.96 2.66 2.91
CA GLN B 80 10.77 1.48 3.75
C GLN B 80 10.20 1.88 5.10
N SER B 81 10.71 2.99 5.64
CA SER B 81 10.27 3.50 6.93
C SER B 81 8.77 3.85 6.93
N ASP B 82 8.28 4.45 5.84
CA ASP B 82 6.87 4.82 5.75
C ASP B 82 5.98 3.59 5.80
N ALA B 83 6.28 2.60 4.96
CA ALA B 83 5.49 1.36 4.93
C ALA B 83 5.65 0.59 6.24
N ALA B 84 6.87 0.66 6.81
CA ALA B 84 7.17 -0.04 8.06
C ALA B 84 6.40 0.58 9.23
N HIS B 85 6.30 1.91 9.26
CA HIS B 85 5.59 2.61 10.33
C HIS B 85 4.10 2.27 10.28
N ASN B 86 3.55 2.18 9.07
CA ASN B 86 2.13 1.86 8.90
C ASN B 86 1.82 0.47 9.47
N ALA B 87 2.76 -0.46 9.29
CA ALA B 87 2.59 -1.83 9.78
C ALA B 87 2.40 -1.86 11.30
N LEU B 88 3.21 -1.08 12.01
CA LEU B 88 3.13 -1.03 13.48
C LEU B 88 1.76 -0.54 13.94
N GLN B 89 1.25 0.50 13.28
CA GLN B 89 -0.05 1.08 13.62
C GLN B 89 -1.18 0.08 13.36
N TYR B 90 -1.12 -0.59 12.20
CA TYR B 90 -2.14 -1.57 11.82
C TYR B 90 -2.02 -2.84 12.68
N LEU B 91 -0.80 -3.18 13.10
CA LEU B 91 -0.57 -4.37 13.92
C LEU B 91 -1.28 -4.25 15.28
N LYS B 92 -1.32 -3.03 15.82
CA LYS B 92 -1.96 -2.79 17.12
C LYS B 92 -3.47 -2.97 17.05
N ILE B 93 -4.11 -2.35 16.06
CA ILE B 93 -5.57 -2.43 15.90
C ILE B 93 -6.04 -3.84 15.54
N ILE B 94 -5.30 -4.55 14.67
CA ILE B 94 -5.68 -5.91 14.27
C ILE B 94 -5.64 -6.86 15.49
#